data_9ISO
#
_entry.id   9ISO
#
_cell.length_a   1.00
_cell.length_b   1.00
_cell.length_c   1.00
_cell.angle_alpha   90.00
_cell.angle_beta   90.00
_cell.angle_gamma   90.00
#
_symmetry.space_group_name_H-M   'P 1'
#
loop_
_entity.id
_entity.type
_entity.pdbx_description
1 polymer 'Methanol dehydrogenase, alpha subunit'
2 polymer 'Methanol oxidation protein MxaJ'
3 non-polymer 'PYRROLOQUINOLINE QUINONE'
#
loop_
_entity_poly.entity_id
_entity_poly.type
_entity_poly.pdbx_seq_one_letter_code
_entity_poly.pdbx_strand_id
1 'polypeptide(L)'
;MSRFVTSVSALAMLALAPAALSSGAYANDKLVELSKSDDNWVMPGKNYDSNNFSDLKQINKGNVKQLRPAWTFSTGLLNG
HEGAPLVVDGKMYIHTSFPNNTFALGLDDPGTILWQDKPKQNPAARAVACCDLVNRGLAYWPGDGKTPALILKTQLDGNV
AALNAETGETVWKVENSDIKVGSTLTIAPYVVKDKVIIGSSGAELGVRGYLTAYDVKTGEQVWRAYATGPDKDLLLASDF
NIKNPHYGQKGLGTGTWEGDAWKIGGGTNWGWYAYDPGTNLIYFGTGNPAPWNETMRPGDNKWTMTIFGRDADTGEAKFG
YQKTPHDEWDYAGVNVMMLSEQKDKDGKARKLLTHPDRNGIVYTLDRTDGALVSANKLDDTVNVFKSVDLKTGQPVRDPE
YGTRMDHLAKDICPSAMGYHNQGHDSYDPKRELFFMGINHICMDWEPFMLPYRAGQFFVGATLNMYPGPKGDRQNYEGLG
QIKAYNAITGDYKWEKMERFAVWGGTMATAGDLVFYGTLDGYLKARDSDTGDLLWKFKIPSGAIGYPMTYTHKGTQYVAI
YYGVGGWPGVGLVFDLADPTAGLGAVGAFKKLANYTQMGGGVVVFSLDGKGPYDDPNVGEWKSAAKHHHHHH
;
A,B
2 'polypeptide(L)'
;MSLVNGRRRTAASVVALTAALTALAALCAPAQAQDTKATSKAAEAAKPDAGTLRVCAAEQPPLSMKDGSGLENRIATTVA
EAMGRKAQFVWLGKPAIYLVRDGLEKKTCDVVIGLDADDPRVLTSKPYYRSGYVFLTRADKDLDIKSWSDPRLKEVSHMV
VGFGTPGEAMLKDIGRYEEDMAYLYSLVNFRAPRNQYTQIDPARMVSEVATGKAEVGVAFGPDVARYVRDSSTKLRMTPV
PDDTQASDGRKMPQSFDQAMGVRKDDTALKAEIDAALEKAKPKIEAILKEEGVPVLPVSN
;
C,D
#
loop_
_chem_comp.id
_chem_comp.type
_chem_comp.name
_chem_comp.formula
PQQ non-polymer 'PYRROLOQUINOLINE QUINONE' 'C14 H6 N2 O8'
#
# COMPACT_ATOMS: atom_id res chain seq x y z
N ASN A 28 -16.29 -15.19 -35.24
CA ASN A 28 -17.73 -15.03 -35.15
C ASN A 28 -18.30 -14.43 -36.43
N ASP A 29 -19.57 -14.73 -36.70
CA ASP A 29 -20.28 -14.14 -37.83
C ASP A 29 -20.91 -12.81 -37.49
N LYS A 30 -20.76 -12.33 -36.25
CA LYS A 30 -21.25 -11.04 -35.82
C LYS A 30 -20.14 -10.12 -35.31
N LEU A 31 -19.05 -10.68 -34.80
CA LEU A 31 -17.98 -9.85 -34.27
C LEU A 31 -17.17 -9.19 -35.38
N VAL A 32 -17.13 -9.80 -36.57
CA VAL A 32 -16.46 -9.18 -37.72
C VAL A 32 -17.18 -7.90 -38.13
N GLU A 33 -18.51 -7.95 -38.21
CA GLU A 33 -19.28 -6.76 -38.57
C GLU A 33 -19.15 -5.68 -37.52
N LEU A 34 -19.10 -6.05 -36.24
CA LEU A 34 -18.82 -5.08 -35.19
C LEU A 34 -17.42 -4.49 -35.37
N SER A 35 -16.48 -5.30 -35.83
CA SER A 35 -15.11 -4.82 -36.03
C SER A 35 -15.01 -3.85 -37.20
N LYS A 36 -15.86 -4.00 -38.21
CA LYS A 36 -15.78 -3.11 -39.37
C LYS A 36 -16.14 -1.67 -39.01
N SER A 37 -17.12 -1.48 -38.14
CA SER A 37 -17.57 -0.13 -37.78
C SER A 37 -16.48 0.62 -37.02
N ASP A 38 -16.49 1.94 -37.16
CA ASP A 38 -15.49 2.81 -36.55
C ASP A 38 -15.89 3.31 -35.17
N ASP A 39 -17.04 2.89 -34.64
CA ASP A 39 -17.48 3.28 -33.32
C ASP A 39 -17.15 2.26 -32.24
N ASN A 40 -16.43 1.19 -32.59
CA ASN A 40 -16.21 0.09 -31.66
C ASN A 40 -14.73 -0.32 -31.65
N TRP A 41 -14.31 -0.84 -30.51
CA TRP A 41 -13.00 -1.49 -30.34
C TRP A 41 -13.28 -2.76 -29.55
N VAL A 42 -13.36 -3.90 -30.24
CA VAL A 42 -13.97 -5.10 -29.69
C VAL A 42 -12.95 -6.05 -29.09
N MET A 43 -11.77 -6.14 -29.68
CA MET A 43 -10.79 -7.14 -29.28
C MET A 43 -9.40 -6.53 -29.23
N PRO A 44 -8.48 -7.14 -28.50
CA PRO A 44 -7.07 -6.74 -28.60
C PRO A 44 -6.57 -6.88 -30.03
N GLY A 45 -6.16 -5.76 -30.62
CA GLY A 45 -5.75 -5.72 -32.00
C GLY A 45 -6.77 -5.14 -32.95
N LYS A 46 -8.00 -4.89 -32.47
CA LYS A 46 -9.05 -4.19 -33.20
C LYS A 46 -9.66 -5.04 -34.32
N ASN A 47 -9.06 -6.19 -34.61
CA ASN A 47 -9.54 -7.06 -35.68
C ASN A 47 -8.78 -8.38 -35.57
N TYR A 48 -9.11 -9.31 -36.46
CA TYR A 48 -8.52 -10.64 -36.44
C TYR A 48 -7.15 -10.69 -37.10
N ASP A 49 -6.75 -9.65 -37.82
CA ASP A 49 -5.41 -9.59 -38.40
C ASP A 49 -4.39 -8.97 -37.46
N SER A 50 -4.81 -8.33 -36.38
CA SER A 50 -3.93 -7.73 -35.39
C SER A 50 -2.99 -6.70 -36.03
N ASN A 51 -3.59 -5.67 -36.63
CA ASN A 51 -2.81 -4.62 -37.29
C ASN A 51 -2.96 -3.25 -36.66
N ASN A 52 -3.92 -3.05 -35.77
CA ASN A 52 -4.11 -1.78 -35.07
C ASN A 52 -4.23 -0.61 -36.03
N PHE A 53 -5.02 -0.81 -37.09
CA PHE A 53 -5.20 0.19 -38.13
C PHE A 53 -6.62 0.72 -38.09
N SER A 54 -6.75 2.04 -38.07
CA SER A 54 -8.03 2.71 -38.16
C SER A 54 -8.14 3.47 -39.48
N ASP A 55 -9.37 3.74 -39.88
CA ASP A 55 -9.65 4.44 -41.13
C ASP A 55 -10.26 5.81 -40.88
N LEU A 56 -9.74 6.54 -39.91
CA LEU A 56 -10.22 7.85 -39.53
C LEU A 56 -9.23 8.92 -39.97
N LYS A 57 -9.75 10.02 -40.52
CA LYS A 57 -8.92 11.09 -41.05
C LYS A 57 -9.23 12.45 -40.45
N GLN A 58 -10.11 12.54 -39.44
CA GLN A 58 -10.41 13.84 -38.85
C GLN A 58 -9.20 14.45 -38.17
N ILE A 59 -8.30 13.62 -37.66
CA ILE A 59 -7.04 14.09 -37.09
C ILE A 59 -5.94 13.70 -38.06
N ASN A 60 -5.49 14.67 -38.86
CA ASN A 60 -4.46 14.47 -39.86
C ASN A 60 -3.43 15.59 -39.73
N LYS A 61 -2.41 15.54 -40.59
CA LYS A 61 -1.27 16.44 -40.46
C LYS A 61 -1.69 17.91 -40.50
N GLY A 62 -2.83 18.21 -41.13
CA GLY A 62 -3.32 19.58 -41.13
C GLY A 62 -3.60 20.09 -39.73
N ASN A 63 -4.22 19.25 -38.89
CA ASN A 63 -4.59 19.63 -37.52
C ASN A 63 -4.12 18.56 -36.53
N VAL A 64 -2.87 18.67 -36.10
CA VAL A 64 -2.37 17.91 -34.97
C VAL A 64 -1.95 18.80 -33.80
N LYS A 65 -1.61 20.06 -34.05
CA LYS A 65 -1.20 20.98 -33.00
C LYS A 65 -2.33 21.34 -32.05
N GLN A 66 -3.57 20.99 -32.38
CA GLN A 66 -4.72 21.31 -31.55
C GLN A 66 -5.19 20.13 -30.71
N LEU A 67 -4.39 19.07 -30.60
CA LEU A 67 -4.76 17.91 -29.80
C LEU A 67 -4.45 18.19 -28.33
N ARG A 68 -5.49 18.44 -27.55
CA ARG A 68 -5.40 18.70 -26.13
C ARG A 68 -6.41 17.82 -25.40
N PRO A 69 -6.18 17.51 -24.12
CA PRO A 69 -7.00 16.51 -23.43
C PRO A 69 -8.47 16.90 -23.36
N ALA A 70 -9.33 15.86 -23.35
CA ALA A 70 -10.76 16.02 -23.15
C ALA A 70 -11.20 15.58 -21.77
N TRP A 71 -10.89 14.36 -21.35
CA TRP A 71 -11.21 13.98 -19.97
C TRP A 71 -10.37 12.80 -19.53
N THR A 72 -10.30 12.61 -18.21
CA THR A 72 -9.42 11.59 -17.65
C THR A 72 -10.05 11.00 -16.38
N PHE A 73 -9.59 9.80 -16.04
CA PHE A 73 -9.98 9.12 -14.80
C PHE A 73 -8.78 8.44 -14.16
N SER A 74 -8.88 8.26 -12.85
CA SER A 74 -7.84 7.61 -12.06
C SER A 74 -8.39 6.31 -11.48
N THR A 75 -7.60 5.25 -11.61
CA THR A 75 -8.04 3.94 -11.14
C THR A 75 -7.99 3.83 -9.62
N GLY A 76 -6.96 4.39 -9.01
CA GLY A 76 -6.73 4.22 -7.59
C GLY A 76 -5.71 3.16 -7.23
N LEU A 77 -4.75 2.88 -8.11
CA LEU A 77 -3.74 1.85 -7.88
C LEU A 77 -2.40 2.36 -8.37
N LEU A 78 -1.32 1.79 -7.82
CA LEU A 78 0.05 2.23 -8.11
C LEU A 78 0.89 1.03 -8.55
N ASN A 79 0.79 0.69 -9.83
CA ASN A 79 1.60 -0.34 -10.46
C ASN A 79 1.63 -0.06 -11.95
N GLY A 80 2.04 -1.06 -12.73
CA GLY A 80 2.02 -0.92 -14.18
C GLY A 80 0.65 -1.24 -14.75
N HIS A 81 0.23 -0.43 -15.72
CA HIS A 81 -1.02 -0.61 -16.42
C HIS A 81 -0.74 -0.92 -17.88
N GLU A 82 -1.20 -2.08 -18.34
CA GLU A 82 -0.96 -2.54 -19.70
C GLU A 82 -2.29 -2.75 -20.42
N GLY A 83 -2.23 -2.79 -21.74
CA GLY A 83 -3.40 -3.01 -22.55
C GLY A 83 -4.15 -1.73 -22.87
N ALA A 84 -5.31 -1.91 -23.49
CA ALA A 84 -6.14 -0.81 -23.94
C ALA A 84 -7.59 -1.03 -23.50
N PRO A 85 -8.35 0.04 -23.32
CA PRO A 85 -9.76 -0.13 -22.92
C PRO A 85 -10.60 -0.67 -24.05
N LEU A 86 -11.84 -1.01 -23.73
CA LEU A 86 -12.81 -1.45 -24.73
C LEU A 86 -13.92 -0.41 -24.87
N VAL A 87 -14.37 -0.19 -26.09
CA VAL A 87 -15.46 0.75 -26.39
C VAL A 87 -16.49 0.00 -27.22
N VAL A 88 -17.65 -0.29 -26.62
CA VAL A 88 -18.73 -0.99 -27.31
C VAL A 88 -20.05 -0.32 -26.96
N ASP A 89 -20.88 -0.09 -27.98
CA ASP A 89 -22.24 0.46 -27.86
C ASP A 89 -22.35 1.56 -26.81
N GLY A 90 -21.50 2.58 -26.96
CA GLY A 90 -21.58 3.74 -26.11
C GLY A 90 -21.06 3.57 -24.70
N LYS A 91 -20.35 2.50 -24.42
CA LYS A 91 -19.81 2.23 -23.10
C LYS A 91 -18.32 1.95 -23.21
N MET A 92 -17.60 2.32 -22.15
CA MET A 92 -16.17 2.11 -22.04
C MET A 92 -15.88 1.18 -20.86
N TYR A 93 -15.13 0.12 -21.12
CA TYR A 93 -14.76 -0.86 -20.12
C TYR A 93 -13.26 -0.76 -19.84
N ILE A 94 -12.91 -0.66 -18.56
CA ILE A 94 -11.55 -0.41 -18.09
C ILE A 94 -11.14 -1.50 -17.10
N HIS A 95 -9.96 -2.06 -17.29
CA HIS A 95 -9.38 -3.06 -16.39
C HIS A 95 -8.17 -2.48 -15.67
N THR A 96 -7.68 -3.22 -14.67
CA THR A 96 -6.76 -2.65 -13.70
C THR A 96 -5.49 -3.47 -13.49
N SER A 97 -4.77 -3.21 -12.41
CA SER A 97 -3.57 -4.01 -12.06
C SER A 97 -3.86 -5.25 -11.20
N PHE A 98 -3.23 -5.37 -10.03
CA PHE A 98 -3.39 -6.60 -9.21
C PHE A 98 -4.76 -6.99 -8.68
N PRO A 99 -5.53 -6.05 -8.14
CA PRO A 99 -6.82 -6.54 -7.63
C PRO A 99 -7.72 -6.96 -8.76
N ASN A 100 -7.37 -6.63 -10.00
CA ASN A 100 -8.13 -7.04 -11.17
C ASN A 100 -9.54 -6.51 -11.10
N ASN A 101 -9.70 -5.25 -10.77
CA ASN A 101 -11.01 -4.65 -10.78
C ASN A 101 -11.45 -4.30 -12.21
N THR A 102 -12.71 -4.00 -12.39
CA THR A 102 -13.28 -3.66 -13.70
C THR A 102 -14.30 -2.55 -13.53
N PHE A 103 -14.25 -1.57 -14.43
CA PHE A 103 -15.15 -0.41 -14.40
C PHE A 103 -15.85 -0.25 -15.74
N ALA A 104 -17.12 0.15 -15.69
CA ALA A 104 -17.92 0.43 -16.88
C ALA A 104 -18.43 1.86 -16.80
N LEU A 105 -18.21 2.64 -17.86
CA LEU A 105 -18.57 4.04 -17.89
C LEU A 105 -19.38 4.35 -19.13
N GLY A 106 -20.27 5.34 -19.02
CA GLY A 106 -21.05 5.82 -20.13
C GLY A 106 -20.41 7.04 -20.77
N LEU A 107 -20.39 7.05 -22.10
CA LEU A 107 -19.68 8.10 -22.82
C LEU A 107 -20.40 9.44 -22.77
N ASP A 108 -21.71 9.45 -22.49
CA ASP A 108 -22.44 10.71 -22.38
C ASP A 108 -22.07 11.44 -21.09
N ASP A 109 -22.02 10.72 -19.97
CA ASP A 109 -21.71 11.27 -18.66
C ASP A 109 -20.60 10.42 -18.05
N PRO A 110 -19.34 10.69 -18.40
CA PRO A 110 -18.25 9.85 -17.90
C PRO A 110 -18.13 9.81 -16.39
N GLY A 111 -18.47 10.90 -15.70
CA GLY A 111 -18.22 11.00 -14.27
C GLY A 111 -18.98 10.00 -13.43
N THR A 112 -20.00 9.36 -13.98
CA THR A 112 -20.83 8.41 -13.25
C THR A 112 -20.43 6.98 -13.62
N ILE A 113 -20.27 6.14 -12.61
CA ILE A 113 -19.88 4.74 -12.81
C ILE A 113 -21.13 3.88 -12.79
N LEU A 114 -21.38 3.18 -13.91
CA LEU A 114 -22.58 2.37 -14.01
C LEU A 114 -22.53 1.16 -13.08
N TRP A 115 -21.43 0.42 -13.10
CA TRP A 115 -21.25 -0.68 -12.18
C TRP A 115 -19.76 -0.98 -12.04
N GLN A 116 -19.42 -1.68 -10.96
CA GLN A 116 -18.04 -2.04 -10.66
C GLN A 116 -17.99 -3.44 -10.09
N ASP A 117 -16.84 -4.09 -10.25
CA ASP A 117 -16.62 -5.45 -9.77
C ASP A 117 -15.30 -5.49 -9.02
N LYS A 118 -15.36 -5.78 -7.72
CA LYS A 118 -14.18 -5.85 -6.86
C LYS A 118 -14.09 -7.22 -6.20
N PRO A 119 -13.22 -8.10 -6.68
CA PRO A 119 -13.15 -9.45 -6.11
C PRO A 119 -12.35 -9.50 -4.83
N LYS A 120 -12.52 -10.60 -4.11
CA LYS A 120 -11.76 -10.90 -2.90
C LYS A 120 -10.80 -12.03 -3.22
N GLN A 121 -9.50 -11.79 -3.01
CA GLN A 121 -8.50 -12.77 -3.40
C GLN A 121 -7.41 -12.88 -2.35
N ASN A 122 -6.88 -14.10 -2.23
CA ASN A 122 -5.81 -14.39 -1.28
C ASN A 122 -4.57 -13.57 -1.61
N PRO A 123 -4.03 -12.78 -0.67
CA PRO A 123 -2.84 -11.99 -0.99
C PRO A 123 -1.56 -12.80 -0.90
N ALA A 124 -1.60 -14.02 -1.42
CA ALA A 124 -0.41 -14.86 -1.54
C ALA A 124 0.02 -15.06 -2.97
N ALA A 125 -0.75 -14.56 -3.94
CA ALA A 125 -0.38 -14.65 -5.35
C ALA A 125 0.62 -13.60 -5.76
N ARG A 126 0.95 -12.64 -4.88
CA ARG A 126 1.98 -11.67 -5.18
C ARG A 126 3.38 -12.26 -5.09
N ALA A 127 3.54 -13.39 -4.39
CA ALA A 127 4.84 -14.02 -4.22
C ALA A 127 5.21 -14.92 -5.40
N VAL A 128 4.31 -15.13 -6.36
CA VAL A 128 4.55 -16.02 -7.48
C VAL A 128 4.70 -15.23 -8.78
N ALA A 129 4.31 -13.96 -8.79
CA ALA A 129 4.44 -13.12 -9.98
C ALA A 129 5.91 -12.93 -10.30
N CYS A 130 6.27 -13.12 -11.58
CA CYS A 130 7.66 -13.01 -11.98
C CYS A 130 8.20 -11.61 -11.79
N CYS A 131 7.51 -10.62 -12.36
CA CYS A 131 8.14 -9.36 -12.67
C CYS A 131 7.36 -8.16 -12.13
N ASP A 132 6.04 -8.24 -12.18
CA ASP A 132 5.15 -7.17 -11.73
C ASP A 132 3.72 -7.68 -11.82
N LEU A 133 2.82 -7.01 -11.13
CA LEU A 133 1.40 -7.36 -11.13
C LEU A 133 0.74 -6.65 -12.31
N VAL A 134 0.50 -7.39 -13.40
CA VAL A 134 0.01 -6.81 -14.63
C VAL A 134 -1.13 -7.66 -15.19
N ASN A 135 -1.89 -7.04 -16.10
CA ASN A 135 -2.94 -7.70 -16.87
C ASN A 135 -2.97 -7.07 -18.25
N ARG A 136 -3.57 -7.78 -19.22
CA ARG A 136 -3.44 -7.36 -20.60
C ARG A 136 -4.78 -7.30 -21.35
N GLY A 137 -5.90 -7.18 -20.65
CA GLY A 137 -7.12 -6.83 -21.34
C GLY A 137 -8.30 -7.70 -20.96
N LEU A 138 -9.41 -7.49 -21.65
CA LEU A 138 -10.69 -8.16 -21.43
C LEU A 138 -11.17 -8.75 -22.76
N ALA A 139 -12.28 -9.49 -22.72
CA ALA A 139 -12.86 -10.04 -23.94
C ALA A 139 -14.36 -9.79 -23.96
N TYR A 140 -14.93 -9.74 -25.16
CA TYR A 140 -16.34 -9.43 -25.36
C TYR A 140 -17.01 -10.51 -26.20
N TRP A 141 -18.21 -10.91 -25.82
CA TRP A 141 -19.02 -11.85 -26.60
C TRP A 141 -20.41 -11.24 -26.81
N PRO A 142 -20.88 -11.12 -28.06
CA PRO A 142 -22.18 -10.46 -28.27
C PRO A 142 -23.37 -11.31 -27.83
N GLY A 143 -23.36 -12.60 -28.11
CA GLY A 143 -24.40 -13.48 -27.62
C GLY A 143 -25.51 -13.70 -28.64
N ASP A 144 -26.25 -14.79 -28.43
CA ASP A 144 -27.39 -15.13 -29.24
C ASP A 144 -28.67 -14.54 -28.63
N GLY A 145 -29.82 -14.98 -29.12
CA GLY A 145 -31.07 -14.43 -28.62
C GLY A 145 -31.33 -14.73 -27.16
N LYS A 146 -31.03 -15.97 -26.73
CA LYS A 146 -31.33 -16.37 -25.37
C LYS A 146 -30.34 -15.77 -24.37
N THR A 147 -29.07 -16.11 -24.50
CA THR A 147 -28.06 -15.67 -23.56
C THR A 147 -27.62 -14.24 -23.88
N PRO A 148 -27.61 -13.34 -22.90
CA PRO A 148 -27.18 -11.96 -23.16
C PRO A 148 -25.67 -11.87 -23.38
N ALA A 149 -25.24 -10.66 -23.74
CA ALA A 149 -23.83 -10.42 -24.02
C ALA A 149 -22.98 -10.60 -22.77
N LEU A 150 -21.72 -10.96 -22.96
CA LEU A 150 -20.85 -11.31 -21.85
C LEU A 150 -19.50 -10.62 -21.96
N ILE A 151 -18.90 -10.37 -20.80
CA ILE A 151 -17.56 -9.83 -20.67
C ILE A 151 -16.69 -10.87 -19.96
N LEU A 152 -15.59 -11.25 -20.59
CA LEU A 152 -14.74 -12.34 -20.12
C LEU A 152 -13.46 -11.77 -19.52
N LYS A 153 -13.10 -12.28 -18.35
CA LYS A 153 -12.09 -11.68 -17.48
C LYS A 153 -11.26 -12.76 -16.81
N THR A 154 -9.97 -12.49 -16.62
CA THR A 154 -9.05 -13.41 -15.95
C THR A 154 -8.42 -12.74 -14.73
N GLN A 155 -8.19 -13.53 -13.69
CA GLN A 155 -7.59 -13.05 -12.46
C GLN A 155 -6.21 -13.69 -12.28
N LEU A 156 -5.37 -13.01 -11.50
CA LEU A 156 -3.99 -13.46 -11.32
C LEU A 156 -3.90 -14.70 -10.43
N ASP A 157 -4.92 -14.96 -9.62
CA ASP A 157 -4.95 -16.18 -8.83
C ASP A 157 -5.10 -17.43 -9.68
N GLY A 158 -5.60 -17.28 -10.91
CA GLY A 158 -5.88 -18.42 -11.76
C GLY A 158 -7.36 -18.73 -11.86
N ASN A 159 -8.17 -17.69 -12.04
CA ASN A 159 -9.62 -17.83 -12.19
C ASN A 159 -10.07 -17.13 -13.45
N VAL A 160 -11.12 -17.66 -14.07
CA VAL A 160 -11.72 -17.11 -15.27
C VAL A 160 -13.20 -16.90 -15.01
N ALA A 161 -13.70 -15.70 -15.33
CA ALA A 161 -15.07 -15.33 -15.01
C ALA A 161 -15.73 -14.66 -16.20
N ALA A 162 -17.06 -14.75 -16.23
CA ALA A 162 -17.90 -14.09 -17.22
C ALA A 162 -18.94 -13.25 -16.50
N LEU A 163 -19.07 -12.00 -16.91
CA LEU A 163 -19.97 -11.05 -16.28
C LEU A 163 -20.98 -10.52 -17.29
N ASN A 164 -22.16 -10.16 -16.81
CA ASN A 164 -23.16 -9.53 -17.65
C ASN A 164 -22.69 -8.14 -18.08
N ALA A 165 -22.85 -7.84 -19.37
CA ALA A 165 -22.33 -6.59 -19.92
C ALA A 165 -23.19 -5.38 -19.61
N GLU A 166 -24.41 -5.57 -19.12
CA GLU A 166 -25.32 -4.47 -18.84
C GLU A 166 -25.59 -4.24 -17.37
N THR A 167 -25.50 -5.28 -16.53
CA THR A 167 -25.75 -5.15 -15.10
C THR A 167 -24.52 -5.39 -14.26
N GLY A 168 -23.85 -6.54 -14.41
CA GLY A 168 -22.59 -6.76 -13.75
C GLY A 168 -22.57 -7.91 -12.75
N GLU A 169 -23.42 -8.91 -12.93
CA GLU A 169 -23.41 -10.08 -12.07
C GLU A 169 -22.44 -11.13 -12.64
N THR A 170 -22.41 -12.31 -12.03
CA THR A 170 -21.56 -13.41 -12.48
C THR A 170 -22.44 -14.56 -12.93
N VAL A 171 -22.18 -15.06 -14.13
CA VAL A 171 -22.91 -16.21 -14.66
C VAL A 171 -22.18 -17.51 -14.36
N TRP A 172 -20.87 -17.55 -14.62
CA TRP A 172 -20.07 -18.70 -14.26
C TRP A 172 -18.65 -18.24 -13.95
N LYS A 173 -17.93 -19.08 -13.20
CA LYS A 173 -16.54 -18.81 -12.84
C LYS A 173 -15.85 -20.13 -12.57
N VAL A 174 -14.66 -20.31 -13.14
CA VAL A 174 -13.90 -21.55 -13.03
C VAL A 174 -12.44 -21.21 -12.77
N GLU A 175 -11.63 -22.25 -12.57
CA GLU A 175 -10.21 -22.11 -12.29
C GLU A 175 -9.40 -22.88 -13.32
N ASN A 176 -8.30 -22.27 -13.75
CA ASN A 176 -7.42 -22.86 -14.76
C ASN A 176 -5.98 -23.04 -14.29
N SER A 177 -5.55 -22.34 -13.25
CA SER A 177 -4.19 -22.42 -12.76
C SER A 177 -4.21 -22.59 -11.25
N ASP A 178 -3.13 -23.18 -10.73
CA ASP A 178 -2.99 -23.45 -9.30
C ASP A 178 -1.88 -22.59 -8.74
N ILE A 179 -2.17 -21.86 -7.67
CA ILE A 179 -1.19 -20.98 -7.05
C ILE A 179 -0.11 -21.79 -6.34
N LYS A 180 -0.51 -22.89 -5.70
CA LYS A 180 0.44 -23.65 -4.88
C LYS A 180 1.57 -24.24 -5.71
N VAL A 181 1.27 -24.70 -6.93
CA VAL A 181 2.34 -25.19 -7.79
C VAL A 181 3.17 -24.03 -8.33
N GLY A 182 2.56 -22.87 -8.55
CA GLY A 182 3.29 -21.70 -9.00
C GLY A 182 2.84 -21.19 -10.36
N SER A 183 1.58 -21.40 -10.70
CA SER A 183 1.04 -21.02 -12.00
C SER A 183 0.32 -19.68 -11.87
N THR A 184 0.75 -18.70 -12.66
CA THR A 184 0.18 -17.37 -12.67
C THR A 184 -0.47 -17.12 -14.02
N LEU A 185 -1.53 -16.31 -14.02
CA LEU A 185 -2.30 -16.06 -15.23
C LEU A 185 -2.46 -14.54 -15.40
N THR A 186 -1.78 -13.97 -16.39
CA THR A 186 -1.83 -12.54 -16.66
C THR A 186 -2.15 -12.22 -18.11
N ILE A 187 -2.55 -13.20 -18.91
CA ILE A 187 -2.82 -12.99 -20.32
C ILE A 187 -4.29 -12.62 -20.51
N ALA A 188 -4.59 -11.99 -21.65
CA ALA A 188 -5.95 -11.58 -21.97
C ALA A 188 -6.70 -12.73 -22.63
N PRO A 189 -7.99 -12.88 -22.35
CA PRO A 189 -8.79 -13.91 -23.03
C PRO A 189 -9.00 -13.57 -24.48
N TYR A 190 -9.38 -14.57 -25.26
CA TYR A 190 -9.54 -14.40 -26.70
C TYR A 190 -10.69 -15.28 -27.16
N VAL A 191 -11.65 -14.67 -27.86
CA VAL A 191 -12.93 -15.32 -28.18
C VAL A 191 -12.92 -15.70 -29.66
N VAL A 192 -13.19 -16.97 -29.95
CA VAL A 192 -13.29 -17.46 -31.31
C VAL A 192 -14.59 -18.23 -31.44
N LYS A 193 -15.46 -17.78 -32.35
CA LYS A 193 -16.77 -18.39 -32.57
C LYS A 193 -17.56 -18.49 -31.27
N ASP A 194 -17.71 -19.71 -30.76
CA ASP A 194 -18.50 -19.96 -29.55
C ASP A 194 -17.63 -20.40 -28.38
N LYS A 195 -16.33 -20.11 -28.41
CA LYS A 195 -15.39 -20.61 -27.43
C LYS A 195 -14.44 -19.50 -26.99
N VAL A 196 -13.87 -19.68 -25.80
CA VAL A 196 -12.89 -18.75 -25.24
C VAL A 196 -11.60 -19.52 -24.96
N ILE A 197 -10.47 -18.91 -25.31
CA ILE A 197 -9.16 -19.55 -25.24
C ILE A 197 -8.37 -18.92 -24.10
N ILE A 198 -7.76 -19.77 -23.26
CA ILE A 198 -6.99 -19.33 -22.10
C ILE A 198 -5.60 -19.95 -22.15
N GLY A 199 -4.59 -19.13 -21.85
CA GLY A 199 -3.20 -19.54 -21.79
C GLY A 199 -2.71 -19.74 -20.38
N SER A 200 -1.40 -19.62 -20.19
CA SER A 200 -0.78 -19.84 -18.88
C SER A 200 0.55 -19.11 -18.83
N SER A 201 1.06 -18.93 -17.60
CA SER A 201 2.34 -18.28 -17.42
C SER A 201 3.01 -18.81 -16.15
N GLY A 202 4.30 -18.56 -16.03
CA GLY A 202 5.07 -19.00 -14.89
C GLY A 202 6.19 -19.97 -15.21
N ALA A 203 6.78 -19.83 -16.39
CA ALA A 203 7.81 -20.78 -16.83
C ALA A 203 9.10 -20.64 -16.04
N GLU A 204 9.32 -19.52 -15.35
CA GLU A 204 10.55 -19.34 -14.59
C GLU A 204 10.63 -20.31 -13.42
N LEU A 205 9.48 -20.76 -12.93
CA LEU A 205 9.41 -21.72 -11.83
C LEU A 205 9.37 -23.16 -12.32
N GLY A 206 9.43 -23.39 -13.62
CA GLY A 206 9.38 -24.73 -14.16
C GLY A 206 7.97 -25.28 -14.28
N VAL A 207 7.07 -24.50 -14.91
CA VAL A 207 5.68 -24.89 -15.08
C VAL A 207 5.47 -25.34 -16.51
N ARG A 208 4.95 -26.56 -16.67
CA ARG A 208 4.61 -27.07 -18.00
C ARG A 208 3.46 -26.28 -18.59
N GLY A 209 3.63 -25.80 -19.82
CA GLY A 209 2.66 -24.93 -20.44
C GLY A 209 1.52 -25.68 -21.13
N TYR A 210 0.35 -25.05 -21.14
CA TYR A 210 -0.80 -25.64 -21.81
C TYR A 210 -1.77 -24.55 -22.23
N LEU A 211 -2.60 -24.89 -23.21
CA LEU A 211 -3.63 -24.02 -23.75
C LEU A 211 -4.99 -24.70 -23.62
N THR A 212 -6.00 -23.95 -23.20
CA THR A 212 -7.32 -24.52 -22.91
C THR A 212 -8.40 -23.77 -23.67
N ALA A 213 -9.44 -24.49 -24.07
CA ALA A 213 -10.62 -23.91 -24.69
C ALA A 213 -11.85 -24.22 -23.86
N TYR A 214 -12.69 -23.21 -23.64
CA TYR A 214 -13.88 -23.30 -22.82
C TYR A 214 -15.10 -22.87 -23.60
N ASP A 215 -16.24 -23.49 -23.29
CA ASP A 215 -17.52 -23.01 -23.79
C ASP A 215 -17.86 -21.69 -23.13
N VAL A 216 -18.36 -20.74 -23.93
CA VAL A 216 -18.55 -19.38 -23.42
C VAL A 216 -19.86 -19.23 -22.68
N LYS A 217 -20.82 -20.13 -22.88
CA LYS A 217 -22.12 -20.01 -22.25
C LYS A 217 -22.14 -20.62 -20.85
N THR A 218 -21.72 -21.87 -20.71
CA THR A 218 -21.78 -22.60 -19.46
C THR A 218 -20.46 -22.57 -18.70
N GLY A 219 -19.36 -22.92 -19.37
CA GLY A 219 -18.06 -22.98 -18.73
C GLY A 219 -17.37 -24.33 -18.78
N GLU A 220 -17.97 -25.33 -19.43
CA GLU A 220 -17.35 -26.63 -19.53
C GLU A 220 -16.13 -26.59 -20.45
N GLN A 221 -15.26 -27.59 -20.31
CA GLN A 221 -14.02 -27.66 -21.08
C GLN A 221 -14.25 -28.42 -22.38
N VAL A 222 -13.63 -27.92 -23.45
CA VAL A 222 -13.77 -28.49 -24.79
C VAL A 222 -12.52 -29.26 -25.19
N TRP A 223 -11.35 -28.60 -25.14
CA TRP A 223 -10.09 -29.28 -25.42
C TRP A 223 -8.94 -28.55 -24.73
N ARG A 224 -7.82 -29.26 -24.62
CA ARG A 224 -6.62 -28.75 -23.97
C ARG A 224 -5.40 -29.37 -24.62
N ALA A 225 -4.36 -28.56 -24.83
CA ALA A 225 -3.15 -29.01 -25.52
C ALA A 225 -1.92 -28.59 -24.72
N TYR A 226 -0.86 -29.38 -24.87
CA TYR A 226 0.41 -29.16 -24.18
C TYR A 226 1.49 -28.85 -25.20
N ALA A 227 2.69 -28.53 -24.69
CA ALA A 227 3.83 -28.20 -25.52
C ALA A 227 4.89 -29.29 -25.57
N THR A 228 5.05 -30.06 -24.50
CA THR A 228 6.00 -31.16 -24.44
C THR A 228 5.30 -32.40 -23.90
N GLY A 229 5.76 -33.57 -24.35
CA GLY A 229 5.23 -34.82 -23.86
C GLY A 229 4.90 -35.79 -24.97
N PRO A 230 4.18 -36.86 -24.64
CA PRO A 230 3.76 -37.82 -25.67
C PRO A 230 2.81 -37.19 -26.67
N ASP A 231 2.81 -37.73 -27.88
CA ASP A 231 2.04 -37.16 -28.99
C ASP A 231 0.54 -37.11 -28.70
N LYS A 232 0.05 -37.94 -27.78
CA LYS A 232 -1.36 -37.87 -27.41
C LYS A 232 -1.70 -36.53 -26.78
N ASP A 233 -0.81 -36.00 -25.93
CA ASP A 233 -1.08 -34.74 -25.25
C ASP A 233 -0.93 -33.53 -26.17
N LEU A 234 -0.06 -33.61 -27.17
CA LEU A 234 0.16 -32.47 -28.05
C LEU A 234 -0.98 -32.25 -29.03
N LEU A 235 -1.71 -33.31 -29.39
CA LEU A 235 -2.82 -33.24 -30.34
C LEU A 235 -2.34 -32.72 -31.70
N LEU A 236 -1.49 -33.53 -32.33
CA LEU A 236 -1.03 -33.25 -33.68
C LEU A 236 -1.97 -33.88 -34.70
N ALA A 237 -2.08 -33.22 -35.86
CA ALA A 237 -2.89 -33.74 -36.94
C ALA A 237 -2.14 -34.83 -37.70
N SER A 238 -2.87 -35.51 -38.59
CA SER A 238 -2.27 -36.55 -39.41
C SER A 238 -1.45 -36.01 -40.57
N ASP A 239 -1.50 -34.70 -40.82
CA ASP A 239 -0.74 -34.05 -41.87
C ASP A 239 0.18 -32.97 -41.31
N PHE A 240 0.80 -33.24 -40.18
CA PHE A 240 1.65 -32.27 -39.50
C PHE A 240 2.95 -32.08 -40.27
N ASN A 241 3.17 -30.85 -40.76
CA ASN A 241 4.40 -30.48 -41.44
C ASN A 241 4.69 -31.39 -42.64
N ILE A 242 3.67 -31.58 -43.47
CA ILE A 242 3.84 -32.43 -44.65
C ILE A 242 4.52 -31.68 -45.79
N LYS A 243 4.37 -30.35 -45.84
CA LYS A 243 5.02 -29.57 -46.89
C LYS A 243 6.51 -29.41 -46.63
N ASN A 244 6.91 -29.33 -45.36
CA ASN A 244 8.31 -29.11 -44.97
C ASN A 244 8.72 -30.22 -44.01
N PRO A 245 9.13 -31.38 -44.53
CA PRO A 245 9.50 -32.50 -43.66
C PRO A 245 10.73 -32.23 -42.79
N HIS A 246 11.58 -31.27 -43.14
CA HIS A 246 12.82 -31.08 -42.40
C HIS A 246 12.64 -30.33 -41.09
N TYR A 247 11.44 -29.82 -40.81
CA TYR A 247 11.18 -29.19 -39.52
C TYR A 247 11.01 -30.21 -38.40
N GLY A 248 10.46 -31.38 -38.71
CA GLY A 248 10.18 -32.40 -37.72
C GLY A 248 8.77 -32.95 -37.85
N GLN A 249 8.60 -34.26 -37.69
CA GLN A 249 7.31 -34.91 -37.93
C GLN A 249 6.69 -35.49 -36.67
N LYS A 250 7.36 -36.43 -36.01
CA LYS A 250 6.76 -37.14 -34.89
C LYS A 250 7.84 -37.59 -33.91
N GLY A 251 7.42 -37.82 -32.68
CA GLY A 251 8.29 -38.40 -31.66
C GLY A 251 9.33 -37.46 -31.09
N LEU A 252 9.28 -36.17 -31.43
CA LEU A 252 10.28 -35.22 -30.96
C LEU A 252 9.87 -34.51 -29.67
N GLY A 253 8.69 -34.80 -29.14
CA GLY A 253 8.28 -34.22 -27.88
C GLY A 253 8.86 -34.88 -26.66
N THR A 254 9.44 -36.08 -26.82
CA THR A 254 10.11 -36.77 -25.73
C THR A 254 11.53 -37.15 -26.13
N GLY A 255 11.73 -37.42 -27.42
CA GLY A 255 13.04 -37.83 -27.89
C GLY A 255 14.10 -36.73 -27.78
N THR A 256 13.69 -35.49 -28.03
CA THR A 256 14.64 -34.38 -27.95
C THR A 256 15.04 -34.06 -26.52
N TRP A 257 14.32 -34.58 -25.54
CA TRP A 257 14.68 -34.45 -24.13
C TRP A 257 15.34 -35.74 -23.65
N GLU A 258 16.07 -35.64 -22.55
CA GLU A 258 16.72 -36.79 -21.93
C GLU A 258 15.99 -37.11 -20.64
N GLY A 259 15.46 -38.33 -20.54
CA GLY A 259 14.73 -38.71 -19.35
C GLY A 259 13.36 -38.06 -19.31
N ASP A 260 12.89 -37.79 -18.09
CA ASP A 260 11.59 -37.18 -17.85
C ASP A 260 11.69 -35.69 -17.60
N ALA A 261 12.62 -35.01 -18.28
CA ALA A 261 12.78 -33.57 -18.09
C ALA A 261 11.58 -32.80 -18.63
N TRP A 262 10.90 -33.33 -19.64
CA TRP A 262 9.80 -32.61 -20.27
C TRP A 262 8.64 -32.37 -19.32
N LYS A 263 8.56 -33.13 -18.22
CA LYS A 263 7.52 -32.87 -17.23
C LYS A 263 7.68 -31.50 -16.57
N ILE A 264 8.88 -30.93 -16.59
CA ILE A 264 9.13 -29.63 -15.99
C ILE A 264 9.82 -28.73 -17.01
N GLY A 265 9.63 -29.04 -18.29
CA GLY A 265 10.35 -28.32 -19.33
C GLY A 265 9.97 -26.86 -19.44
N GLY A 266 8.67 -26.57 -19.35
CA GLY A 266 8.20 -25.21 -19.51
C GLY A 266 7.54 -24.97 -20.84
N GLY A 267 7.69 -23.76 -21.38
CA GLY A 267 7.09 -23.44 -22.66
C GLY A 267 5.69 -22.86 -22.54
N THR A 268 5.55 -21.80 -21.75
CA THR A 268 4.27 -21.16 -21.53
C THR A 268 4.09 -19.98 -22.47
N ASN A 269 2.85 -19.78 -22.91
CA ASN A 269 2.51 -18.70 -23.82
C ASN A 269 1.73 -17.63 -23.09
N TRP A 270 2.19 -16.38 -23.18
CA TRP A 270 1.55 -15.27 -22.51
C TRP A 270 1.49 -14.03 -23.39
N GLY A 271 1.40 -14.22 -24.71
CA GLY A 271 1.45 -13.10 -25.63
C GLY A 271 0.13 -12.79 -26.32
N TRP A 272 0.18 -12.62 -27.64
CA TRP A 272 -0.98 -12.26 -28.44
C TRP A 272 -1.28 -13.34 -29.46
N TYR A 273 -2.55 -13.45 -29.83
CA TYR A 273 -3.04 -14.46 -30.76
C TYR A 273 -3.33 -13.84 -32.12
N ALA A 274 -3.53 -14.71 -33.11
CA ALA A 274 -4.07 -14.29 -34.39
C ALA A 274 -5.03 -15.37 -34.89
N TYR A 275 -6.02 -14.97 -35.68
CA TYR A 275 -7.04 -15.90 -36.15
C TYR A 275 -7.36 -15.66 -37.61
N ASP A 276 -7.55 -16.74 -38.37
CA ASP A 276 -7.93 -16.66 -39.78
C ASP A 276 -9.17 -17.51 -39.98
N PRO A 277 -10.28 -16.94 -40.51
CA PRO A 277 -11.51 -17.73 -40.69
C PRO A 277 -11.47 -18.63 -41.92
N GLY A 278 -10.79 -18.19 -42.97
CA GLY A 278 -10.74 -18.99 -44.19
C GLY A 278 -10.07 -20.33 -43.97
N THR A 279 -8.91 -20.32 -43.33
CA THR A 279 -8.25 -21.56 -42.94
C THR A 279 -8.77 -22.11 -41.62
N ASN A 280 -9.52 -21.31 -40.87
CA ASN A 280 -10.02 -21.68 -39.55
C ASN A 280 -8.86 -22.08 -38.64
N LEU A 281 -7.90 -21.16 -38.49
CA LEU A 281 -6.69 -21.44 -37.74
C LEU A 281 -6.39 -20.34 -36.74
N ILE A 282 -5.75 -20.72 -35.65
CA ILE A 282 -5.26 -19.81 -34.61
C ILE A 282 -3.75 -19.91 -34.57
N TYR A 283 -3.07 -18.78 -34.57
CA TYR A 283 -1.62 -18.69 -34.62
C TYR A 283 -1.10 -18.06 -33.32
N PHE A 284 -0.08 -18.68 -32.73
CA PHE A 284 0.52 -18.19 -31.49
C PHE A 284 1.96 -18.71 -31.40
N GLY A 285 2.61 -18.36 -30.29
CA GLY A 285 3.97 -18.78 -30.03
C GLY A 285 4.12 -19.34 -28.63
N THR A 286 5.33 -19.81 -28.34
CA THR A 286 5.64 -20.50 -27.08
C THR A 286 6.91 -19.94 -26.48
N GLY A 287 7.01 -20.00 -25.15
CA GLY A 287 8.08 -19.38 -24.41
C GLY A 287 9.31 -20.27 -24.27
N ASN A 288 10.18 -19.87 -23.34
CA ASN A 288 11.49 -20.49 -23.13
C ASN A 288 11.40 -21.74 -22.27
N PRO A 289 12.39 -22.62 -22.36
CA PRO A 289 12.40 -23.82 -21.53
C PRO A 289 13.02 -23.57 -20.15
N ALA A 290 12.92 -24.57 -19.30
CA ALA A 290 13.44 -24.53 -17.94
C ALA A 290 14.25 -25.79 -17.67
N PRO A 291 15.27 -25.71 -16.79
CA PRO A 291 15.76 -24.54 -16.05
C PRO A 291 16.66 -23.62 -16.86
N TRP A 292 17.20 -22.57 -16.22
CA TRP A 292 17.96 -21.55 -16.93
C TRP A 292 19.34 -22.03 -17.34
N ASN A 293 19.83 -23.13 -16.78
CA ASN A 293 21.15 -23.64 -17.11
C ASN A 293 21.02 -24.62 -18.28
N GLU A 294 21.70 -24.33 -19.38
CA GLU A 294 21.60 -25.16 -20.57
C GLU A 294 22.30 -26.50 -20.42
N THR A 295 23.17 -26.66 -19.42
CA THR A 295 23.85 -27.93 -19.20
C THR A 295 22.94 -28.98 -18.60
N MET A 296 22.03 -28.56 -17.72
CA MET A 296 21.14 -29.51 -17.04
C MET A 296 20.07 -30.09 -17.96
N ARG A 297 19.87 -29.52 -19.14
CA ARG A 297 18.87 -30.01 -20.10
C ARG A 297 19.54 -30.16 -21.46
N PRO A 298 20.30 -31.23 -21.66
CA PRO A 298 21.01 -31.39 -22.94
C PRO A 298 20.17 -32.07 -24.01
N GLY A 299 20.01 -31.39 -25.14
CA GLY A 299 19.16 -31.88 -26.21
C GLY A 299 18.80 -30.74 -27.15
N ASP A 300 17.62 -30.86 -27.75
CA ASP A 300 17.14 -29.86 -28.69
C ASP A 300 15.95 -29.07 -28.17
N ASN A 301 15.22 -29.61 -27.18
CA ASN A 301 14.10 -28.93 -26.52
C ASN A 301 13.03 -28.52 -27.54
N LYS A 302 12.43 -29.54 -28.12
CA LYS A 302 11.57 -29.36 -29.28
C LYS A 302 10.18 -28.86 -28.87
N TRP A 303 9.58 -28.05 -29.76
CA TRP A 303 8.29 -27.39 -29.56
C TRP A 303 8.35 -26.41 -28.38
N THR A 304 9.51 -25.85 -28.14
CA THR A 304 9.70 -24.70 -27.27
C THR A 304 10.28 -23.57 -28.11
N MET A 305 9.76 -22.35 -27.90
CA MET A 305 10.06 -21.21 -28.76
C MET A 305 9.68 -21.52 -30.21
N THR A 306 8.46 -22.03 -30.39
CA THR A 306 7.97 -22.53 -31.66
C THR A 306 6.72 -21.75 -32.07
N ILE A 307 6.67 -21.35 -33.33
CA ILE A 307 5.45 -20.76 -33.90
C ILE A 307 4.49 -21.89 -34.24
N PHE A 308 3.31 -21.87 -33.63
CA PHE A 308 2.24 -22.82 -33.90
C PHE A 308 1.10 -22.19 -34.66
N GLY A 309 0.61 -22.92 -35.66
CA GLY A 309 -0.70 -22.72 -36.22
C GLY A 309 -1.54 -23.96 -35.99
N ARG A 310 -2.61 -23.81 -35.21
CA ARG A 310 -3.48 -24.88 -34.76
C ARG A 310 -4.91 -24.64 -35.23
N ASP A 311 -5.74 -25.66 -35.10
CA ASP A 311 -7.17 -25.52 -35.39
C ASP A 311 -7.92 -25.01 -34.17
N ALA A 312 -9.17 -24.61 -34.38
CA ALA A 312 -9.98 -23.99 -33.32
C ALA A 312 -11.04 -24.91 -32.76
N ASP A 313 -11.71 -25.71 -33.61
CA ASP A 313 -12.78 -26.57 -33.12
C ASP A 313 -12.25 -27.76 -32.34
N THR A 314 -11.18 -28.39 -32.83
CA THR A 314 -10.62 -29.56 -32.17
C THR A 314 -9.26 -29.32 -31.54
N GLY A 315 -8.58 -28.23 -31.88
CA GLY A 315 -7.30 -27.91 -31.28
C GLY A 315 -6.11 -28.61 -31.88
N GLU A 316 -6.30 -29.41 -32.92
CA GLU A 316 -5.19 -30.13 -33.53
C GLU A 316 -4.25 -29.16 -34.22
N ALA A 317 -2.95 -29.45 -34.15
CA ALA A 317 -1.92 -28.57 -34.70
C ALA A 317 -1.71 -28.86 -36.18
N LYS A 318 -1.63 -27.78 -36.96
CA LYS A 318 -1.39 -27.86 -38.39
C LYS A 318 0.07 -27.66 -38.75
N PHE A 319 0.75 -26.67 -38.15
CA PHE A 319 2.17 -26.55 -38.41
C PHE A 319 2.88 -25.89 -37.23
N GLY A 320 4.19 -26.11 -37.17
CA GLY A 320 5.03 -25.54 -36.14
C GLY A 320 6.47 -25.37 -36.60
N TYR A 321 7.04 -24.20 -36.33
CA TYR A 321 8.42 -23.90 -36.75
C TYR A 321 9.25 -23.47 -35.55
N GLN A 322 10.50 -23.96 -35.50
CA GLN A 322 11.41 -23.66 -34.41
C GLN A 322 12.35 -22.53 -34.79
N LYS A 323 12.48 -21.54 -33.92
CA LYS A 323 13.32 -20.37 -34.18
C LYS A 323 14.70 -20.51 -33.54
N THR A 324 14.76 -20.71 -32.23
CA THR A 324 16.03 -20.87 -31.52
C THR A 324 16.06 -22.25 -30.87
N PRO A 325 16.66 -23.25 -31.51
CA PRO A 325 16.75 -24.58 -30.90
C PRO A 325 17.83 -24.59 -29.82
N HIS A 326 17.48 -25.13 -28.65
CA HIS A 326 18.38 -25.23 -27.51
C HIS A 326 18.92 -23.86 -27.11
N ASP A 327 17.99 -23.02 -26.64
CA ASP A 327 18.32 -21.66 -26.27
C ASP A 327 19.28 -21.62 -25.08
N GLU A 328 20.20 -20.66 -25.09
CA GLU A 328 21.13 -20.47 -23.98
C GLU A 328 21.27 -19.02 -23.56
N TRP A 329 20.43 -18.11 -24.06
CA TRP A 329 20.48 -16.71 -23.67
C TRP A 329 19.21 -16.25 -22.96
N ASP A 330 18.26 -17.14 -22.69
CA ASP A 330 17.01 -16.82 -22.00
C ASP A 330 16.17 -15.81 -22.78
N TYR A 331 15.80 -16.21 -24.00
CA TYR A 331 14.90 -15.44 -24.84
C TYR A 331 13.47 -15.93 -24.63
N ALA A 332 12.52 -15.38 -25.39
CA ALA A 332 11.12 -15.80 -25.29
C ALA A 332 10.39 -15.36 -26.54
N GLY A 333 9.90 -16.33 -27.31
CA GLY A 333 9.20 -16.05 -28.55
C GLY A 333 7.69 -16.01 -28.41
N VAL A 334 7.17 -15.04 -27.65
CA VAL A 334 5.73 -14.93 -27.43
C VAL A 334 5.23 -13.58 -27.91
N ASN A 335 5.90 -13.00 -28.90
CA ASN A 335 5.58 -11.66 -29.38
C ASN A 335 4.32 -11.70 -30.23
N VAL A 336 3.98 -10.57 -30.84
CA VAL A 336 2.76 -10.42 -31.64
C VAL A 336 3.06 -10.83 -33.07
N MET A 337 2.04 -11.38 -33.75
CA MET A 337 2.13 -11.72 -35.16
C MET A 337 1.06 -10.97 -35.93
N MET A 338 1.41 -10.56 -37.15
CA MET A 338 0.53 -9.73 -37.96
C MET A 338 0.33 -10.38 -39.32
N LEU A 339 -0.93 -10.52 -39.73
CA LEU A 339 -1.26 -11.14 -40.99
C LEU A 339 -1.39 -10.09 -42.08
N SER A 340 -1.02 -10.46 -43.30
CA SER A 340 -1.08 -9.54 -44.44
C SER A 340 -1.16 -10.36 -45.72
N GLU A 341 -1.34 -9.65 -46.84
CA GLU A 341 -1.41 -10.27 -48.16
C GLU A 341 -0.56 -9.45 -49.11
N GLN A 342 0.44 -10.06 -49.72
CA GLN A 342 1.39 -9.32 -50.54
C GLN A 342 1.91 -10.21 -51.66
N LYS A 343 2.48 -9.58 -52.68
CA LYS A 343 3.07 -10.30 -53.80
C LYS A 343 4.58 -10.44 -53.58
N ASP A 344 5.08 -11.65 -53.76
CA ASP A 344 6.47 -11.96 -53.45
C ASP A 344 7.38 -11.43 -54.56
N LYS A 345 8.65 -11.84 -54.52
CA LYS A 345 9.61 -11.40 -55.52
C LYS A 345 9.25 -11.93 -56.91
N ASP A 346 8.77 -13.18 -56.98
CA ASP A 346 8.40 -13.77 -58.25
C ASP A 346 7.10 -13.19 -58.81
N GLY A 347 6.35 -12.44 -58.02
CA GLY A 347 5.11 -11.85 -58.49
C GLY A 347 3.85 -12.60 -58.15
N LYS A 348 3.91 -13.60 -57.28
CA LYS A 348 2.74 -14.39 -56.91
C LYS A 348 2.14 -13.88 -55.62
N ALA A 349 0.84 -13.64 -55.63
CA ALA A 349 0.15 -13.18 -54.43
C ALA A 349 0.13 -14.27 -53.37
N ARG A 350 0.39 -13.88 -52.13
CA ARG A 350 0.50 -14.85 -51.04
C ARG A 350 -0.01 -14.22 -49.75
N LYS A 351 -0.51 -15.08 -48.87
CA LYS A 351 -0.99 -14.71 -47.54
C LYS A 351 0.10 -15.03 -46.52
N LEU A 352 0.48 -14.04 -45.73
CA LEU A 352 1.69 -14.10 -44.92
C LEU A 352 1.40 -13.70 -43.48
N LEU A 353 2.27 -14.17 -42.58
CA LEU A 353 2.33 -13.70 -41.20
C LEU A 353 3.73 -13.22 -40.90
N THR A 354 3.82 -12.09 -40.22
CA THR A 354 5.10 -11.48 -39.84
C THR A 354 5.21 -11.45 -38.33
N HIS A 355 6.40 -11.80 -37.83
CA HIS A 355 6.63 -12.01 -36.40
C HIS A 355 8.00 -11.49 -35.99
N PRO A 356 8.07 -10.43 -35.19
CA PRO A 356 9.34 -10.06 -34.55
C PRO A 356 9.66 -11.00 -33.40
N ASP A 357 10.95 -11.05 -33.05
CA ASP A 357 11.42 -11.93 -31.98
C ASP A 357 12.43 -11.19 -31.12
N ARG A 358 12.72 -11.78 -29.96
CA ARG A 358 13.63 -11.20 -28.99
C ARG A 358 15.10 -11.40 -29.34
N ASN A 359 15.42 -12.24 -30.33
CA ASN A 359 16.80 -12.53 -30.68
C ASN A 359 17.34 -11.64 -31.79
N GLY A 360 16.57 -10.67 -32.25
CA GLY A 360 17.04 -9.74 -33.26
C GLY A 360 16.73 -10.13 -34.69
N ILE A 361 15.84 -11.08 -34.91
CA ILE A 361 15.45 -11.50 -36.25
C ILE A 361 13.93 -11.42 -36.38
N VAL A 362 13.47 -10.85 -37.49
CA VAL A 362 12.05 -10.79 -37.82
C VAL A 362 11.77 -11.78 -38.94
N TYR A 363 10.75 -12.62 -38.74
CA TYR A 363 10.41 -13.70 -39.67
C TYR A 363 9.12 -13.38 -40.40
N THR A 364 9.00 -13.89 -41.62
CA THR A 364 7.73 -13.90 -42.33
C THR A 364 7.51 -15.28 -42.93
N LEU A 365 6.28 -15.78 -42.79
CA LEU A 365 5.93 -17.14 -43.18
C LEU A 365 4.64 -17.16 -43.97
N ASP A 366 4.45 -18.23 -44.73
CA ASP A 366 3.21 -18.46 -45.44
C ASP A 366 2.13 -18.94 -44.46
N ARG A 367 0.95 -18.35 -44.54
CA ARG A 367 -0.10 -18.64 -43.57
C ARG A 367 -0.75 -20.00 -43.79
N THR A 368 -0.68 -20.54 -45.01
CA THR A 368 -1.43 -21.75 -45.33
C THR A 368 -0.65 -23.01 -44.95
N ASP A 369 0.61 -23.12 -45.39
CA ASP A 369 1.39 -24.33 -45.20
C ASP A 369 2.59 -24.17 -44.29
N GLY A 370 3.05 -22.96 -44.01
CA GLY A 370 4.14 -22.74 -43.09
C GLY A 370 5.51 -22.57 -43.72
N ALA A 371 5.59 -22.39 -45.04
CA ALA A 371 6.87 -22.15 -45.68
C ALA A 371 7.44 -20.81 -45.25
N LEU A 372 8.76 -20.72 -45.25
CA LEU A 372 9.47 -19.52 -44.80
C LEU A 372 9.82 -18.67 -46.01
N VAL A 373 9.44 -17.39 -45.96
CA VAL A 373 9.66 -16.47 -47.07
C VAL A 373 10.91 -15.62 -46.86
N SER A 374 11.04 -14.98 -45.69
CA SER A 374 12.23 -14.20 -45.41
C SER A 374 12.45 -14.09 -43.91
N ALA A 375 13.71 -13.86 -43.55
CA ALA A 375 14.11 -13.61 -42.17
C ALA A 375 15.20 -12.54 -42.20
N ASN A 376 14.98 -11.45 -41.49
CA ASN A 376 15.85 -10.28 -41.58
C ASN A 376 16.30 -9.84 -40.20
N LYS A 377 17.35 -9.01 -40.20
CA LYS A 377 17.97 -8.54 -38.96
C LYS A 377 17.36 -7.19 -38.57
N LEU A 378 16.99 -7.06 -37.30
CA LEU A 378 16.35 -5.82 -36.85
C LEU A 378 17.32 -4.64 -36.89
N ASP A 379 18.53 -4.84 -36.39
CA ASP A 379 19.56 -3.81 -36.42
C ASP A 379 20.88 -4.44 -36.83
N ASP A 380 21.77 -3.62 -37.38
CA ASP A 380 23.04 -4.09 -37.91
C ASP A 380 24.11 -4.28 -36.85
N THR A 381 23.74 -4.33 -35.57
CA THR A 381 24.69 -4.52 -34.47
C THR A 381 24.40 -5.81 -33.71
N VAL A 382 23.83 -6.80 -34.37
CA VAL A 382 23.51 -8.09 -33.77
C VAL A 382 24.67 -9.04 -34.06
N ASN A 383 25.22 -9.65 -33.01
CA ASN A 383 26.39 -10.50 -33.15
C ASN A 383 26.22 -11.82 -32.41
N VAL A 384 24.99 -12.31 -32.29
CA VAL A 384 24.75 -13.63 -31.72
C VAL A 384 24.45 -14.59 -32.86
N PHE A 385 23.94 -14.05 -33.97
CA PHE A 385 23.68 -14.81 -35.18
C PHE A 385 24.25 -14.05 -36.37
N LYS A 386 25.06 -14.72 -37.19
CA LYS A 386 25.60 -14.07 -38.37
C LYS A 386 24.56 -13.95 -39.48
N SER A 387 23.76 -14.99 -39.68
CA SER A 387 22.75 -15.00 -40.72
C SER A 387 21.80 -16.17 -40.46
N VAL A 388 20.71 -16.20 -41.21
CA VAL A 388 19.74 -17.29 -41.16
C VAL A 388 19.61 -17.88 -42.55
N ASP A 389 19.77 -19.20 -42.65
CA ASP A 389 19.70 -19.90 -43.93
C ASP A 389 18.25 -20.27 -44.21
N LEU A 390 17.72 -19.82 -45.35
CA LEU A 390 16.32 -20.05 -45.68
C LEU A 390 16.06 -21.47 -46.15
N LYS A 391 17.00 -22.08 -46.87
CA LYS A 391 16.76 -23.39 -47.46
C LYS A 391 16.57 -24.46 -46.38
N THR A 392 17.40 -24.44 -45.34
CA THR A 392 17.33 -25.44 -44.28
C THR A 392 16.67 -24.94 -43.01
N GLY A 393 16.64 -23.63 -42.78
CA GLY A 393 16.01 -23.07 -41.61
C GLY A 393 16.90 -22.96 -40.39
N GLN A 394 18.17 -23.36 -40.49
CA GLN A 394 19.10 -23.32 -39.37
C GLN A 394 19.86 -22.00 -39.37
N PRO A 395 19.88 -21.27 -38.27
CA PRO A 395 20.70 -20.05 -38.20
C PRO A 395 22.18 -20.38 -38.09
N VAL A 396 23.00 -19.38 -38.37
CA VAL A 396 24.46 -19.51 -38.31
C VAL A 396 24.95 -18.79 -37.07
N ARG A 397 25.68 -19.49 -36.22
CA ARG A 397 26.06 -19.00 -34.90
C ARG A 397 27.48 -18.46 -34.91
N ASP A 398 27.72 -17.50 -34.01
CA ASP A 398 29.05 -16.96 -33.77
C ASP A 398 29.56 -17.46 -32.44
N PRO A 399 30.55 -18.34 -32.40
CA PRO A 399 30.98 -18.94 -31.12
C PRO A 399 31.53 -17.93 -30.13
N GLU A 400 32.15 -16.84 -30.59
CA GLU A 400 32.80 -15.91 -29.68
C GLU A 400 31.80 -15.23 -28.75
N TYR A 401 30.65 -14.82 -29.27
CA TYR A 401 29.66 -14.07 -28.51
C TYR A 401 28.58 -14.98 -27.92
N GLY A 402 28.94 -16.21 -27.59
CA GLY A 402 27.99 -17.13 -26.99
C GLY A 402 28.31 -17.45 -25.54
N THR A 403 27.34 -17.99 -24.82
CA THR A 403 27.52 -18.38 -23.44
C THR A 403 28.23 -19.73 -23.43
N ARG A 404 28.23 -20.41 -22.27
CA ARG A 404 28.89 -21.72 -22.09
C ARG A 404 30.36 -21.69 -22.53
N MET A 405 30.98 -20.52 -22.45
CA MET A 405 32.37 -20.34 -22.83
C MET A 405 33.33 -20.54 -21.65
N ASP A 406 32.81 -20.71 -20.44
CA ASP A 406 33.52 -21.02 -19.21
C ASP A 406 34.32 -19.83 -18.65
N HIS A 407 34.15 -18.63 -19.21
CA HIS A 407 34.78 -17.44 -18.65
C HIS A 407 33.90 -16.23 -18.99
N LEU A 408 34.43 -15.04 -18.76
CA LEU A 408 33.67 -13.82 -18.99
C LEU A 408 33.43 -13.60 -20.48
N ALA A 409 32.21 -13.19 -20.81
CA ALA A 409 31.82 -12.89 -22.18
C ALA A 409 31.36 -11.44 -22.26
N LYS A 410 31.81 -10.72 -23.28
CA LYS A 410 31.55 -9.29 -23.40
C LYS A 410 30.73 -9.00 -24.65
N ASP A 411 29.92 -7.95 -24.56
CA ASP A 411 29.24 -7.34 -25.71
C ASP A 411 28.33 -8.36 -26.41
N ILE A 412 27.34 -8.84 -25.69
CA ILE A 412 26.30 -9.71 -26.24
C ILE A 412 25.11 -8.83 -26.58
N CYS A 413 24.89 -8.61 -27.88
CA CYS A 413 23.86 -7.69 -28.35
C CYS A 413 22.91 -8.48 -29.23
N PRO A 414 21.61 -8.58 -28.91
CA PRO A 414 20.86 -7.99 -27.79
C PRO A 414 20.95 -8.77 -26.49
N SER A 415 20.44 -8.18 -25.41
CA SER A 415 20.49 -8.76 -24.08
C SER A 415 19.28 -9.68 -23.88
N ALA A 416 19.06 -10.10 -22.62
CA ALA A 416 17.92 -10.94 -22.32
C ALA A 416 16.59 -10.21 -22.52
N MET A 417 16.59 -8.89 -22.36
CA MET A 417 15.39 -8.11 -22.65
C MET A 417 15.04 -8.18 -24.12
N GLY A 418 16.03 -8.27 -25.00
CA GLY A 418 15.80 -8.37 -26.42
C GLY A 418 15.51 -7.03 -27.06
N TYR A 419 15.45 -7.04 -28.38
CA TYR A 419 15.05 -5.86 -29.15
C TYR A 419 13.54 -5.69 -29.25
N HIS A 420 12.76 -6.61 -28.69
CA HIS A 420 11.32 -6.48 -28.73
C HIS A 420 10.71 -7.22 -27.53
N ASN A 421 9.52 -6.81 -27.14
CA ASN A 421 8.81 -7.43 -26.03
C ASN A 421 7.31 -7.28 -26.28
N GLN A 422 6.52 -7.40 -25.22
CA GLN A 422 5.08 -7.64 -25.28
C GLN A 422 4.27 -6.52 -25.93
N GLY A 423 4.94 -5.51 -26.48
CA GLY A 423 4.23 -4.44 -27.16
C GLY A 423 3.50 -4.91 -28.40
N HIS A 424 2.70 -4.00 -28.95
CA HIS A 424 1.82 -4.26 -30.09
C HIS A 424 2.13 -3.26 -31.20
N ASP A 425 2.90 -3.69 -32.20
CA ASP A 425 3.30 -2.79 -33.28
C ASP A 425 2.12 -2.56 -34.24
N SER A 426 2.38 -1.85 -35.34
CA SER A 426 1.29 -1.46 -36.23
C SER A 426 1.66 -1.74 -37.69
N TYR A 427 0.64 -1.84 -38.54
CA TYR A 427 0.81 -2.15 -39.95
C TYR A 427 -0.02 -1.19 -40.80
N ASP A 428 0.59 -0.66 -41.85
CA ASP A 428 -0.07 0.20 -42.82
C ASP A 428 -0.20 -0.53 -44.14
N PRO A 429 -1.41 -0.86 -44.58
CA PRO A 429 -1.56 -1.71 -45.78
C PRO A 429 -1.47 -0.94 -47.09
N LYS A 430 -1.95 0.31 -47.12
CA LYS A 430 -1.85 1.09 -48.35
C LYS A 430 -0.40 1.36 -48.70
N ARG A 431 0.43 1.70 -47.71
CA ARG A 431 1.85 1.87 -47.92
C ARG A 431 2.61 0.55 -47.81
N GLU A 432 2.05 -0.44 -47.12
CA GLU A 432 2.69 -1.74 -46.86
C GLU A 432 3.97 -1.56 -46.04
N LEU A 433 3.80 -1.01 -44.83
CA LEU A 433 4.92 -0.82 -43.93
C LEU A 433 4.56 -1.27 -42.52
N PHE A 434 5.59 -1.63 -41.76
CA PHE A 434 5.44 -2.06 -40.37
C PHE A 434 6.10 -1.02 -39.49
N PHE A 435 5.36 -0.49 -38.51
CA PHE A 435 5.86 0.50 -37.57
C PHE A 435 6.10 -0.19 -36.24
N MET A 436 7.33 -0.11 -35.74
CA MET A 436 7.74 -0.88 -34.57
C MET A 436 8.68 -0.06 -33.70
N GLY A 437 8.74 -0.45 -32.43
CA GLY A 437 9.66 0.15 -31.46
C GLY A 437 10.64 -0.89 -30.97
N ILE A 438 11.92 -0.49 -30.91
CA ILE A 438 13.03 -1.41 -30.68
C ILE A 438 13.87 -0.90 -29.52
N ASN A 439 14.39 -1.83 -28.72
CA ASN A 439 15.30 -1.48 -27.64
C ASN A 439 16.74 -1.43 -28.14
N HIS A 440 17.61 -0.82 -27.34
CA HIS A 440 19.04 -0.75 -27.63
C HIS A 440 19.77 -1.08 -26.32
N ILE A 441 19.99 -2.37 -26.07
CA ILE A 441 20.54 -2.86 -24.82
C ILE A 441 21.51 -3.98 -25.11
N CYS A 442 22.63 -4.03 -24.37
CA CYS A 442 23.62 -5.09 -24.53
C CYS A 442 24.04 -5.59 -23.16
N MET A 443 24.58 -6.81 -23.13
CA MET A 443 24.71 -7.60 -21.92
C MET A 443 26.12 -8.15 -21.75
N ASP A 444 26.55 -8.26 -20.49
CA ASP A 444 27.73 -8.99 -20.08
C ASP A 444 27.34 -10.11 -19.11
N TRP A 445 27.94 -11.28 -19.31
CA TRP A 445 27.63 -12.50 -18.60
C TRP A 445 28.87 -13.00 -17.89
N GLU A 446 28.77 -13.26 -16.59
CA GLU A 446 29.91 -13.73 -15.79
C GLU A 446 29.49 -14.95 -14.97
N PRO A 447 29.90 -16.16 -15.35
CA PRO A 447 29.58 -17.34 -14.55
C PRO A 447 30.56 -17.51 -13.40
N PHE A 448 30.09 -18.20 -12.36
CA PHE A 448 30.95 -18.45 -11.22
C PHE A 448 30.46 -19.66 -10.44
N MET A 449 31.38 -20.24 -9.67
CA MET A 449 31.12 -21.39 -8.81
C MET A 449 31.82 -21.17 -7.49
N LEU A 450 31.12 -21.41 -6.39
CA LEU A 450 31.66 -21.20 -5.04
C LEU A 450 31.50 -22.47 -4.22
N PRO A 451 32.56 -23.02 -3.66
CA PRO A 451 32.44 -24.23 -2.84
C PRO A 451 31.93 -23.92 -1.44
N TYR A 452 31.64 -24.98 -0.70
CA TYR A 452 31.19 -24.86 0.68
C TYR A 452 31.66 -26.11 1.44
N ARG A 453 31.07 -26.36 2.60
CA ARG A 453 31.61 -27.31 3.56
C ARG A 453 31.56 -28.76 3.10
N ALA A 454 30.36 -29.32 2.93
CA ALA A 454 30.19 -30.76 2.76
C ALA A 454 29.69 -31.04 1.34
N GLY A 455 30.64 -31.12 0.41
CA GLY A 455 30.30 -31.43 -0.98
C GLY A 455 29.30 -30.49 -1.60
N GLN A 456 29.22 -29.26 -1.10
CA GLN A 456 28.19 -28.32 -1.53
C GLN A 456 28.84 -27.20 -2.33
N PHE A 457 28.34 -26.98 -3.55
CA PHE A 457 28.82 -25.90 -4.39
C PHE A 457 27.64 -25.14 -4.97
N PHE A 458 27.86 -23.86 -5.23
CA PHE A 458 26.84 -22.96 -5.75
C PHE A 458 27.30 -22.44 -7.10
N VAL A 459 26.52 -22.72 -8.14
CA VAL A 459 26.80 -22.26 -9.50
C VAL A 459 25.83 -21.13 -9.82
N GLY A 460 26.35 -20.08 -10.42
CA GLY A 460 25.49 -18.94 -10.72
C GLY A 460 26.09 -18.07 -11.80
N ALA A 461 25.34 -17.03 -12.15
CA ALA A 461 25.75 -16.09 -13.19
C ALA A 461 25.37 -14.68 -12.78
N THR A 462 26.30 -13.75 -12.97
CA THR A 462 26.05 -12.33 -12.78
C THR A 462 25.89 -11.67 -14.15
N LEU A 463 24.79 -10.96 -14.33
CA LEU A 463 24.45 -10.35 -15.59
C LEU A 463 24.42 -8.83 -15.43
N ASN A 464 24.95 -8.12 -16.43
CA ASN A 464 24.90 -6.67 -16.47
C ASN A 464 24.36 -6.21 -17.81
N MET A 465 23.54 -5.17 -17.81
CA MET A 465 23.08 -4.55 -19.05
C MET A 465 23.53 -3.10 -19.12
N TYR A 466 23.68 -2.61 -20.34
CA TYR A 466 24.16 -1.26 -20.60
C TYR A 466 23.70 -0.84 -21.99
N PRO A 467 23.76 0.46 -22.30
CA PRO A 467 23.38 0.92 -23.65
C PRO A 467 24.36 0.43 -24.72
N GLY A 468 23.87 0.46 -25.96
CA GLY A 468 24.61 -0.07 -27.09
C GLY A 468 25.57 0.91 -27.71
N PRO A 469 26.16 0.52 -28.83
CA PRO A 469 27.19 1.37 -29.47
C PRO A 469 26.67 2.72 -29.93
N LYS A 470 25.41 2.82 -30.34
CA LYS A 470 24.86 4.06 -30.88
C LYS A 470 24.36 5.01 -29.80
N GLY A 471 24.42 4.62 -28.54
CA GLY A 471 23.99 5.43 -27.43
C GLY A 471 25.13 6.11 -26.71
N ASP A 472 24.98 6.29 -25.41
CA ASP A 472 25.97 6.96 -24.56
C ASP A 472 26.13 6.15 -23.29
N ARG A 473 27.18 5.31 -23.25
CA ARG A 473 27.38 4.42 -22.11
C ARG A 473 27.79 5.18 -20.85
N GLN A 474 28.47 6.32 -21.01
CA GLN A 474 28.93 7.07 -19.84
C GLN A 474 27.76 7.61 -19.02
N ASN A 475 26.73 8.12 -19.68
CA ASN A 475 25.61 8.73 -19.00
C ASN A 475 24.35 7.87 -18.97
N TYR A 476 24.41 6.65 -19.50
CA TYR A 476 23.32 5.68 -19.42
C TYR A 476 22.04 6.23 -20.06
N GLU A 477 22.16 6.77 -21.27
CA GLU A 477 21.03 7.28 -22.01
C GLU A 477 21.17 6.93 -23.49
N GLY A 478 20.04 6.87 -24.18
CA GLY A 478 20.03 6.45 -25.57
C GLY A 478 19.71 4.97 -25.74
N LEU A 479 18.60 4.53 -25.16
CA LEU A 479 18.26 3.11 -25.09
C LEU A 479 16.98 2.78 -25.86
N GLY A 480 16.77 3.38 -27.02
CA GLY A 480 15.56 3.11 -27.77
C GLY A 480 15.62 3.58 -29.20
N GLN A 481 14.71 3.05 -30.01
CA GLN A 481 14.58 3.42 -31.41
C GLN A 481 13.15 3.13 -31.87
N ILE A 482 12.76 3.80 -32.96
CA ILE A 482 11.49 3.53 -33.63
C ILE A 482 11.74 3.47 -35.13
N LYS A 483 11.16 2.47 -35.80
CA LYS A 483 11.50 2.21 -37.19
C LYS A 483 10.27 1.88 -38.02
N ALA A 484 10.40 2.16 -39.33
CA ALA A 484 9.44 1.71 -40.34
C ALA A 484 10.14 0.74 -41.28
N TYR A 485 9.49 -0.41 -41.53
CA TYR A 485 10.15 -1.54 -42.16
C TYR A 485 9.29 -2.14 -43.26
N ASN A 486 9.94 -2.67 -44.29
CA ASN A 486 9.30 -3.38 -45.39
C ASN A 486 9.83 -4.81 -45.43
N ALA A 487 8.93 -5.78 -45.44
CA ALA A 487 9.32 -7.17 -45.21
C ALA A 487 9.92 -7.81 -46.45
N ILE A 488 9.28 -7.65 -47.60
CA ILE A 488 9.70 -8.37 -48.79
C ILE A 488 11.07 -7.89 -49.26
N THR A 489 11.25 -6.57 -49.37
CA THR A 489 12.55 -6.05 -49.81
C THR A 489 13.58 -6.13 -48.70
N GLY A 490 13.18 -5.86 -47.46
CA GLY A 490 14.05 -5.96 -46.32
C GLY A 490 14.64 -4.65 -45.83
N ASP A 491 14.54 -3.58 -46.61
CA ASP A 491 15.13 -2.31 -46.25
C ASP A 491 14.19 -1.48 -45.38
N TYR A 492 14.78 -0.57 -44.60
CA TYR A 492 14.04 0.29 -43.68
C TYR A 492 13.85 1.65 -44.30
N LYS A 493 12.63 2.17 -44.25
CA LYS A 493 12.37 3.51 -44.78
C LYS A 493 13.01 4.58 -43.90
N TRP A 494 12.80 4.50 -42.59
CA TRP A 494 13.46 5.43 -41.68
C TRP A 494 13.52 4.82 -40.28
N GLU A 495 14.44 5.36 -39.48
CA GLU A 495 14.71 4.93 -38.12
C GLU A 495 15.13 6.15 -37.30
N LYS A 496 14.60 6.26 -36.09
CA LYS A 496 14.86 7.41 -35.24
C LYS A 496 15.15 6.94 -33.82
N MET A 497 15.87 7.78 -33.08
CA MET A 497 16.40 7.44 -31.77
C MET A 497 15.55 8.01 -30.64
N GLU A 498 15.62 7.34 -29.48
CA GLU A 498 14.87 7.73 -28.31
C GLU A 498 15.75 7.64 -27.07
N ARG A 499 15.23 8.09 -25.94
CA ARG A 499 15.98 8.11 -24.69
C ARG A 499 15.96 6.75 -24.01
N PHE A 500 14.80 6.29 -23.60
CA PHE A 500 14.62 4.95 -23.07
C PHE A 500 13.83 4.09 -24.06
N ALA A 501 13.72 2.81 -23.73
CA ALA A 501 13.10 1.84 -24.62
C ALA A 501 11.61 2.09 -24.77
N VAL A 502 11.07 1.74 -25.94
CA VAL A 502 9.63 1.86 -26.19
C VAL A 502 9.02 0.54 -25.71
N TRP A 503 8.75 0.48 -24.41
CA TRP A 503 8.08 -0.66 -23.80
C TRP A 503 6.59 -0.48 -24.02
N GLY A 504 6.10 -1.00 -25.13
CA GLY A 504 4.72 -0.78 -25.52
C GLY A 504 4.59 -0.95 -27.02
N GLY A 505 3.47 -0.47 -27.55
CA GLY A 505 3.18 -0.59 -28.96
C GLY A 505 2.94 0.76 -29.63
N THR A 506 2.69 0.69 -30.93
CA THR A 506 2.35 1.84 -31.74
C THR A 506 0.97 1.63 -32.34
N MET A 507 0.50 2.63 -33.10
CA MET A 507 -0.80 2.56 -33.73
C MET A 507 -0.81 3.54 -34.90
N ALA A 508 -1.34 3.09 -36.03
CA ALA A 508 -1.33 3.88 -37.25
C ALA A 508 -2.75 4.25 -37.66
N THR A 509 -2.91 5.46 -38.17
CA THR A 509 -4.18 5.99 -38.62
C THR A 509 -4.20 6.11 -40.15
N ALA A 510 -5.34 6.52 -40.68
CA ALA A 510 -5.51 6.59 -42.12
C ALA A 510 -4.65 7.70 -42.72
N GLY A 511 -4.69 8.90 -42.14
CA GLY A 511 -3.93 9.99 -42.70
C GLY A 511 -2.55 10.22 -42.10
N ASP A 512 -1.54 9.62 -42.71
CA ASP A 512 -0.12 9.93 -42.52
C ASP A 512 0.23 10.25 -41.08
N LEU A 513 0.00 9.30 -40.18
CA LEU A 513 0.24 9.59 -38.77
C LEU A 513 0.42 8.29 -38.00
N VAL A 514 1.33 8.32 -37.02
CA VAL A 514 1.54 7.22 -36.09
C VAL A 514 1.70 7.79 -34.68
N PHE A 515 1.19 7.06 -33.69
CA PHE A 515 1.19 7.47 -32.30
C PHE A 515 1.98 6.47 -31.46
N TYR A 516 2.65 6.97 -30.41
CA TYR A 516 3.26 6.07 -29.45
C TYR A 516 3.49 6.80 -28.13
N GLY A 517 3.86 6.03 -27.11
CA GLY A 517 4.13 6.55 -25.79
C GLY A 517 5.52 6.18 -25.30
N THR A 518 6.01 6.92 -24.31
CA THR A 518 7.37 6.74 -23.81
C THR A 518 7.35 6.70 -22.28
N LEU A 519 8.32 5.99 -21.71
CA LEU A 519 8.44 5.88 -20.26
C LEU A 519 8.80 7.20 -19.59
N ASP A 520 9.22 8.21 -20.35
CA ASP A 520 9.42 9.54 -19.78
C ASP A 520 8.10 10.14 -19.32
N GLY A 521 6.98 9.72 -19.91
CA GLY A 521 5.70 10.32 -19.61
C GLY A 521 5.21 11.19 -20.75
N TYR A 522 5.48 10.75 -21.98
CA TYR A 522 5.17 11.52 -23.17
C TYR A 522 4.28 10.72 -24.11
N LEU A 523 3.38 11.42 -24.79
CA LEU A 523 2.65 10.89 -25.93
C LEU A 523 3.12 11.64 -27.17
N LYS A 524 3.61 10.91 -28.16
CA LYS A 524 4.23 11.48 -29.34
C LYS A 524 3.49 11.04 -30.60
N ALA A 525 3.33 11.98 -31.53
CA ALA A 525 2.74 11.74 -32.84
C ALA A 525 3.75 12.15 -33.91
N ARG A 526 4.01 11.23 -34.84
CA ARG A 526 5.11 11.33 -35.78
C ARG A 526 4.57 11.37 -37.21
N ASP A 527 5.49 11.32 -38.18
CA ASP A 527 5.15 11.41 -39.59
C ASP A 527 5.41 10.07 -40.28
N SER A 528 4.50 9.67 -41.16
CA SER A 528 4.55 8.34 -41.75
C SER A 528 5.60 8.22 -42.84
N ASP A 529 5.81 9.26 -43.64
CA ASP A 529 6.69 9.16 -44.80
C ASP A 529 8.09 9.74 -44.58
N THR A 530 8.28 10.57 -43.56
CA THR A 530 9.58 11.18 -43.30
C THR A 530 10.10 10.94 -41.90
N GLY A 531 9.23 10.69 -40.93
CA GLY A 531 9.65 10.42 -39.56
C GLY A 531 9.90 11.63 -38.70
N ASP A 532 9.69 12.83 -39.21
CA ASP A 532 9.95 14.03 -38.43
C ASP A 532 8.98 14.13 -37.26
N LEU A 533 9.46 14.70 -36.15
CA LEU A 533 8.63 14.91 -34.98
C LEU A 533 7.59 15.99 -35.27
N LEU A 534 6.35 15.70 -34.92
CA LEU A 534 5.26 16.64 -35.13
C LEU A 534 4.55 17.04 -33.85
N TRP A 535 4.36 16.13 -32.90
CA TRP A 535 3.63 16.51 -31.69
C TRP A 535 4.09 15.68 -30.50
N LYS A 536 4.16 16.33 -29.33
CA LYS A 536 4.44 15.62 -28.08
C LYS A 536 3.75 16.34 -26.93
N PHE A 537 3.20 15.55 -26.01
CA PHE A 537 2.50 16.05 -24.84
C PHE A 537 2.91 15.24 -23.62
N LYS A 538 2.73 15.82 -22.45
CA LYS A 538 3.17 15.21 -21.19
C LYS A 538 1.98 14.67 -20.40
N ILE A 539 2.09 13.43 -19.94
CA ILE A 539 1.03 12.75 -19.20
C ILE A 539 1.55 12.53 -17.79
N PRO A 540 0.66 12.24 -16.82
CA PRO A 540 1.13 12.15 -15.42
C PRO A 540 2.23 11.14 -15.19
N SER A 541 2.22 10.00 -15.88
CA SER A 541 3.24 8.99 -15.69
C SER A 541 3.49 8.27 -17.01
N GLY A 542 4.63 7.60 -17.09
CA GLY A 542 4.98 6.92 -18.33
C GLY A 542 4.02 5.81 -18.66
N ALA A 543 3.92 5.51 -19.96
CA ALA A 543 2.93 4.58 -20.48
C ALA A 543 3.60 3.32 -21.03
N ILE A 544 2.99 2.17 -20.78
CA ILE A 544 3.48 0.90 -21.28
C ILE A 544 2.38 0.15 -22.02
N GLY A 545 1.36 0.88 -22.47
CA GLY A 545 0.30 0.32 -23.28
C GLY A 545 0.40 0.75 -24.73
N TYR A 546 -0.74 0.73 -25.41
CA TYR A 546 -0.82 1.24 -26.77
C TYR A 546 -2.06 2.10 -26.93
N PRO A 547 -1.99 3.16 -27.73
CA PRO A 547 -3.14 4.06 -27.88
C PRO A 547 -4.27 3.43 -28.70
N MET A 548 -5.48 3.93 -28.48
CA MET A 548 -6.62 3.50 -29.27
C MET A 548 -7.47 4.71 -29.63
N THR A 549 -8.31 4.55 -30.66
CA THR A 549 -9.12 5.66 -31.16
C THR A 549 -10.53 5.18 -31.46
N TYR A 550 -11.48 6.11 -31.40
CA TYR A 550 -12.87 5.79 -31.68
C TYR A 550 -13.63 7.07 -32.02
N THR A 551 -14.91 6.92 -32.35
CA THR A 551 -15.82 8.04 -32.59
C THR A 551 -17.10 7.83 -31.79
N HIS A 552 -17.68 8.93 -31.30
CA HIS A 552 -18.93 8.87 -30.57
C HIS A 552 -20.07 9.56 -31.30
N LYS A 553 -19.94 10.85 -31.58
CA LYS A 553 -20.95 11.59 -32.33
C LYS A 553 -20.22 12.65 -33.16
N GLY A 554 -19.84 12.27 -34.37
CA GLY A 554 -19.13 13.19 -35.25
C GLY A 554 -17.82 13.71 -34.70
N THR A 555 -17.28 13.05 -33.67
CA THR A 555 -16.06 13.52 -33.02
C THR A 555 -15.16 12.31 -32.75
N GLN A 556 -13.86 12.50 -32.97
CA GLN A 556 -12.88 11.43 -32.84
C GLN A 556 -12.07 11.60 -31.57
N TYR A 557 -11.94 10.53 -30.80
CA TYR A 557 -11.22 10.54 -29.53
C TYR A 557 -10.08 9.54 -29.55
N VAL A 558 -9.00 9.88 -28.85
CA VAL A 558 -7.82 9.03 -28.73
C VAL A 558 -7.53 8.82 -27.24
N ALA A 559 -7.49 7.57 -26.81
CA ALA A 559 -7.36 7.22 -25.40
C ALA A 559 -6.10 6.41 -25.15
N ILE A 560 -5.52 6.60 -23.95
CA ILE A 560 -4.32 5.90 -23.55
C ILE A 560 -4.28 5.77 -22.04
N TYR A 561 -3.70 4.66 -21.56
CA TYR A 561 -3.42 4.45 -20.15
C TYR A 561 -2.15 5.19 -19.72
N TYR A 562 -2.06 5.46 -18.43
CA TYR A 562 -0.82 5.93 -17.83
C TYR A 562 -0.60 5.21 -16.51
N GLY A 563 0.68 5.08 -16.14
CA GLY A 563 1.09 4.28 -15.01
C GLY A 563 2.31 3.45 -15.40
N VAL A 564 3.39 3.58 -14.64
CA VAL A 564 4.67 2.97 -14.99
C VAL A 564 4.86 1.70 -14.17
N GLY A 565 5.51 0.71 -14.77
CA GLY A 565 5.76 -0.55 -14.13
C GLY A 565 6.53 -1.52 -15.02
N GLY A 566 6.25 -2.81 -14.88
CA GLY A 566 6.91 -3.79 -15.72
C GLY A 566 8.36 -4.03 -15.30
N TRP A 567 9.08 -4.70 -16.20
CA TRP A 567 10.50 -4.98 -15.96
C TRP A 567 11.32 -3.71 -15.81
N PRO A 568 11.25 -2.72 -16.69
CA PRO A 568 12.07 -1.51 -16.49
C PRO A 568 11.73 -0.74 -15.22
N GLY A 569 10.49 -0.87 -14.72
CA GLY A 569 10.10 -0.13 -13.55
C GLY A 569 10.18 -0.93 -12.26
N VAL A 570 10.85 -2.08 -12.29
CA VAL A 570 10.95 -2.90 -11.10
C VAL A 570 11.78 -2.21 -10.03
N GLY A 571 12.74 -1.37 -10.42
CA GLY A 571 13.55 -0.68 -9.44
C GLY A 571 12.86 0.46 -8.75
N LEU A 572 11.82 1.03 -9.35
CA LEU A 572 11.07 2.12 -8.75
C LEU A 572 9.90 1.64 -7.91
N VAL A 573 9.29 0.50 -8.29
CA VAL A 573 8.15 -0.01 -7.54
C VAL A 573 8.59 -0.54 -6.18
N PHE A 574 9.68 -1.30 -6.15
CA PHE A 574 10.16 -1.92 -4.93
C PHE A 574 11.31 -1.17 -4.27
N ASP A 575 11.74 -0.04 -4.85
CA ASP A 575 12.77 0.82 -4.27
C ASP A 575 14.06 0.06 -4.01
N LEU A 576 14.68 -0.38 -5.10
CA LEU A 576 15.93 -1.13 -5.04
C LEU A 576 17.09 -0.27 -5.53
N ALA A 577 18.27 -0.51 -4.95
CA ALA A 577 19.46 0.26 -5.28
C ALA A 577 20.63 -0.58 -5.77
N ASP A 578 20.58 -1.90 -5.61
CA ASP A 578 21.67 -2.74 -6.08
C ASP A 578 21.70 -2.76 -7.61
N PRO A 579 22.83 -2.42 -8.24
CA PRO A 579 22.88 -2.45 -9.70
C PRO A 579 22.57 -3.80 -10.31
N THR A 580 22.90 -4.90 -9.63
CA THR A 580 22.71 -6.24 -10.16
C THR A 580 21.32 -6.80 -9.88
N ALA A 581 20.46 -6.05 -9.19
CA ALA A 581 19.11 -6.52 -8.93
C ALA A 581 18.30 -6.54 -10.22
N GLY A 582 17.42 -7.52 -10.33
CA GLY A 582 16.64 -7.69 -11.55
C GLY A 582 17.50 -8.01 -12.76
N LEU A 583 18.51 -8.87 -12.57
CA LEU A 583 19.45 -9.29 -13.60
C LEU A 583 20.25 -8.13 -14.18
N GLY A 584 20.15 -6.94 -13.61
CA GLY A 584 20.82 -5.77 -14.12
C GLY A 584 19.92 -4.68 -14.64
N ALA A 585 18.60 -4.83 -14.51
CA ALA A 585 17.68 -3.79 -14.96
C ALA A 585 17.75 -2.55 -14.09
N VAL A 586 18.05 -2.71 -12.79
CA VAL A 586 18.15 -1.57 -11.90
C VAL A 586 19.27 -0.64 -12.35
N GLY A 587 20.43 -1.22 -12.71
CA GLY A 587 21.53 -0.41 -13.19
C GLY A 587 21.25 0.24 -14.53
N ALA A 588 20.59 -0.48 -15.43
CA ALA A 588 20.35 0.05 -16.78
C ALA A 588 19.42 1.25 -16.74
N PHE A 589 18.37 1.21 -15.92
CA PHE A 589 17.37 2.25 -15.86
C PHE A 589 17.49 3.07 -14.58
N LYS A 590 18.72 3.37 -14.18
CA LYS A 590 18.95 4.14 -12.95
C LYS A 590 18.54 5.60 -13.09
N LYS A 591 18.43 6.11 -14.31
CA LYS A 591 18.07 7.50 -14.54
C LYS A 591 16.57 7.71 -14.72
N LEU A 592 15.75 6.68 -14.56
CA LEU A 592 14.32 6.82 -14.71
C LEU A 592 13.67 7.52 -13.52
N ALA A 593 14.34 7.55 -12.37
CA ALA A 593 13.73 8.11 -11.16
C ALA A 593 13.60 9.63 -11.25
N ASN A 594 14.55 10.31 -11.88
CA ASN A 594 14.50 11.76 -12.01
C ASN A 594 13.77 12.21 -13.28
N TYR A 595 12.86 11.38 -13.79
CA TYR A 595 11.99 11.77 -14.89
C TYR A 595 10.53 11.39 -14.68
N THR A 596 10.22 10.45 -13.80
CA THR A 596 8.85 9.99 -13.64
C THR A 596 8.67 9.36 -12.26
N GLN A 597 7.41 9.19 -11.89
CA GLN A 597 7.01 8.49 -10.66
C GLN A 597 5.87 7.55 -11.01
N MET A 598 5.28 6.93 -9.99
CA MET A 598 4.20 5.97 -10.20
C MET A 598 2.85 6.68 -10.36
N GLY A 599 1.84 5.90 -10.74
CA GLY A 599 0.51 6.42 -10.94
C GLY A 599 -0.44 5.40 -11.54
N GLY A 600 -1.40 5.85 -12.35
CA GLY A 600 -2.30 4.95 -13.03
C GLY A 600 -3.67 5.52 -13.33
N GLY A 601 -4.13 5.34 -14.56
CA GLY A 601 -5.41 5.87 -14.98
C GLY A 601 -5.50 5.91 -16.49
N VAL A 602 -6.51 6.63 -16.97
CA VAL A 602 -6.79 6.74 -18.40
C VAL A 602 -6.97 8.20 -18.77
N VAL A 603 -6.45 8.59 -19.94
CA VAL A 603 -6.57 9.94 -20.47
C VAL A 603 -7.14 9.86 -21.89
N VAL A 604 -8.06 10.78 -22.21
CA VAL A 604 -8.76 10.80 -23.49
C VAL A 604 -8.61 12.20 -24.09
N PHE A 605 -8.02 12.26 -25.28
CA PHE A 605 -7.73 13.47 -26.04
C PHE A 605 -8.72 13.60 -27.19
N SER A 606 -8.91 14.85 -27.62
CA SER A 606 -9.73 15.18 -28.78
C SER A 606 -9.24 16.51 -29.35
N LEU A 607 -9.67 16.80 -30.57
CA LEU A 607 -9.31 18.08 -31.19
C LEU A 607 -9.91 19.24 -30.41
N ASP A 608 -9.09 20.23 -30.13
CA ASP A 608 -9.44 21.43 -29.36
C ASP A 608 -9.94 21.11 -27.95
N GLY A 609 -9.82 19.86 -27.51
CA GLY A 609 -10.24 19.50 -26.17
C GLY A 609 -11.73 19.56 -25.94
N LYS A 610 -12.53 19.54 -27.00
CA LYS A 610 -13.97 19.58 -26.84
C LYS A 610 -14.51 18.21 -26.50
N GLY A 611 -15.47 18.16 -25.58
CA GLY A 611 -16.00 16.91 -25.10
C GLY A 611 -17.41 17.00 -24.54
N PRO A 612 -17.77 16.06 -23.68
CA PRO A 612 -19.15 15.99 -23.19
C PRO A 612 -19.58 17.18 -22.36
N TYR A 613 -18.66 17.83 -21.65
CA TYR A 613 -18.98 18.91 -20.72
C TYR A 613 -18.79 20.28 -21.33
N ASP A 614 -19.02 20.42 -22.64
CA ASP A 614 -18.96 21.74 -23.26
C ASP A 614 -20.04 22.66 -22.69
N ASP A 615 -21.24 22.13 -22.45
CA ASP A 615 -22.25 22.84 -21.69
C ASP A 615 -22.10 22.50 -20.21
N PRO A 616 -21.79 23.48 -19.35
CA PRO A 616 -21.50 23.16 -17.95
C PRO A 616 -22.70 22.66 -17.16
N ASN A 617 -23.91 22.70 -17.72
CA ASN A 617 -25.12 22.32 -17.01
C ASN A 617 -25.53 20.89 -17.32
N VAL A 618 -24.56 19.99 -17.46
CA VAL A 618 -24.81 18.57 -17.68
C VAL A 618 -24.19 17.80 -16.53
N GLY A 619 -25.00 17.02 -15.83
CA GLY A 619 -24.51 16.17 -14.76
C GLY A 619 -24.44 16.80 -13.39
N GLU A 620 -25.16 17.89 -13.14
CA GLU A 620 -25.17 18.54 -11.84
C GLU A 620 -26.42 18.13 -11.06
N TRP A 621 -26.39 18.39 -9.76
CA TRP A 621 -27.49 18.01 -8.90
C TRP A 621 -28.72 18.88 -9.18
N LYS A 622 -29.90 18.25 -9.15
CA LYS A 622 -31.17 18.92 -9.36
C LYS A 622 -31.20 19.70 -10.67
N ASN B 28 9.03 40.00 7.24
CA ASN B 28 10.26 40.33 6.53
C ASN B 28 10.13 41.62 5.74
N ASP B 29 11.27 42.22 5.40
CA ASP B 29 11.34 43.38 4.54
C ASP B 29 11.72 43.01 3.11
N LYS B 30 11.66 41.74 2.76
CA LYS B 30 11.88 41.28 1.39
C LYS B 30 10.72 40.40 0.95
N LEU B 31 10.09 39.72 1.91
CA LEU B 31 8.99 38.83 1.59
C LEU B 31 7.78 39.61 1.08
N VAL B 32 7.51 40.79 1.67
CA VAL B 32 6.39 41.61 1.22
C VAL B 32 6.63 42.09 -0.20
N GLU B 33 7.84 42.57 -0.49
CA GLU B 33 8.15 43.01 -1.85
C GLU B 33 8.12 41.86 -2.85
N LEU B 34 8.51 40.66 -2.43
CA LEU B 34 8.35 39.49 -3.29
C LEU B 34 6.88 39.24 -3.57
N SER B 35 6.03 39.37 -2.57
CA SER B 35 4.59 39.18 -2.79
C SER B 35 4.00 40.27 -3.67
N LYS B 36 4.60 41.46 -3.67
CA LYS B 36 4.14 42.51 -4.57
C LYS B 36 4.28 42.10 -6.03
N SER B 37 5.40 41.46 -6.37
CA SER B 37 5.59 40.95 -7.72
C SER B 37 4.59 39.83 -8.01
N ASP B 38 4.22 39.70 -9.27
CA ASP B 38 3.14 38.81 -9.68
C ASP B 38 3.66 37.49 -10.25
N ASP B 39 4.95 37.22 -10.12
CA ASP B 39 5.55 35.97 -10.59
C ASP B 39 5.69 34.93 -9.48
N ASN B 40 5.22 35.22 -8.26
CA ASN B 40 5.52 34.40 -7.11
C ASN B 40 4.26 34.11 -6.29
N TRP B 41 4.31 33.00 -5.57
CA TRP B 41 3.32 32.63 -4.55
C TRP B 41 4.13 32.06 -3.39
N VAL B 42 4.47 32.91 -2.42
CA VAL B 42 5.57 32.64 -1.51
C VAL B 42 5.11 32.00 -0.20
N MET B 43 3.86 32.17 0.16
CA MET B 43 3.36 31.65 1.43
C MET B 43 1.92 31.20 1.26
N PRO B 44 1.46 30.27 2.13
CA PRO B 44 0.05 29.89 2.08
C PRO B 44 -0.87 31.05 2.42
N GLY B 45 -1.62 31.51 1.42
CA GLY B 45 -2.42 32.73 1.54
C GLY B 45 -1.96 33.85 0.64
N LYS B 46 -0.78 33.73 0.04
CA LYS B 46 -0.23 34.65 -0.96
C LYS B 46 0.18 36.00 -0.37
N ASN B 47 -0.13 36.24 0.90
CA ASN B 47 0.25 37.48 1.56
C ASN B 47 -0.02 37.32 3.05
N TYR B 48 0.22 38.40 3.80
CA TYR B 48 0.07 38.37 5.25
C TYR B 48 -1.36 38.59 5.71
N ASP B 49 -2.31 38.79 4.80
CA ASP B 49 -3.71 38.96 5.15
C ASP B 49 -4.56 37.73 4.86
N SER B 50 -4.01 36.70 4.21
CA SER B 50 -4.73 35.48 3.89
C SER B 50 -6.01 35.76 3.09
N ASN B 51 -5.92 36.70 2.16
CA ASN B 51 -7.07 37.06 1.35
C ASN B 51 -7.20 36.22 0.08
N ASN B 52 -6.12 35.61 -0.38
CA ASN B 52 -6.11 34.77 -1.59
C ASN B 52 -6.67 35.55 -2.79
N PHE B 53 -5.98 36.63 -3.13
CA PHE B 53 -6.41 37.51 -4.21
C PHE B 53 -5.22 37.82 -5.12
N SER B 54 -5.43 37.68 -6.42
CA SER B 54 -4.44 38.01 -7.44
C SER B 54 -4.86 39.28 -8.16
N ASP B 55 -3.97 39.77 -9.02
CA ASP B 55 -4.20 40.99 -9.80
C ASP B 55 -3.89 40.74 -11.27
N LEU B 56 -4.42 39.64 -11.81
CA LEU B 56 -4.23 39.27 -13.21
C LEU B 56 -5.58 39.32 -13.91
N LYS B 57 -5.61 39.94 -15.09
CA LYS B 57 -6.83 40.06 -15.89
C LYS B 57 -6.74 39.36 -17.24
N GLN B 58 -5.68 38.57 -17.47
CA GLN B 58 -5.56 37.88 -18.75
C GLN B 58 -6.67 36.86 -18.94
N ILE B 59 -7.04 36.17 -17.87
CA ILE B 59 -8.16 35.22 -17.89
C ILE B 59 -9.35 35.90 -17.22
N ASN B 60 -10.43 36.07 -17.97
CA ASN B 60 -11.60 36.78 -17.46
C ASN B 60 -12.85 36.16 -18.09
N LYS B 61 -13.99 36.84 -17.91
CA LYS B 61 -15.24 36.34 -18.45
C LYS B 61 -15.22 36.27 -19.98
N GLY B 62 -14.39 37.08 -20.62
CA GLY B 62 -14.34 37.07 -22.07
C GLY B 62 -13.83 35.76 -22.63
N ASN B 63 -12.73 35.26 -22.08
CA ASN B 63 -12.11 34.01 -22.56
C ASN B 63 -11.83 33.10 -21.37
N VAL B 64 -12.83 32.31 -20.99
CA VAL B 64 -12.65 31.25 -20.01
C VAL B 64 -13.07 29.89 -20.55
N LYS B 65 -13.90 29.83 -21.59
CA LYS B 65 -14.31 28.57 -22.20
C LYS B 65 -13.17 27.91 -22.98
N GLN B 66 -12.09 28.64 -23.27
CA GLN B 66 -10.97 28.11 -24.00
C GLN B 66 -9.86 27.62 -23.09
N LEU B 67 -10.17 27.29 -21.84
CA LEU B 67 -9.18 26.85 -20.87
C LEU B 67 -9.04 25.34 -20.93
N ARG B 68 -7.85 24.86 -21.26
CA ARG B 68 -7.55 23.44 -21.35
C ARG B 68 -6.23 23.16 -20.64
N PRO B 69 -6.03 21.93 -20.14
CA PRO B 69 -4.81 21.64 -19.38
C PRO B 69 -3.54 21.84 -20.19
N ALA B 70 -2.50 22.32 -19.50
CA ALA B 70 -1.18 22.48 -20.08
C ALA B 70 -0.24 21.32 -19.73
N TRP B 71 -0.13 20.96 -18.45
CA TRP B 71 0.66 19.77 -18.12
C TRP B 71 0.34 19.29 -16.72
N THR B 72 0.73 18.05 -16.43
CA THR B 72 0.34 17.41 -15.19
C THR B 72 1.42 16.47 -14.68
N PHE B 73 1.33 16.16 -13.38
CA PHE B 73 2.24 15.26 -12.68
C PHE B 73 1.47 14.34 -11.74
N SER B 74 2.06 13.17 -11.51
CA SER B 74 1.59 12.24 -10.49
C SER B 74 2.71 12.02 -9.48
N THR B 75 2.36 12.03 -8.19
CA THR B 75 3.38 11.98 -7.15
C THR B 75 3.82 10.55 -6.87
N GLY B 76 2.88 9.67 -6.55
CA GLY B 76 3.23 8.29 -6.28
C GLY B 76 2.67 7.76 -4.98
N LEU B 77 1.69 8.48 -4.41
CA LEU B 77 1.07 8.05 -3.17
C LEU B 77 -0.44 8.21 -3.28
N LEU B 78 -1.17 7.35 -2.56
CA LEU B 78 -2.63 7.29 -2.60
C LEU B 78 -3.18 7.70 -1.24
N ASN B 79 -3.38 9.01 -1.04
CA ASN B 79 -4.01 9.53 0.16
C ASN B 79 -4.60 10.88 -0.18
N GLY B 80 -4.98 11.64 0.85
CA GLY B 80 -5.45 12.99 0.65
C GLY B 80 -4.30 13.95 0.36
N HIS B 81 -4.63 15.02 -0.36
CA HIS B 81 -3.65 16.05 -0.72
C HIS B 81 -4.25 17.42 -0.43
N GLU B 82 -3.62 18.16 0.49
CA GLU B 82 -4.09 19.46 0.91
C GLU B 82 -3.00 20.51 0.67
N GLY B 83 -3.43 21.76 0.62
CA GLY B 83 -2.52 22.86 0.34
C GLY B 83 -2.32 23.08 -1.15
N ALA B 84 -1.46 24.04 -1.45
CA ALA B 84 -1.12 24.41 -2.81
C ALA B 84 0.39 24.49 -2.97
N PRO B 85 0.91 24.28 -4.18
CA PRO B 85 2.35 24.33 -4.38
C PRO B 85 2.88 25.75 -4.28
N LEU B 86 4.22 25.86 -4.27
CA LEU B 86 4.87 27.16 -4.20
C LEU B 86 5.68 27.40 -5.46
N VAL B 87 5.76 28.67 -5.87
CA VAL B 87 6.50 29.07 -7.06
C VAL B 87 7.34 30.29 -6.70
N VAL B 88 8.66 30.11 -6.64
CA VAL B 88 9.57 31.20 -6.30
C VAL B 88 10.78 31.15 -7.22
N ASP B 89 11.17 32.30 -7.75
CA ASP B 89 12.42 32.46 -8.50
C ASP B 89 12.51 31.52 -9.69
N GLY B 90 11.37 31.21 -10.32
CA GLY B 90 11.36 30.34 -11.47
C GLY B 90 11.35 28.86 -11.16
N LYS B 91 11.16 28.47 -9.90
CA LYS B 91 11.15 27.07 -9.52
C LYS B 91 9.85 26.76 -8.77
N MET B 92 9.40 25.53 -8.91
CA MET B 92 8.16 25.06 -8.30
C MET B 92 8.46 24.00 -7.25
N TYR B 93 7.94 24.20 -6.04
CA TYR B 93 8.16 23.30 -4.91
C TYR B 93 6.83 22.63 -4.56
N ILE B 94 6.87 21.30 -4.43
CA ILE B 94 5.69 20.47 -4.25
C ILE B 94 5.90 19.53 -3.07
N HIS B 95 4.88 19.39 -2.22
CA HIS B 95 4.91 18.50 -1.07
C HIS B 95 3.91 17.37 -1.25
N THR B 96 3.90 16.44 -0.28
CA THR B 96 3.08 15.25 -0.37
C THR B 96 2.70 14.79 1.04
N SER B 97 1.73 13.88 1.11
CA SER B 97 1.29 13.29 2.36
C SER B 97 2.28 12.21 2.79
N PHE B 98 1.88 11.40 3.77
CA PHE B 98 2.75 10.41 4.38
C PHE B 98 3.37 9.52 3.30
N PRO B 99 4.70 9.33 3.29
CA PRO B 99 5.70 9.79 4.27
C PRO B 99 6.32 11.16 4.02
N ASN B 100 5.56 12.12 3.48
CA ASN B 100 5.95 13.53 3.40
C ASN B 100 7.23 13.72 2.58
N ASN B 101 7.12 13.42 1.30
CA ASN B 101 8.20 13.68 0.35
C ASN B 101 8.12 15.11 -0.16
N THR B 102 9.20 15.56 -0.80
CA THR B 102 9.26 16.90 -1.37
C THR B 102 9.95 16.84 -2.73
N PHE B 103 9.46 17.64 -3.68
CA PHE B 103 9.98 17.68 -5.04
C PHE B 103 10.19 19.12 -5.48
N ALA B 104 11.17 19.32 -6.36
CA ALA B 104 11.42 20.61 -6.98
C ALA B 104 11.45 20.44 -8.49
N LEU B 105 10.90 21.41 -9.20
CA LEU B 105 10.73 21.34 -10.64
C LEU B 105 11.08 22.68 -11.27
N GLY B 106 11.50 22.64 -12.53
CA GLY B 106 11.81 23.83 -13.29
C GLY B 106 10.69 24.15 -14.28
N LEU B 107 10.34 25.43 -14.36
CA LEU B 107 9.21 25.83 -15.19
C LEU B 107 9.52 25.72 -16.68
N ASP B 108 10.77 25.94 -17.07
CA ASP B 108 11.14 25.82 -18.48
C ASP B 108 10.99 24.38 -18.97
N ASP B 109 11.43 23.41 -18.17
CA ASP B 109 11.35 22.00 -18.51
C ASP B 109 10.75 21.26 -17.33
N PRO B 110 9.42 21.19 -17.24
CA PRO B 110 8.79 20.54 -16.07
C PRO B 110 9.16 19.08 -15.91
N GLY B 111 9.46 18.36 -17.00
CA GLY B 111 9.69 16.93 -16.90
C GLY B 111 10.86 16.57 -16.02
N THR B 112 11.95 17.32 -16.10
CA THR B 112 13.13 17.03 -15.29
C THR B 112 12.89 17.42 -13.84
N ILE B 113 13.36 16.58 -12.92
CA ILE B 113 13.26 16.82 -11.49
C ILE B 113 14.65 17.23 -11.00
N LEU B 114 14.77 18.48 -10.53
CA LEU B 114 16.08 19.00 -10.15
C LEU B 114 16.63 18.29 -8.92
N TRP B 115 15.83 18.20 -7.86
CA TRP B 115 16.24 17.43 -6.69
C TRP B 115 14.99 16.93 -5.96
N GLN B 116 15.18 15.86 -5.20
CA GLN B 116 14.09 15.27 -4.44
C GLN B 116 14.59 14.86 -3.07
N ASP B 117 13.68 14.89 -2.10
CA ASP B 117 13.97 14.51 -0.72
C ASP B 117 12.96 13.46 -0.28
N LYS B 118 13.45 12.36 0.30
CA LYS B 118 12.61 11.24 0.72
C LYS B 118 12.92 10.89 2.16
N PRO B 119 12.17 11.44 3.12
CA PRO B 119 12.40 11.11 4.52
C PRO B 119 11.93 9.70 4.85
N LYS B 120 12.38 9.22 6.00
CA LYS B 120 11.95 7.93 6.53
C LYS B 120 11.72 8.06 8.03
N GLN B 121 10.58 7.54 8.50
CA GLN B 121 10.24 7.59 9.91
C GLN B 121 9.44 6.36 10.29
N ASN B 122 9.11 6.28 11.57
CA ASN B 122 8.51 5.07 12.14
C ASN B 122 7.10 4.87 11.58
N PRO B 123 6.80 3.69 11.05
CA PRO B 123 5.42 3.41 10.62
C PRO B 123 4.41 3.41 11.76
N ALA B 124 4.85 3.39 13.01
CA ALA B 124 3.93 3.42 14.14
C ALA B 124 3.19 4.75 14.27
N ALA B 125 3.58 5.77 13.51
CA ALA B 125 2.87 7.04 13.52
C ALA B 125 1.53 6.97 12.80
N ARG B 126 1.25 5.87 12.08
CA ARG B 126 -0.01 5.75 11.36
C ARG B 126 -1.20 5.62 12.29
N ALA B 127 -1.02 4.97 13.45
CA ALA B 127 -2.13 4.60 14.31
C ALA B 127 -2.56 5.70 15.28
N VAL B 128 -1.88 6.84 15.28
CA VAL B 128 -2.21 7.93 16.20
C VAL B 128 -2.92 9.09 15.53
N ALA B 129 -2.99 9.11 14.20
CA ALA B 129 -3.70 10.18 13.52
C ALA B 129 -5.21 9.97 13.63
N CYS B 130 -5.95 11.07 13.82
CA CYS B 130 -7.40 10.96 13.96
C CYS B 130 -8.06 10.52 12.67
N CYS B 131 -7.78 11.23 11.59
CA CYS B 131 -8.73 11.34 10.50
C CYS B 131 -8.15 10.85 9.19
N ASP B 132 -6.99 11.38 8.79
CA ASP B 132 -6.28 10.93 7.61
C ASP B 132 -4.86 11.46 7.69
N LEU B 133 -3.99 10.85 6.89
CA LEU B 133 -2.56 11.21 6.87
C LEU B 133 -2.38 12.33 5.87
N VAL B 134 -2.37 13.58 6.36
CA VAL B 134 -2.40 14.76 5.51
C VAL B 134 -1.35 15.76 5.99
N ASN B 135 -1.18 16.82 5.19
CA ASN B 135 -0.27 17.92 5.49
C ASN B 135 -0.81 19.17 4.79
N ARG B 136 -0.35 20.34 5.24
CA ARG B 136 -0.92 21.60 4.79
C ARG B 136 -0.05 22.39 3.84
N GLY B 137 1.25 22.51 4.08
CA GLY B 137 2.08 23.28 3.17
C GLY B 137 3.50 23.42 3.65
N LEU B 138 4.25 24.22 2.90
CA LEU B 138 5.68 24.49 3.12
C LEU B 138 5.89 25.98 3.35
N ALA B 139 7.11 26.34 3.72
CA ALA B 139 7.46 27.74 3.92
C ALA B 139 8.79 28.05 3.25
N TYR B 140 9.00 29.34 2.95
CA TYR B 140 10.20 29.80 2.25
C TYR B 140 10.78 31.01 2.96
N TRP B 141 12.11 31.03 3.10
CA TRP B 141 12.82 32.15 3.70
C TRP B 141 13.89 32.66 2.75
N PRO B 142 13.87 33.96 2.41
CA PRO B 142 14.74 34.44 1.33
C PRO B 142 16.22 34.43 1.66
N GLY B 143 16.60 34.87 2.86
CA GLY B 143 17.98 34.81 3.27
C GLY B 143 18.74 36.11 3.19
N ASP B 144 19.65 36.31 4.14
CA ASP B 144 20.54 37.46 4.14
C ASP B 144 21.76 37.14 3.27
N GLY B 145 22.79 37.98 3.36
CA GLY B 145 23.98 37.76 2.57
C GLY B 145 24.71 36.48 2.92
N LYS B 146 24.73 36.12 4.20
CA LYS B 146 25.52 34.97 4.64
C LYS B 146 24.76 33.66 4.41
N THR B 147 23.58 33.52 5.02
CA THR B 147 22.81 32.28 4.93
C THR B 147 21.91 32.32 3.70
N PRO B 148 21.92 31.28 2.86
CA PRO B 148 21.10 31.31 1.65
C PRO B 148 19.61 31.09 1.91
N ALA B 149 18.82 31.03 0.84
CA ALA B 149 17.39 30.80 0.96
C ALA B 149 17.11 29.38 1.47
N LEU B 150 16.01 29.23 2.20
CA LEU B 150 15.68 27.98 2.86
C LEU B 150 14.22 27.61 2.63
N ILE B 151 13.96 26.31 2.66
CA ILE B 151 12.62 25.75 2.58
C ILE B 151 12.34 25.00 3.88
N LEU B 152 11.25 25.36 4.55
CA LEU B 152 10.88 24.83 5.85
C LEU B 152 9.72 23.86 5.72
N LYS B 153 9.85 22.69 6.34
CA LYS B 153 8.88 21.61 6.22
C LYS B 153 8.67 20.94 7.56
N THR B 154 7.56 20.22 7.66
CA THR B 154 7.17 19.52 8.89
C THR B 154 6.87 18.05 8.58
N GLN B 155 7.07 17.20 9.57
CA GLN B 155 6.84 15.77 9.44
C GLN B 155 6.06 15.29 10.66
N LEU B 156 5.03 14.46 10.41
CA LEU B 156 4.04 14.12 11.41
C LEU B 156 4.57 13.22 12.52
N ASP B 157 5.78 12.67 12.37
CA ASP B 157 6.40 12.00 13.51
C ASP B 157 6.77 12.99 14.61
N GLY B 158 6.66 14.29 14.33
CA GLY B 158 6.97 15.31 15.30
C GLY B 158 8.29 15.99 15.02
N ASN B 159 8.57 16.28 13.74
CA ASN B 159 9.86 16.82 13.36
C ASN B 159 9.71 18.04 12.47
N VAL B 160 10.67 18.95 12.57
CA VAL B 160 10.72 20.16 11.76
C VAL B 160 12.08 20.21 11.08
N ALA B 161 12.07 20.46 9.77
CA ALA B 161 13.30 20.41 8.98
C ALA B 161 13.43 21.63 8.09
N ALA B 162 14.68 21.99 7.81
CA ALA B 162 15.03 23.04 6.88
C ALA B 162 15.97 22.49 5.82
N LEU B 163 15.73 22.86 4.56
CA LEU B 163 16.54 22.41 3.45
C LEU B 163 16.99 23.61 2.62
N ASN B 164 18.11 23.46 1.94
CA ASN B 164 18.57 24.52 1.05
C ASN B 164 17.71 24.54 -0.21
N ALA B 165 17.33 25.74 -0.64
CA ALA B 165 16.37 25.88 -1.74
C ALA B 165 16.97 25.52 -3.08
N GLU B 166 18.30 25.59 -3.23
CA GLU B 166 18.93 25.34 -4.52
C GLU B 166 19.40 23.89 -4.65
N THR B 167 20.28 23.44 -3.75
CA THR B 167 20.84 22.10 -3.86
C THR B 167 19.91 21.04 -3.29
N GLY B 168 19.30 21.31 -2.15
CA GLY B 168 18.44 20.36 -1.48
C GLY B 168 19.02 19.69 -0.26
N GLU B 169 20.17 20.14 0.22
CA GLU B 169 20.81 19.57 1.40
C GLU B 169 20.11 20.07 2.67
N THR B 170 20.37 19.36 3.77
CA THR B 170 19.74 19.66 5.05
C THR B 170 20.67 20.50 5.91
N VAL B 171 20.13 21.54 6.51
CA VAL B 171 20.89 22.45 7.37
C VAL B 171 20.69 22.12 8.84
N TRP B 172 19.44 22.01 9.29
CA TRP B 172 19.17 21.63 10.67
C TRP B 172 17.83 20.92 10.75
N LYS B 173 17.65 20.14 11.82
CA LYS B 173 16.47 19.32 12.00
C LYS B 173 16.21 19.17 13.49
N VAL B 174 14.99 19.48 13.93
CA VAL B 174 14.66 19.47 15.35
C VAL B 174 13.38 18.65 15.57
N GLU B 175 13.17 18.28 16.83
CA GLU B 175 12.01 17.51 17.25
C GLU B 175 11.09 18.39 18.10
N ASN B 176 9.79 18.24 17.91
CA ASN B 176 8.82 19.09 18.59
C ASN B 176 7.77 18.33 19.39
N SER B 177 7.30 17.19 18.88
CA SER B 177 6.22 16.44 19.50
C SER B 177 6.70 15.05 19.90
N ASP B 178 5.83 14.33 20.60
CA ASP B 178 6.11 12.97 21.07
C ASP B 178 5.02 12.05 20.59
N ILE B 179 5.40 11.02 19.82
CA ILE B 179 4.44 10.04 19.33
C ILE B 179 3.94 9.17 20.47
N LYS B 180 4.77 8.92 21.50
CA LYS B 180 4.38 8.03 22.59
C LYS B 180 3.16 8.57 23.34
N VAL B 181 3.12 9.89 23.57
CA VAL B 181 1.97 10.50 24.23
C VAL B 181 0.80 10.67 23.29
N GLY B 182 1.03 10.66 21.98
CA GLY B 182 -0.05 10.79 21.02
C GLY B 182 -0.12 12.15 20.37
N SER B 183 1.03 12.71 20.01
CA SER B 183 1.09 14.02 19.38
C SER B 183 1.58 13.88 17.94
N THR B 184 0.82 14.47 17.02
CA THR B 184 1.11 14.40 15.60
C THR B 184 1.07 15.82 15.02
N LEU B 185 1.96 16.09 14.07
CA LEU B 185 2.13 17.42 13.52
C LEU B 185 1.72 17.41 12.05
N THR B 186 0.56 18.00 11.75
CA THR B 186 0.06 18.08 10.38
C THR B 186 -0.21 19.51 9.93
N ILE B 187 0.37 20.51 10.58
CA ILE B 187 0.12 21.90 10.27
C ILE B 187 1.25 22.46 9.42
N ALA B 188 0.92 23.46 8.60
CA ALA B 188 1.92 24.14 7.79
C ALA B 188 2.74 25.12 8.64
N PRO B 189 4.01 25.32 8.31
CA PRO B 189 4.82 26.30 9.03
C PRO B 189 4.44 27.72 8.65
N TYR B 190 4.96 28.66 9.43
CA TYR B 190 4.69 30.08 9.21
C TYR B 190 5.94 30.87 9.56
N VAL B 191 6.45 31.65 8.62
CA VAL B 191 7.69 32.39 8.77
C VAL B 191 7.36 33.86 9.02
N VAL B 192 7.83 34.39 10.15
CA VAL B 192 7.66 35.80 10.47
C VAL B 192 9.02 36.36 10.86
N LYS B 193 9.45 37.40 10.15
CA LYS B 193 10.75 38.04 10.38
C LYS B 193 11.88 37.01 10.33
N ASP B 194 12.57 36.81 11.44
CA ASP B 194 13.66 35.86 11.54
C ASP B 194 13.27 34.69 12.44
N LYS B 195 12.02 34.24 12.33
CA LYS B 195 11.50 33.22 13.21
C LYS B 195 10.47 32.37 12.46
N VAL B 196 10.23 31.17 12.99
CA VAL B 196 9.25 30.24 12.45
C VAL B 196 8.35 29.77 13.59
N ILE B 197 7.06 29.63 13.30
CA ILE B 197 6.05 29.33 14.31
C ILE B 197 5.46 27.95 14.03
N ILE B 198 5.35 27.13 15.08
CA ILE B 198 4.87 25.76 14.94
C ILE B 198 3.78 25.49 15.98
N GLY B 199 2.72 24.83 15.55
CA GLY B 199 1.58 24.46 16.37
C GLY B 199 1.65 23.02 16.84
N SER B 200 0.48 22.44 17.10
CA SER B 200 0.38 21.09 17.63
C SER B 200 -0.99 20.51 17.29
N SER B 201 -1.10 19.19 17.46
CA SER B 201 -2.35 18.49 17.20
C SER B 201 -2.42 17.24 18.07
N GLY B 202 -3.63 16.68 18.18
CA GLY B 202 -3.83 15.48 18.96
C GLY B 202 -4.73 15.66 20.17
N ALA B 203 -5.68 16.59 20.07
CA ALA B 203 -6.51 16.93 21.22
C ALA B 203 -7.50 15.85 21.60
N GLU B 204 -7.80 14.91 20.69
CA GLU B 204 -8.76 13.86 21.01
C GLU B 204 -8.22 12.92 22.07
N LEU B 205 -6.91 12.72 22.13
CA LEU B 205 -6.29 11.80 23.07
C LEU B 205 -5.92 12.44 24.39
N GLY B 206 -6.21 13.73 24.58
CA GLY B 206 -5.91 14.40 25.82
C GLY B 206 -4.64 15.23 25.83
N VAL B 207 -4.10 15.57 24.67
CA VAL B 207 -2.85 16.34 24.60
C VAL B 207 -3.15 17.80 24.90
N ARG B 208 -2.37 18.37 25.80
CA ARG B 208 -2.48 19.78 26.15
C ARG B 208 -1.74 20.61 25.10
N GLY B 209 -2.47 21.53 24.44
CA GLY B 209 -1.91 22.23 23.30
C GLY B 209 -0.90 23.29 23.67
N TYR B 210 -0.02 23.58 22.71
CA TYR B 210 0.99 24.61 22.89
C TYR B 210 1.45 25.12 21.53
N LEU B 211 2.07 26.31 21.55
CA LEU B 211 2.61 26.97 20.38
C LEU B 211 4.07 27.28 20.63
N THR B 212 4.91 27.15 19.60
CA THR B 212 6.35 27.30 19.78
C THR B 212 6.94 28.19 18.69
N ALA B 213 7.96 28.97 19.05
CA ALA B 213 8.71 29.78 18.10
C ALA B 213 10.16 29.36 18.08
N TYR B 214 10.74 29.31 16.88
CA TYR B 214 12.12 28.90 16.68
C TYR B 214 12.84 29.93 15.82
N ASP B 215 14.16 29.97 15.96
CA ASP B 215 15.00 30.69 15.02
C ASP B 215 15.16 29.90 13.74
N VAL B 216 15.25 30.61 12.61
CA VAL B 216 15.29 29.94 11.32
C VAL B 216 16.72 29.68 10.83
N LYS B 217 17.70 30.43 11.32
CA LYS B 217 19.08 30.22 10.89
C LYS B 217 19.72 29.03 11.62
N THR B 218 19.49 28.93 12.93
CA THR B 218 20.14 27.92 13.76
C THR B 218 19.23 26.78 14.18
N GLY B 219 18.00 27.09 14.57
CA GLY B 219 17.07 26.08 15.04
C GLY B 219 16.81 26.07 16.53
N GLU B 220 17.25 27.09 17.25
CA GLU B 220 17.07 27.14 18.70
C GLU B 220 15.66 27.60 19.06
N GLN B 221 15.24 27.25 20.26
CA GLN B 221 13.93 27.61 20.77
C GLN B 221 13.98 29.00 21.40
N VAL B 222 12.98 29.81 21.11
CA VAL B 222 12.88 31.18 21.62
C VAL B 222 11.81 31.30 22.70
N TRP B 223 10.56 31.00 22.36
CA TRP B 223 9.51 31.03 23.36
C TRP B 223 8.45 29.97 23.05
N ARG B 224 7.70 29.60 24.09
CA ARG B 224 6.63 28.63 24.01
C ARG B 224 5.47 29.11 24.86
N ALA B 225 4.25 28.93 24.35
CA ALA B 225 3.03 29.36 25.03
C ALA B 225 2.07 28.19 25.13
N TYR B 226 1.28 28.19 26.20
CA TYR B 226 0.30 27.15 26.47
C TYR B 226 -1.10 27.75 26.47
N ALA B 227 -2.10 26.88 26.30
CA ALA B 227 -3.49 27.30 26.25
C ALA B 227 -4.14 27.34 27.63
N THR B 228 -3.98 26.27 28.40
CA THR B 228 -4.52 26.18 29.75
C THR B 228 -3.39 26.24 30.78
N GLY B 229 -3.77 26.44 32.04
CA GLY B 229 -2.82 26.44 33.12
C GLY B 229 -2.64 27.79 33.78
N PRO B 230 -1.61 27.92 34.61
CA PRO B 230 -1.36 29.19 35.30
C PRO B 230 -0.88 30.27 34.34
N ASP B 231 -0.89 31.51 34.84
CA ASP B 231 -0.56 32.66 34.01
C ASP B 231 0.89 32.66 33.53
N LYS B 232 1.79 31.99 34.24
CA LYS B 232 3.17 31.89 33.77
C LYS B 232 3.26 31.12 32.47
N ASP B 233 2.49 30.03 32.34
CA ASP B 233 2.47 29.27 31.11
C ASP B 233 1.68 29.99 30.01
N LEU B 234 0.74 30.85 30.40
CA LEU B 234 -0.11 31.50 29.41
C LEU B 234 0.62 32.62 28.66
N LEU B 235 1.60 33.26 29.31
CA LEU B 235 2.30 34.41 28.74
C LEU B 235 1.34 35.55 28.42
N LEU B 236 0.71 36.08 29.46
CA LEU B 236 -0.23 37.18 29.34
C LEU B 236 0.49 38.49 29.67
N ALA B 237 0.30 39.49 28.83
CA ALA B 237 0.90 40.80 29.06
C ALA B 237 0.22 41.48 30.23
N SER B 238 0.81 42.61 30.66
CA SER B 238 0.27 43.35 31.79
C SER B 238 -1.06 44.02 31.46
N ASP B 239 -1.40 44.13 30.18
CA ASP B 239 -2.65 44.79 29.79
C ASP B 239 -3.54 43.84 28.99
N PHE B 240 -3.68 42.61 29.47
CA PHE B 240 -4.50 41.61 28.79
C PHE B 240 -5.97 41.95 28.95
N ASN B 241 -6.67 42.13 27.83
CA ASN B 241 -8.12 42.40 27.83
C ASN B 241 -8.47 43.62 28.68
N ILE B 242 -7.67 44.68 28.54
CA ILE B 242 -7.91 45.89 29.32
C ILE B 242 -9.18 46.60 28.85
N LYS B 243 -9.44 46.58 27.55
CA LYS B 243 -10.61 47.26 27.00
C LYS B 243 -11.91 46.50 27.23
N ASN B 244 -11.84 45.18 27.39
CA ASN B 244 -13.04 44.34 27.54
C ASN B 244 -12.89 43.49 28.79
N PRO B 245 -13.10 44.08 29.97
CA PRO B 245 -12.97 43.31 31.21
C PRO B 245 -13.97 42.17 31.34
N HIS B 246 -15.11 42.22 30.65
CA HIS B 246 -16.12 41.18 30.78
C HIS B 246 -15.74 39.89 30.07
N TYR B 247 -14.74 39.92 29.19
CA TYR B 247 -14.26 38.66 28.60
C TYR B 247 -13.55 37.81 29.64
N GLY B 248 -12.78 38.44 30.52
CA GLY B 248 -11.98 37.73 31.50
C GLY B 248 -10.58 38.29 31.59
N GLN B 249 -10.05 38.46 32.80
CA GLN B 249 -8.77 39.13 32.99
C GLN B 249 -7.68 38.21 33.52
N LYS B 250 -7.86 37.61 34.70
CA LYS B 250 -6.78 36.89 35.34
C LYS B 250 -7.33 35.70 36.12
N GLY B 251 -6.49 34.67 36.25
CA GLY B 251 -6.80 33.53 37.09
C GLY B 251 -7.77 32.53 36.50
N LEU B 252 -8.16 32.69 35.24
CA LEU B 252 -9.15 31.81 34.64
C LEU B 252 -8.54 30.60 33.95
N GLY B 253 -7.21 30.51 33.88
CA GLY B 253 -6.60 29.31 33.33
C GLY B 253 -6.87 28.08 34.17
N THR B 254 -6.88 28.25 35.50
CA THR B 254 -7.17 27.16 36.43
C THR B 254 -8.47 27.35 37.19
N GLY B 255 -9.01 28.57 37.24
CA GLY B 255 -10.22 28.80 38.00
C GLY B 255 -11.45 28.11 37.43
N THR B 256 -11.56 28.11 36.10
CA THR B 256 -12.76 27.56 35.46
C THR B 256 -12.80 26.04 35.58
N TRP B 257 -11.66 25.38 35.50
CA TRP B 257 -11.60 23.94 35.65
C TRP B 257 -11.76 23.55 37.12
N GLU B 258 -12.01 22.25 37.34
CA GLU B 258 -12.07 21.69 38.69
C GLU B 258 -10.90 20.75 38.89
N GLY B 259 -10.16 20.94 39.97
CA GLY B 259 -9.01 20.09 40.24
C GLY B 259 -7.87 20.37 39.28
N ASP B 260 -7.18 19.32 38.87
CA ASP B 260 -6.05 19.41 37.95
C ASP B 260 -6.42 18.90 36.56
N ALA B 261 -7.64 19.16 36.12
CA ALA B 261 -8.09 18.67 34.82
C ALA B 261 -7.39 19.39 33.68
N TRP B 262 -6.95 20.63 33.90
CA TRP B 262 -6.34 21.41 32.84
C TRP B 262 -5.07 20.78 32.30
N LYS B 263 -4.47 19.84 33.04
CA LYS B 263 -3.30 19.14 32.53
C LYS B 263 -3.63 18.29 31.31
N ILE B 264 -4.88 17.81 31.21
CA ILE B 264 -5.28 16.96 30.10
C ILE B 264 -6.47 17.60 29.39
N GLY B 265 -6.50 18.94 29.36
CA GLY B 265 -7.61 19.66 28.80
C GLY B 265 -7.71 19.63 27.30
N GLY B 266 -6.66 20.07 26.62
CA GLY B 266 -6.69 20.17 25.18
C GLY B 266 -6.44 21.57 24.69
N GLY B 267 -6.91 21.90 23.50
CA GLY B 267 -6.71 23.21 22.93
C GLY B 267 -5.63 23.31 21.87
N THR B 268 -5.42 22.26 21.08
CA THR B 268 -4.41 22.30 20.03
C THR B 268 -4.88 23.19 18.88
N ASN B 269 -3.92 23.82 18.21
CA ASN B 269 -4.19 24.66 17.05
C ASN B 269 -3.59 23.99 15.82
N TRP B 270 -4.43 23.74 14.81
CA TRP B 270 -4.00 23.07 13.59
C TRP B 270 -4.56 23.75 12.35
N GLY B 271 -4.78 25.06 12.41
CA GLY B 271 -5.37 25.77 11.29
C GLY B 271 -4.43 26.75 10.61
N TRP B 272 -4.82 28.01 10.55
CA TRP B 272 -4.06 29.04 9.85
C TRP B 272 -3.81 30.22 10.77
N TYR B 273 -2.77 31.00 10.44
CA TYR B 273 -2.41 32.20 11.17
C TYR B 273 -2.61 33.42 10.28
N ALA B 274 -2.53 34.60 10.90
CA ALA B 274 -2.43 35.85 10.15
C ALA B 274 -1.48 36.79 10.88
N TYR B 275 -0.87 37.71 10.12
CA TYR B 275 0.13 38.61 10.67
C TYR B 275 -0.17 40.05 10.28
N ASP B 276 0.11 40.97 11.19
CA ASP B 276 -0.01 42.41 10.93
C ASP B 276 1.28 43.08 11.37
N PRO B 277 2.00 43.75 10.46
CA PRO B 277 3.27 44.39 10.83
C PRO B 277 3.11 45.72 11.53
N GLY B 278 2.02 46.43 11.23
CA GLY B 278 1.80 47.72 11.87
C GLY B 278 1.63 47.62 13.36
N THR B 279 0.84 46.64 13.82
CA THR B 279 0.70 46.36 15.23
C THR B 279 1.62 45.24 15.71
N ASN B 280 2.34 44.59 14.79
CA ASN B 280 3.26 43.50 15.10
C ASN B 280 2.54 42.40 15.90
N LEU B 281 1.52 41.82 15.29
CA LEU B 281 0.71 40.82 15.97
C LEU B 281 0.45 39.65 15.05
N ILE B 282 0.23 38.48 15.67
CA ILE B 282 -0.19 37.28 14.97
C ILE B 282 -1.51 36.81 15.59
N TYR B 283 -2.44 36.44 14.72
CA TYR B 283 -3.79 36.04 15.11
C TYR B 283 -4.03 34.59 14.74
N PHE B 284 -4.59 33.84 15.68
CA PHE B 284 -4.89 32.42 15.45
C PHE B 284 -6.02 31.99 16.40
N GLY B 285 -6.35 30.69 16.35
CA GLY B 285 -7.42 30.14 17.15
C GLY B 285 -6.96 28.90 17.90
N THR B 286 -7.85 28.41 18.77
CA THR B 286 -7.56 27.32 19.68
C THR B 286 -8.66 26.27 19.59
N GLY B 287 -8.29 25.01 19.81
CA GLY B 287 -9.18 23.88 19.62
C GLY B 287 -10.12 23.63 20.78
N ASN B 288 -10.68 22.41 20.80
CA ASN B 288 -11.75 21.97 21.68
C ASN B 288 -11.22 21.35 22.97
N PRO B 289 -12.03 21.31 24.02
CA PRO B 289 -11.62 20.65 25.26
C PRO B 289 -11.81 19.14 25.19
N ALA B 290 -11.17 18.47 26.14
CA ALA B 290 -11.22 17.03 26.28
C ALA B 290 -11.48 16.65 27.73
N PRO B 291 -12.12 15.51 27.99
CA PRO B 291 -12.61 14.49 27.05
C PRO B 291 -13.92 14.85 26.37
N TRP B 292 -14.52 13.90 25.65
CA TRP B 292 -15.74 14.18 24.92
C TRP B 292 -16.95 14.31 25.84
N ASN B 293 -16.95 13.62 26.98
CA ASN B 293 -18.08 13.67 27.89
C ASN B 293 -18.05 14.97 28.70
N GLU B 294 -19.15 15.71 28.64
CA GLU B 294 -19.23 17.01 29.31
C GLU B 294 -19.48 16.89 30.81
N THR B 295 -19.87 15.73 31.31
CA THR B 295 -20.11 15.57 32.74
C THR B 295 -18.82 15.39 33.54
N MET B 296 -17.70 15.09 32.89
CA MET B 296 -16.45 14.85 33.58
C MET B 296 -15.59 16.09 33.73
N ARG B 297 -15.98 17.21 33.12
CA ARG B 297 -15.24 18.47 33.23
C ARG B 297 -16.19 19.62 33.48
N PRO B 298 -16.79 19.68 34.67
CA PRO B 298 -17.65 20.82 34.99
C PRO B 298 -16.85 22.10 35.10
N GLY B 299 -17.48 23.20 34.72
CA GLY B 299 -16.87 24.51 34.74
C GLY B 299 -17.00 25.20 33.40
N ASP B 300 -16.21 26.25 33.21
CA ASP B 300 -16.27 27.05 31.99
C ASP B 300 -15.18 26.71 30.99
N ASN B 301 -14.09 26.09 31.43
CA ASN B 301 -13.01 25.62 30.55
C ASN B 301 -12.44 26.76 29.72
N LYS B 302 -11.84 27.72 30.42
CA LYS B 302 -11.41 28.96 29.79
C LYS B 302 -10.17 28.76 28.93
N TRP B 303 -10.05 29.61 27.91
CA TRP B 303 -8.95 29.63 26.95
C TRP B 303 -8.87 28.33 26.14
N THR B 304 -10.02 27.71 25.92
CA THR B 304 -10.21 26.72 24.87
C THR B 304 -11.27 27.25 23.91
N MET B 305 -11.05 27.05 22.62
CA MET B 305 -11.89 27.64 21.57
C MET B 305 -11.88 29.17 21.67
N THR B 306 -10.69 29.74 21.55
CA THR B 306 -10.46 31.16 21.79
C THR B 306 -9.67 31.75 20.62
N ILE B 307 -10.08 32.95 20.19
CA ILE B 307 -9.30 33.72 19.22
C ILE B 307 -8.22 34.48 19.99
N PHE B 308 -6.97 34.25 19.63
CA PHE B 308 -5.83 34.91 20.26
C PHE B 308 -5.14 35.85 19.30
N GLY B 309 -4.81 37.05 19.78
CA GLY B 309 -3.88 37.95 19.15
C GLY B 309 -2.69 38.15 20.06
N ARG B 310 -1.51 37.70 19.60
CA ARG B 310 -0.28 37.67 20.37
C ARG B 310 0.81 38.46 19.68
N ASP B 311 1.86 38.78 20.42
CA ASP B 311 3.03 39.43 19.86
C ASP B 311 3.96 38.39 19.23
N ALA B 312 4.93 38.87 18.45
CA ALA B 312 5.82 37.99 17.71
C ALA B 312 7.13 37.73 18.45
N ASP B 313 7.89 38.80 18.75
CA ASP B 313 9.20 38.62 19.36
C ASP B 313 9.11 38.05 20.77
N THR B 314 8.17 38.54 21.58
CA THR B 314 8.04 38.10 22.95
C THR B 314 6.97 37.04 23.14
N GLY B 315 5.93 37.04 22.31
CA GLY B 315 4.87 36.06 22.41
C GLY B 315 3.79 36.38 23.42
N GLU B 316 3.85 37.54 24.07
CA GLU B 316 2.85 37.89 25.07
C GLU B 316 1.50 38.11 24.40
N ALA B 317 0.44 37.63 25.07
CA ALA B 317 -0.90 37.65 24.50
C ALA B 317 -1.50 39.03 24.65
N LYS B 318 -1.73 39.72 23.53
CA LYS B 318 -2.36 41.03 23.59
C LYS B 318 -3.84 40.92 23.90
N PHE B 319 -4.55 39.97 23.27
CA PHE B 319 -5.96 39.80 23.61
C PHE B 319 -6.44 38.40 23.24
N GLY B 320 -7.56 38.03 23.84
CA GLY B 320 -8.19 36.75 23.55
C GLY B 320 -9.68 36.83 23.80
N TYR B 321 -10.44 36.08 22.99
CA TYR B 321 -11.90 36.07 23.08
C TYR B 321 -12.42 34.65 22.93
N GLN B 322 -13.24 34.21 23.89
CA GLN B 322 -13.82 32.88 23.85
C GLN B 322 -15.18 32.91 23.17
N LYS B 323 -15.47 31.84 22.40
CA LYS B 323 -16.65 31.79 21.55
C LYS B 323 -17.73 30.85 22.05
N THR B 324 -17.38 29.61 22.40
CA THR B 324 -18.35 28.59 22.76
C THR B 324 -17.97 28.00 24.12
N PRO B 325 -18.32 28.69 25.21
CA PRO B 325 -17.96 28.19 26.54
C PRO B 325 -18.64 26.85 26.84
N HIS B 326 -17.89 25.97 27.50
CA HIS B 326 -18.37 24.64 27.90
C HIS B 326 -19.00 23.90 26.73
N ASP B 327 -18.16 23.59 25.74
CA ASP B 327 -18.63 22.94 24.53
C ASP B 327 -19.15 21.54 24.82
N GLU B 328 -20.21 21.16 24.11
CA GLU B 328 -20.78 19.82 24.25
C GLU B 328 -21.15 19.20 22.90
N TRP B 329 -20.76 19.82 21.78
CA TRP B 329 -21.08 19.30 20.46
C TRP B 329 -19.84 18.96 19.64
N ASP B 330 -18.65 19.05 20.23
CA ASP B 330 -17.39 18.74 19.57
C ASP B 330 -17.14 19.65 18.36
N TYR B 331 -17.07 20.94 18.62
CA TYR B 331 -16.69 21.94 17.64
C TYR B 331 -15.19 22.22 17.76
N ALA B 332 -14.69 23.19 16.99
CA ALA B 332 -13.28 23.55 17.04
C ALA B 332 -13.08 24.90 16.38
N GLY B 333 -12.45 25.82 17.10
CA GLY B 333 -12.16 27.14 16.55
C GLY B 333 -10.77 27.25 15.94
N VAL B 334 -10.56 26.60 14.80
CA VAL B 334 -9.25 26.59 14.16
C VAL B 334 -9.35 27.06 12.72
N ASN B 335 -10.43 27.76 12.39
CA ASN B 335 -10.69 28.14 11.01
C ASN B 335 -9.82 29.34 10.61
N VAL B 336 -9.97 29.76 9.35
CA VAL B 336 -9.13 30.80 8.79
C VAL B 336 -9.56 32.17 9.30
N MET B 337 -8.60 33.11 9.35
CA MET B 337 -8.86 34.48 9.76
C MET B 337 -8.37 35.42 8.66
N MET B 338 -9.21 36.39 8.29
CA MET B 338 -8.86 37.34 7.25
C MET B 338 -8.83 38.75 7.81
N LEU B 339 -8.01 39.61 7.21
CA LEU B 339 -7.86 41.00 7.64
C LEU B 339 -8.35 41.92 6.54
N SER B 340 -8.97 43.03 6.94
CA SER B 340 -9.50 43.99 5.98
C SER B 340 -9.63 45.35 6.64
N GLU B 341 -9.99 46.36 5.84
CA GLU B 341 -10.21 47.72 6.31
C GLU B 341 -11.54 48.22 5.77
N GLN B 342 -12.45 48.60 6.66
CA GLN B 342 -13.81 48.92 6.23
C GLN B 342 -14.41 49.98 7.12
N LYS B 343 -15.47 50.61 6.64
CA LYS B 343 -16.19 51.65 7.36
C LYS B 343 -17.46 51.07 7.96
N ASP B 344 -17.61 51.24 9.28
CA ASP B 344 -18.74 50.64 10.00
C ASP B 344 -19.99 51.48 9.79
N LYS B 345 -21.04 51.18 10.57
CA LYS B 345 -22.30 51.89 10.43
C LYS B 345 -22.17 53.37 10.76
N ASP B 346 -21.39 53.69 11.80
CA ASP B 346 -21.22 55.09 12.19
C ASP B 346 -20.40 55.90 11.20
N GLY B 347 -19.74 55.24 10.24
CA GLY B 347 -18.95 55.94 9.25
C GLY B 347 -17.49 56.12 9.60
N LYS B 348 -16.97 55.39 10.58
CA LYS B 348 -15.59 55.52 11.02
C LYS B 348 -14.78 54.35 10.47
N ALA B 349 -13.65 54.65 9.84
CA ALA B 349 -12.81 53.60 9.28
C ALA B 349 -12.20 52.76 10.39
N ARG B 350 -12.20 51.45 10.19
CA ARG B 350 -11.71 50.52 11.19
C ARG B 350 -11.02 49.34 10.52
N LYS B 351 -10.15 48.70 11.30
CA LYS B 351 -9.36 47.56 10.84
C LYS B 351 -9.95 46.29 11.45
N LEU B 352 -10.30 45.33 10.60
CA LEU B 352 -11.16 44.23 10.99
C LEU B 352 -10.49 42.89 10.69
N LEU B 353 -10.84 41.90 11.51
CA LEU B 353 -10.52 40.50 11.22
C LEU B 353 -11.82 39.70 11.23
N THR B 354 -12.00 38.88 10.21
CA THR B 354 -13.20 38.07 10.02
C THR B 354 -12.85 36.59 10.16
N HIS B 355 -13.72 35.86 10.88
CA HIS B 355 -13.50 34.45 11.21
C HIS B 355 -14.80 33.66 11.12
N PRO B 356 -14.89 32.71 10.19
CA PRO B 356 -15.98 31.73 10.25
C PRO B 356 -15.71 30.67 11.30
N ASP B 357 -16.78 29.98 11.70
CA ASP B 357 -16.69 28.99 12.77
C ASP B 357 -17.53 27.77 12.40
N ARG B 358 -17.32 26.70 13.17
CA ARG B 358 -18.01 25.44 12.91
C ARG B 358 -19.47 25.47 13.33
N ASN B 359 -19.82 26.31 14.30
CA ASN B 359 -21.18 26.29 14.85
C ASN B 359 -22.16 27.12 14.04
N GLY B 360 -21.76 27.63 12.87
CA GLY B 360 -22.66 28.37 12.03
C GLY B 360 -22.73 29.86 12.29
N ILE B 361 -21.75 30.42 13.00
CA ILE B 361 -21.69 31.84 13.28
C ILE B 361 -20.38 32.39 12.73
N VAL B 362 -20.45 33.52 12.02
CA VAL B 362 -19.29 34.21 11.49
C VAL B 362 -19.09 35.50 12.28
N TYR B 363 -17.87 35.69 12.79
CA TYR B 363 -17.52 36.80 13.66
C TYR B 363 -16.65 37.80 12.92
N THR B 364 -16.78 39.07 13.30
CA THR B 364 -15.83 40.09 12.90
C THR B 364 -15.41 40.89 14.13
N LEU B 365 -14.13 41.24 14.19
CA LEU B 365 -13.56 41.87 15.37
C LEU B 365 -12.62 42.99 14.94
N ASP B 366 -12.29 43.86 15.88
CA ASP B 366 -11.31 44.91 15.68
C ASP B 366 -9.92 44.37 16.00
N ARG B 367 -8.97 44.60 15.10
CA ARG B 367 -7.64 44.00 15.24
C ARG B 367 -6.90 44.56 16.45
N THR B 368 -6.97 45.87 16.66
CA THR B 368 -6.10 46.52 17.64
C THR B 368 -6.47 46.12 19.07
N ASP B 369 -7.76 46.21 19.42
CA ASP B 369 -8.17 46.01 20.80
C ASP B 369 -9.07 44.80 21.03
N GLY B 370 -9.70 44.26 20.01
CA GLY B 370 -10.54 43.09 20.16
C GLY B 370 -12.01 43.35 20.39
N ALA B 371 -12.47 44.59 20.21
CA ALA B 371 -13.88 44.87 20.35
C ALA B 371 -14.68 44.14 19.28
N LEU B 372 -15.87 43.70 19.65
CA LEU B 372 -16.71 42.89 18.76
C LEU B 372 -17.61 43.80 17.93
N VAL B 373 -17.57 43.62 16.62
CA VAL B 373 -18.35 44.43 15.70
C VAL B 373 -19.66 43.75 15.31
N SER B 374 -19.60 42.52 14.82
CA SER B 374 -20.80 41.80 14.44
C SER B 374 -20.55 40.30 14.46
N ALA B 375 -21.64 39.55 14.56
CA ALA B 375 -21.62 38.10 14.49
C ALA B 375 -22.95 37.65 13.87
N ASN B 376 -22.86 37.02 12.71
CA ASN B 376 -24.05 36.66 11.94
C ASN B 376 -24.12 35.14 11.74
N LYS B 377 -25.21 34.69 11.15
CA LYS B 377 -25.47 33.26 10.95
C LYS B 377 -25.15 32.85 9.52
N LEU B 378 -24.52 31.68 9.38
CA LEU B 378 -24.17 31.18 8.06
C LEU B 378 -25.41 30.69 7.30
N ASP B 379 -26.41 30.20 8.02
CA ASP B 379 -27.66 29.77 7.41
C ASP B 379 -28.78 29.95 8.41
N ASP B 380 -30.02 29.98 7.89
CA ASP B 380 -31.19 30.21 8.72
C ASP B 380 -31.75 28.93 9.34
N THR B 381 -31.10 27.78 9.13
CA THR B 381 -31.55 26.51 9.67
C THR B 381 -30.83 26.14 10.96
N VAL B 382 -30.08 27.06 11.54
CA VAL B 382 -29.32 26.80 12.75
C VAL B 382 -30.24 26.95 13.96
N ASN B 383 -30.31 25.90 14.79
CA ASN B 383 -31.21 25.88 15.93
C ASN B 383 -30.50 25.65 17.26
N VAL B 384 -29.18 25.69 17.29
CA VAL B 384 -28.46 25.51 18.54
C VAL B 384 -28.28 26.83 19.28
N PHE B 385 -28.16 27.94 18.55
CA PHE B 385 -28.11 29.28 19.14
C PHE B 385 -29.20 30.12 18.52
N LYS B 386 -29.99 30.79 19.35
CA LYS B 386 -31.00 31.73 18.82
C LYS B 386 -30.34 32.99 18.28
N SER B 387 -29.41 33.56 19.03
CA SER B 387 -28.72 34.79 18.65
C SER B 387 -27.49 34.96 19.51
N VAL B 388 -26.67 35.93 19.16
CA VAL B 388 -25.47 36.27 19.91
C VAL B 388 -25.59 37.72 20.38
N ASP B 389 -25.43 37.93 21.68
CA ASP B 389 -25.54 39.27 22.26
C ASP B 389 -24.23 40.02 22.05
N LEU B 390 -24.30 41.17 21.38
CA LEU B 390 -23.10 41.94 21.11
C LEU B 390 -22.64 42.73 22.34
N LYS B 391 -23.57 43.18 23.17
CA LYS B 391 -23.21 43.98 24.35
C LYS B 391 -22.44 43.14 25.37
N THR B 392 -22.84 41.89 25.55
CA THR B 392 -22.22 41.01 26.54
C THR B 392 -21.22 40.03 25.94
N GLY B 393 -21.56 39.41 24.83
CA GLY B 393 -20.71 38.41 24.22
C GLY B 393 -21.13 36.98 24.49
N GLN B 394 -22.23 36.77 25.20
CA GLN B 394 -22.73 35.44 25.52
C GLN B 394 -23.81 35.03 24.52
N PRO B 395 -23.69 33.87 23.89
CA PRO B 395 -24.76 33.40 23.00
C PRO B 395 -25.98 32.96 23.79
N VAL B 396 -27.12 32.97 23.11
CA VAL B 396 -28.39 32.52 23.67
C VAL B 396 -28.67 31.12 23.16
N ARG B 397 -28.87 30.18 24.08
CA ARG B 397 -28.97 28.76 23.75
C ARG B 397 -30.42 28.29 23.75
N ASP B 398 -30.66 27.20 23.03
CA ASP B 398 -31.96 26.52 23.02
C ASP B 398 -31.81 25.17 23.70
N PRO B 399 -32.44 24.96 24.87
CA PRO B 399 -32.27 23.69 25.58
C PRO B 399 -32.80 22.48 24.82
N GLU B 400 -33.73 22.68 23.88
CA GLU B 400 -34.32 21.54 23.17
C GLU B 400 -33.29 20.81 22.32
N TYR B 401 -32.39 21.55 21.66
CA TYR B 401 -31.45 20.98 20.71
C TYR B 401 -30.06 20.78 21.33
N GLY B 402 -30.00 20.42 22.61
CA GLY B 402 -28.75 20.14 23.29
C GLY B 402 -28.66 18.70 23.74
N THR B 403 -27.52 18.38 24.34
CA THR B 403 -27.24 17.05 24.84
C THR B 403 -27.65 16.97 26.32
N ARG B 404 -27.23 15.91 27.01
CA ARG B 404 -27.42 15.71 28.45
C ARG B 404 -28.89 15.74 28.86
N MET B 405 -29.80 15.53 27.91
CA MET B 405 -31.22 15.51 28.22
C MET B 405 -31.59 14.08 28.52
N ASP B 406 -30.66 13.15 28.33
CA ASP B 406 -30.89 11.73 28.58
C ASP B 406 -32.02 11.12 27.76
N HIS B 407 -32.21 11.61 26.54
CA HIS B 407 -33.22 11.05 25.65
C HIS B 407 -32.82 11.34 24.21
N LEU B 408 -33.44 10.63 23.27
CA LEU B 408 -33.15 10.87 21.86
C LEU B 408 -33.43 12.30 21.45
N ALA B 409 -32.39 13.03 21.09
CA ALA B 409 -32.51 14.41 20.63
C ALA B 409 -32.24 14.44 19.13
N LYS B 410 -33.17 15.01 18.37
CA LYS B 410 -33.15 14.94 16.92
C LYS B 410 -32.95 16.31 16.31
N ASP B 411 -32.49 16.31 15.05
CA ASP B 411 -32.38 17.51 14.22
C ASP B 411 -31.51 18.57 14.89
N ILE B 412 -30.36 18.14 15.41
CA ILE B 412 -29.39 19.04 16.02
C ILE B 412 -28.36 19.36 14.95
N CYS B 413 -28.46 20.54 14.35
CA CYS B 413 -27.44 20.98 13.41
C CYS B 413 -27.25 22.49 13.49
N PRO B 414 -26.05 23.00 13.17
CA PRO B 414 -24.87 22.31 12.58
C PRO B 414 -24.28 21.18 13.43
N SER B 415 -23.87 20.13 12.73
CA SER B 415 -23.41 18.89 13.37
C SER B 415 -21.94 19.00 13.75
N ALA B 416 -21.33 17.87 14.10
CA ALA B 416 -19.93 17.86 14.48
C ALA B 416 -19.03 18.29 13.33
N MET B 417 -19.35 17.89 12.10
CA MET B 417 -18.57 18.34 10.95
C MET B 417 -18.72 19.84 10.72
N GLY B 418 -19.87 20.41 11.10
CA GLY B 418 -20.05 21.84 11.09
C GLY B 418 -20.33 22.39 9.70
N TYR B 419 -20.73 23.66 9.68
CA TYR B 419 -20.98 24.35 8.43
C TYR B 419 -19.72 24.88 7.78
N HIS B 420 -18.59 24.90 8.50
CA HIS B 420 -17.32 25.26 7.92
C HIS B 420 -16.22 24.43 8.56
N ASN B 421 -15.11 24.28 7.85
CA ASN B 421 -14.00 23.47 8.31
C ASN B 421 -12.71 24.07 7.74
N GLN B 422 -11.67 23.25 7.66
CA GLN B 422 -10.29 23.71 7.47
C GLN B 422 -10.02 24.40 6.14
N GLY B 423 -11.06 24.64 5.33
CA GLY B 423 -10.86 25.30 4.07
C GLY B 423 -10.39 26.74 4.21
N HIS B 424 -9.84 27.26 3.11
CA HIS B 424 -9.28 28.61 3.05
C HIS B 424 -10.13 29.44 2.09
N ASP B 425 -11.05 30.23 2.64
CA ASP B 425 -11.98 31.02 1.83
C ASP B 425 -11.25 32.23 1.24
N SER B 426 -11.99 33.11 0.56
CA SER B 426 -11.35 34.21 -0.17
C SER B 426 -12.07 35.52 0.11
N TYR B 427 -11.36 36.62 -0.14
CA TYR B 427 -11.89 37.96 0.05
C TYR B 427 -11.50 38.85 -1.13
N ASP B 428 -12.45 39.64 -1.61
CA ASP B 428 -12.22 40.53 -2.74
C ASP B 428 -12.07 41.96 -2.25
N PRO B 429 -10.90 42.58 -2.36
CA PRO B 429 -10.71 43.93 -1.81
C PRO B 429 -11.62 44.98 -2.43
N LYS B 430 -11.92 44.89 -3.73
CA LYS B 430 -12.68 45.93 -4.40
C LYS B 430 -14.16 45.85 -4.08
N ARG B 431 -14.79 44.71 -4.40
CA ARG B 431 -16.21 44.55 -4.13
C ARG B 431 -16.51 44.49 -2.63
N GLU B 432 -15.52 44.15 -1.81
CA GLU B 432 -15.70 43.97 -0.36
C GLU B 432 -16.68 42.83 -0.08
N LEU B 433 -16.35 41.66 -0.60
CA LEU B 433 -17.14 40.46 -0.40
C LEU B 433 -16.23 39.30 0.01
N PHE B 434 -16.82 38.35 0.73
CA PHE B 434 -16.15 37.12 1.13
C PHE B 434 -16.80 35.95 0.41
N PHE B 435 -15.97 35.15 -0.26
CA PHE B 435 -16.42 33.95 -0.97
C PHE B 435 -16.09 32.74 -0.12
N MET B 436 -17.11 31.97 0.24
CA MET B 436 -16.97 30.89 1.22
C MET B 436 -17.69 29.64 0.73
N GLY B 437 -17.21 28.50 1.22
CA GLY B 437 -17.85 27.21 0.99
C GLY B 437 -18.42 26.67 2.29
N ILE B 438 -19.65 26.17 2.22
CA ILE B 438 -20.42 25.78 3.40
C ILE B 438 -20.90 24.35 3.23
N ASN B 439 -21.04 23.64 4.34
CA ASN B 439 -21.63 22.32 4.37
C ASN B 439 -23.09 22.39 4.81
N HIS B 440 -23.84 21.34 4.49
CA HIS B 440 -25.25 21.22 4.85
C HIS B 440 -25.49 19.81 5.41
N ILE B 441 -25.26 19.64 6.71
CA ILE B 441 -25.40 18.34 7.37
C ILE B 441 -26.10 18.55 8.70
N CYS B 442 -27.01 17.63 9.04
CA CYS B 442 -27.68 17.64 10.34
C CYS B 442 -27.58 16.26 10.96
N MET B 443 -27.52 16.23 12.29
CA MET B 443 -27.16 15.01 13.02
C MET B 443 -28.22 14.67 14.07
N ASP B 444 -28.08 13.46 14.60
CA ASP B 444 -28.97 12.87 15.58
C ASP B 444 -28.13 12.19 16.65
N TRP B 445 -28.46 12.46 17.92
CA TRP B 445 -27.65 12.07 19.07
C TRP B 445 -28.46 11.14 19.97
N GLU B 446 -27.83 10.04 20.41
CA GLU B 446 -28.55 9.11 21.28
C GLU B 446 -27.62 8.50 22.32
N PRO B 447 -27.72 8.88 23.59
CA PRO B 447 -26.85 8.32 24.61
C PRO B 447 -27.37 7.00 25.18
N PHE B 448 -26.45 6.20 25.69
CA PHE B 448 -26.80 4.90 26.27
C PHE B 448 -25.80 4.51 27.34
N MET B 449 -26.25 3.61 28.22
CA MET B 449 -25.44 3.07 29.31
C MET B 449 -25.71 1.58 29.43
N LEU B 450 -24.66 0.79 29.57
CA LEU B 450 -24.74 -0.67 29.61
C LEU B 450 -24.10 -1.20 30.88
N PRO B 451 -24.82 -1.96 31.70
CA PRO B 451 -24.20 -2.58 32.88
C PRO B 451 -23.43 -3.85 32.50
N TYR B 452 -22.68 -4.36 33.47
CA TYR B 452 -21.85 -5.53 33.24
C TYR B 452 -21.72 -6.30 34.56
N ARG B 453 -20.70 -7.17 34.62
CA ARG B 453 -20.55 -8.21 35.62
C ARG B 453 -20.53 -7.71 37.06
N ALA B 454 -19.48 -6.97 37.43
CA ALA B 454 -19.21 -6.64 38.83
C ALA B 454 -18.97 -5.14 38.97
N GLY B 455 -20.04 -4.39 39.17
CA GLY B 455 -19.92 -2.95 39.33
C GLY B 455 -19.31 -2.25 38.15
N GLN B 456 -19.42 -2.83 36.97
CA GLN B 456 -18.82 -2.28 35.76
C GLN B 456 -19.92 -1.81 34.82
N PHE B 457 -19.79 -0.58 34.33
CA PHE B 457 -20.76 -0.02 33.39
C PHE B 457 -20.03 0.81 32.35
N PHE B 458 -20.66 0.92 31.18
CA PHE B 458 -20.08 1.59 30.03
C PHE B 458 -21.05 2.64 29.51
N VAL B 459 -20.57 3.85 29.30
CA VAL B 459 -21.39 4.98 28.90
C VAL B 459 -20.94 5.47 27.53
N GLY B 460 -21.88 5.66 26.61
CA GLY B 460 -21.51 6.08 25.28
C GLY B 460 -22.65 6.76 24.56
N ALA B 461 -22.40 7.08 23.30
CA ALA B 461 -23.39 7.75 22.46
C ALA B 461 -23.31 7.23 21.03
N THR B 462 -24.45 7.25 20.36
CA THR B 462 -24.55 6.89 18.94
C THR B 462 -24.98 8.13 18.17
N LEU B 463 -24.26 8.41 17.09
CA LEU B 463 -24.46 9.61 16.29
C LEU B 463 -24.81 9.22 14.86
N ASN B 464 -25.75 9.94 14.27
CA ASN B 464 -26.14 9.75 12.88
C ASN B 464 -26.09 11.09 12.17
N MET B 465 -25.79 11.06 10.87
CA MET B 465 -25.69 12.27 10.06
C MET B 465 -26.47 12.08 8.77
N TYR B 466 -27.04 13.18 8.27
CA TYR B 466 -27.84 13.13 7.06
C TYR B 466 -27.91 14.54 6.48
N PRO B 467 -28.37 14.69 5.23
CA PRO B 467 -28.53 16.02 4.66
C PRO B 467 -29.60 16.83 5.36
N GLY B 468 -29.47 18.15 5.23
CA GLY B 468 -30.35 19.07 5.90
C GLY B 468 -31.70 19.23 5.24
N PRO B 469 -32.49 20.20 5.71
CA PRO B 469 -33.84 20.39 5.16
C PRO B 469 -33.88 20.81 3.70
N LYS B 470 -32.79 21.34 3.17
CA LYS B 470 -32.76 21.81 1.79
C LYS B 470 -32.30 20.74 0.80
N GLY B 471 -32.04 19.53 1.26
CA GLY B 471 -31.62 18.46 0.37
C GLY B 471 -32.57 17.28 0.36
N ASP B 472 -32.10 16.14 -0.13
CA ASP B 472 -32.91 14.93 -0.25
C ASP B 472 -32.31 13.89 0.71
N ARG B 473 -33.05 13.58 1.77
CA ARG B 473 -32.56 12.60 2.74
C ARG B 473 -32.62 11.18 2.17
N GLN B 474 -33.59 10.89 1.31
CA GLN B 474 -33.74 9.54 0.78
C GLN B 474 -32.58 9.17 -0.14
N ASN B 475 -32.22 10.07 -1.06
CA ASN B 475 -31.17 9.79 -2.02
C ASN B 475 -29.78 10.19 -1.53
N TYR B 476 -29.68 10.88 -0.39
CA TYR B 476 -28.42 11.25 0.23
C TYR B 476 -27.56 12.12 -0.71
N GLU B 477 -28.15 13.24 -1.13
CA GLU B 477 -27.45 14.19 -1.98
C GLU B 477 -27.85 15.61 -1.58
N GLY B 478 -26.98 16.56 -1.92
CA GLY B 478 -27.23 17.95 -1.58
C GLY B 478 -26.60 18.37 -0.26
N LEU B 479 -25.28 18.21 -0.14
CA LEU B 479 -24.58 18.41 1.13
C LEU B 479 -23.64 19.61 1.10
N GLY B 480 -23.81 20.56 0.18
CA GLY B 480 -22.87 21.65 0.09
C GLY B 480 -23.49 22.93 -0.45
N GLN B 481 -22.76 24.03 -0.28
CA GLN B 481 -23.18 25.34 -0.74
C GLN B 481 -21.95 26.21 -0.96
N ILE B 482 -22.12 27.23 -1.80
CA ILE B 482 -21.12 28.26 -2.02
C ILE B 482 -21.81 29.62 -1.95
N LYS B 483 -21.22 30.55 -1.20
CA LYS B 483 -21.89 31.81 -0.89
C LYS B 483 -20.96 32.99 -1.02
N ALA B 484 -21.56 34.15 -1.32
CA ALA B 484 -20.89 35.44 -1.28
C ALA B 484 -21.52 36.29 -0.19
N TYR B 485 -20.69 36.89 0.66
CA TYR B 485 -21.16 37.47 1.91
C TYR B 485 -20.55 38.84 2.13
N ASN B 486 -21.31 39.71 2.80
CA ASN B 486 -20.84 41.02 3.25
C ASN B 486 -20.98 41.11 4.76
N ALA B 487 -19.99 41.71 5.40
CA ALA B 487 -19.88 41.66 6.87
C ALA B 487 -20.70 42.76 7.55
N ILE B 488 -20.44 44.02 7.22
CA ILE B 488 -21.12 45.13 7.90
C ILE B 488 -22.62 45.10 7.61
N THR B 489 -22.98 45.00 6.33
CA THR B 489 -24.40 44.93 5.98
C THR B 489 -25.05 43.65 6.52
N GLY B 490 -24.37 42.53 6.38
CA GLY B 490 -24.89 41.26 6.86
C GLY B 490 -25.78 40.50 5.91
N ASP B 491 -25.73 40.81 4.62
CA ASP B 491 -26.59 40.18 3.63
C ASP B 491 -25.75 39.42 2.61
N TYR B 492 -26.32 38.33 2.10
CA TYR B 492 -25.67 37.51 1.09
C TYR B 492 -26.08 37.96 -0.29
N LYS B 493 -25.09 38.24 -1.15
CA LYS B 493 -25.39 38.64 -2.52
C LYS B 493 -25.93 37.47 -3.33
N TRP B 494 -25.28 36.31 -3.25
CA TRP B 494 -25.78 35.12 -3.91
C TRP B 494 -25.31 33.88 -3.17
N GLU B 495 -26.06 32.80 -3.37
CA GLU B 495 -25.81 31.52 -2.72
C GLU B 495 -26.31 30.40 -3.63
N LYS B 496 -25.49 29.36 -3.79
CA LYS B 496 -25.83 28.24 -4.67
C LYS B 496 -25.50 26.93 -3.96
N MET B 497 -26.13 25.86 -4.44
CA MET B 497 -26.09 24.57 -3.76
C MET B 497 -25.57 23.49 -4.70
N GLU B 498 -24.81 22.53 -4.13
CA GLU B 498 -24.12 21.51 -4.89
C GLU B 498 -24.40 20.13 -4.31
N ARG B 499 -23.85 19.10 -4.98
CA ARG B 499 -24.14 17.72 -4.64
C ARG B 499 -23.40 17.26 -3.38
N PHE B 500 -22.16 17.71 -3.20
CA PHE B 500 -21.35 17.30 -2.06
C PHE B 500 -20.73 18.54 -1.40
N ALA B 501 -20.24 18.34 -0.19
CA ALA B 501 -19.69 19.43 0.60
C ALA B 501 -18.46 20.01 -0.07
N VAL B 502 -18.30 21.33 0.03
CA VAL B 502 -17.16 22.03 -0.58
C VAL B 502 -16.04 21.97 0.44
N TRP B 503 -15.32 20.86 0.44
CA TRP B 503 -14.17 20.64 1.32
C TRP B 503 -12.93 21.19 0.65
N GLY B 504 -12.46 22.33 1.12
CA GLY B 504 -11.36 23.03 0.51
C GLY B 504 -11.60 24.51 0.53
N GLY B 505 -10.86 25.24 -0.30
CA GLY B 505 -10.97 26.68 -0.30
C GLY B 505 -11.27 27.29 -1.65
N THR B 506 -11.07 28.59 -1.77
CA THR B 506 -11.37 29.31 -3.01
C THR B 506 -10.24 30.29 -3.30
N MET B 507 -10.11 30.65 -4.58
CA MET B 507 -9.13 31.61 -5.04
C MET B 507 -9.83 32.62 -5.93
N ALA B 508 -9.61 33.90 -5.68
CA ALA B 508 -10.29 34.97 -6.38
C ALA B 508 -9.31 35.75 -7.25
N THR B 509 -9.78 36.17 -8.41
CA THR B 509 -8.97 36.91 -9.38
C THR B 509 -9.53 38.31 -9.56
N ALA B 510 -8.78 39.12 -10.31
CA ALA B 510 -9.17 40.51 -10.51
C ALA B 510 -10.43 40.62 -11.34
N GLY B 511 -10.50 39.92 -12.47
CA GLY B 511 -11.65 40.04 -13.33
C GLY B 511 -12.72 38.97 -13.11
N ASP B 512 -13.70 39.29 -12.27
CA ASP B 512 -15.00 38.62 -12.17
C ASP B 512 -14.93 37.10 -12.32
N LEU B 513 -13.97 36.48 -11.63
CA LEU B 513 -13.92 35.01 -11.58
C LEU B 513 -13.64 34.53 -10.15
N VAL B 514 -14.28 33.40 -9.82
CA VAL B 514 -14.02 32.67 -8.59
C VAL B 514 -13.83 31.20 -8.95
N PHE B 515 -12.72 30.61 -8.49
CA PHE B 515 -12.37 29.23 -8.77
C PHE B 515 -12.53 28.39 -7.51
N TYR B 516 -12.92 27.13 -7.69
CA TYR B 516 -12.95 26.19 -6.57
C TYR B 516 -12.96 24.76 -7.10
N GLY B 517 -12.77 23.82 -6.17
CA GLY B 517 -12.74 22.41 -6.49
C GLY B 517 -13.79 21.61 -5.75
N THR B 518 -14.14 20.44 -6.27
CA THR B 518 -15.25 19.65 -5.76
C THR B 518 -14.82 18.20 -5.55
N LEU B 519 -15.48 17.53 -4.60
CA LEU B 519 -15.17 16.14 -4.30
C LEU B 519 -15.51 15.20 -5.46
N ASP B 520 -16.39 15.61 -6.36
CA ASP B 520 -16.73 14.75 -7.51
C ASP B 520 -15.55 14.58 -8.45
N GLY B 521 -14.60 15.50 -8.44
CA GLY B 521 -13.51 15.47 -9.38
C GLY B 521 -13.61 16.56 -10.43
N TYR B 522 -14.05 17.75 -10.01
CA TYR B 522 -14.28 18.86 -10.91
C TYR B 522 -13.52 20.10 -10.44
N LEU B 523 -13.05 20.88 -11.41
CA LEU B 523 -12.64 22.25 -11.18
C LEU B 523 -13.70 23.16 -11.78
N LYS B 524 -14.20 24.10 -10.98
CA LYS B 524 -15.31 24.95 -11.39
C LYS B 524 -14.95 26.42 -11.25
N ALA B 525 -15.41 27.22 -12.21
CA ALA B 525 -15.23 28.66 -12.22
C ALA B 525 -16.58 29.33 -12.42
N ARG B 526 -16.91 30.26 -11.52
CA ARG B 526 -18.21 30.92 -11.45
C ARG B 526 -18.07 32.41 -11.73
N ASP B 527 -19.19 33.12 -11.62
CA ASP B 527 -19.24 34.55 -11.82
C ASP B 527 -19.27 35.27 -10.48
N SER B 528 -18.69 36.47 -10.45
CA SER B 528 -18.53 37.19 -9.21
C SER B 528 -19.73 38.06 -8.84
N ASP B 529 -20.49 38.52 -9.82
CA ASP B 529 -21.60 39.43 -9.57
C ASP B 529 -22.97 38.79 -9.76
N THR B 530 -23.05 37.59 -10.31
CA THR B 530 -24.34 36.95 -10.51
C THR B 530 -24.43 35.56 -9.90
N GLY B 531 -23.33 34.81 -9.89
CA GLY B 531 -23.32 33.45 -9.38
C GLY B 531 -23.56 32.37 -10.40
N ASP B 532 -23.65 32.73 -11.69
CA ASP B 532 -23.91 31.74 -12.73
C ASP B 532 -22.67 30.88 -12.97
N LEU B 533 -22.90 29.62 -13.34
CA LEU B 533 -21.80 28.72 -13.67
C LEU B 533 -21.25 29.04 -15.05
N LEU B 534 -19.94 29.17 -15.14
CA LEU B 534 -19.29 29.46 -16.41
C LEU B 534 -18.41 28.33 -16.91
N TRP B 535 -17.67 27.66 -16.04
CA TRP B 535 -16.75 26.65 -16.54
C TRP B 535 -16.64 25.49 -15.55
N LYS B 536 -16.52 24.27 -16.09
CA LYS B 536 -16.24 23.10 -15.28
C LYS B 536 -15.38 22.14 -16.09
N PHE B 537 -14.48 21.45 -15.39
CA PHE B 537 -13.63 20.44 -16.02
C PHE B 537 -13.46 19.25 -15.09
N LYS B 538 -13.25 18.08 -15.70
CA LYS B 538 -13.14 16.80 -14.99
C LYS B 538 -11.68 16.46 -14.78
N ILE B 539 -11.24 16.45 -13.52
CA ILE B 539 -9.87 16.08 -13.18
C ILE B 539 -9.89 14.62 -12.71
N PRO B 540 -8.73 13.94 -12.62
CA PRO B 540 -8.77 12.50 -12.28
C PRO B 540 -9.48 12.16 -10.99
N SER B 541 -9.33 12.97 -9.95
CA SER B 541 -9.96 12.68 -8.67
C SER B 541 -10.31 13.99 -7.98
N GLY B 542 -11.06 13.87 -6.89
CA GLY B 542 -11.54 15.04 -6.18
C GLY B 542 -10.42 15.82 -5.53
N ALA B 543 -10.76 17.04 -5.13
CA ALA B 543 -9.81 17.99 -4.55
C ALA B 543 -10.24 18.39 -3.15
N ILE B 544 -9.28 18.47 -2.23
CA ILE B 544 -9.52 18.97 -0.89
C ILE B 544 -8.50 20.05 -0.56
N GLY B 545 -7.95 20.69 -1.59
CA GLY B 545 -7.10 21.84 -1.42
C GLY B 545 -7.69 23.08 -2.07
N TYR B 546 -6.85 24.07 -2.37
CA TYR B 546 -7.31 25.28 -3.05
C TYR B 546 -6.39 25.59 -4.21
N PRO B 547 -6.92 26.19 -5.28
CA PRO B 547 -6.10 26.44 -6.47
C PRO B 547 -5.23 27.67 -6.34
N MET B 548 -4.25 27.78 -7.23
CA MET B 548 -3.37 28.93 -7.25
C MET B 548 -3.08 29.32 -8.70
N THR B 549 -2.68 30.58 -8.89
CA THR B 549 -2.39 31.10 -10.22
C THR B 549 -1.13 31.97 -10.17
N TYR B 550 -0.41 32.01 -11.29
CA TYR B 550 0.84 32.77 -11.38
C TYR B 550 1.16 33.04 -12.84
N THR B 551 2.33 33.63 -13.09
CA THR B 551 2.80 33.89 -14.45
C THR B 551 4.28 33.58 -14.54
N HIS B 552 4.70 33.10 -15.72
CA HIS B 552 6.10 32.80 -15.98
C HIS B 552 6.70 33.67 -17.07
N LYS B 553 6.15 33.63 -18.29
CA LYS B 553 6.62 34.48 -19.38
C LYS B 553 5.38 35.04 -20.11
N GLY B 554 4.85 36.14 -19.59
CA GLY B 554 3.67 36.77 -20.17
C GLY B 554 2.44 35.88 -20.24
N THR B 555 2.52 34.69 -19.66
CA THR B 555 1.43 33.72 -19.70
C THR B 555 1.01 33.35 -18.29
N GLN B 556 -0.30 33.30 -18.07
CA GLN B 556 -0.88 33.01 -16.77
C GLN B 556 -1.24 31.53 -16.67
N TYR B 557 -0.86 30.90 -15.57
CA TYR B 557 -1.07 29.47 -15.35
C TYR B 557 -1.86 29.26 -14.06
N VAL B 558 -2.72 28.25 -14.06
CA VAL B 558 -3.53 27.89 -12.90
C VAL B 558 -3.20 26.45 -12.52
N ALA B 559 -2.71 26.25 -11.29
CA ALA B 559 -2.31 24.94 -10.81
C ALA B 559 -3.17 24.50 -9.63
N ILE B 560 -3.43 23.20 -9.54
CA ILE B 560 -4.22 22.65 -8.44
C ILE B 560 -3.85 21.20 -8.23
N TYR B 561 -3.95 20.74 -6.98
CA TYR B 561 -3.74 19.35 -6.61
C TYR B 561 -4.99 18.52 -6.84
N TYR B 562 -4.82 17.21 -6.87
CA TYR B 562 -5.93 16.27 -6.92
C TYR B 562 -5.60 15.02 -6.12
N GLY B 563 -6.62 14.48 -5.46
CA GLY B 563 -6.52 13.34 -4.56
C GLY B 563 -7.51 13.48 -3.42
N VAL B 564 -8.30 12.44 -3.17
CA VAL B 564 -9.39 12.51 -2.19
C VAL B 564 -8.88 12.01 -0.84
N GLY B 565 -9.57 12.43 0.21
CA GLY B 565 -9.18 12.04 1.56
C GLY B 565 -9.90 12.87 2.60
N GLY B 566 -9.27 12.98 3.76
CA GLY B 566 -9.85 13.72 4.86
C GLY B 566 -10.99 12.96 5.52
N TRP B 567 -11.75 13.71 6.33
CA TRP B 567 -12.89 13.13 7.02
C TRP B 567 -13.98 12.62 6.08
N PRO B 568 -14.41 13.36 5.05
CA PRO B 568 -15.47 12.83 4.17
C PRO B 568 -15.10 11.55 3.44
N GLY B 569 -13.83 11.36 3.09
CA GLY B 569 -13.46 10.22 2.27
C GLY B 569 -13.03 8.98 3.02
N VAL B 570 -13.36 8.90 4.31
CA VAL B 570 -12.89 7.79 5.15
C VAL B 570 -13.30 6.46 4.56
N GLY B 571 -14.57 6.35 4.16
CA GLY B 571 -15.06 5.10 3.61
C GLY B 571 -14.30 4.64 2.38
N LEU B 572 -13.74 5.58 1.61
CA LEU B 572 -12.94 5.19 0.45
C LEU B 572 -11.56 4.72 0.87
N VAL B 573 -10.99 5.29 1.92
CA VAL B 573 -9.59 5.06 2.23
C VAL B 573 -9.42 3.76 3.02
N PHE B 574 -10.18 3.59 4.09
CA PHE B 574 -10.05 2.40 4.93
C PHE B 574 -11.05 1.31 4.57
N ASP B 575 -11.91 1.54 3.57
CA ASP B 575 -12.83 0.53 3.05
C ASP B 575 -13.75 -0.01 4.14
N LEU B 576 -14.58 0.89 4.67
CA LEU B 576 -15.54 0.56 5.71
C LEU B 576 -16.95 0.51 5.13
N ALA B 577 -17.84 -0.15 5.87
CA ALA B 577 -19.22 -0.33 5.42
C ALA B 577 -20.28 -0.02 6.47
N ASP B 578 -19.94 -0.01 7.75
CA ASP B 578 -20.93 0.27 8.80
C ASP B 578 -21.34 1.73 8.76
N PRO B 579 -22.63 2.05 8.60
CA PRO B 579 -23.02 3.46 8.53
C PRO B 579 -22.74 4.25 9.78
N THR B 580 -22.58 3.61 10.93
CA THR B 580 -22.34 4.30 12.19
C THR B 580 -20.86 4.48 12.49
N ALA B 581 -19.99 4.10 11.58
CA ALA B 581 -18.55 4.27 11.77
C ALA B 581 -18.13 5.68 11.39
N GLY B 582 -17.02 6.12 11.97
CA GLY B 582 -16.53 7.47 11.72
C GLY B 582 -17.45 8.56 12.24
N LEU B 583 -18.08 8.34 13.39
CA LEU B 583 -19.06 9.27 13.96
C LEU B 583 -20.22 9.52 13.00
N GLY B 584 -20.59 8.51 12.21
CA GLY B 584 -21.68 8.63 11.28
C GLY B 584 -21.34 9.23 9.93
N ALA B 585 -20.06 9.50 9.66
CA ALA B 585 -19.69 10.12 8.39
C ALA B 585 -19.77 9.13 7.23
N VAL B 586 -19.65 7.83 7.51
CA VAL B 586 -19.72 6.83 6.45
C VAL B 586 -21.12 6.81 5.83
N GLY B 587 -22.16 6.88 6.66
CA GLY B 587 -23.51 6.84 6.14
C GLY B 587 -23.87 8.05 5.29
N ALA B 588 -23.41 9.23 5.70
CA ALA B 588 -23.76 10.45 4.99
C ALA B 588 -23.14 10.51 3.61
N PHE B 589 -21.96 9.90 3.43
CA PHE B 589 -21.23 9.93 2.17
C PHE B 589 -21.19 8.55 1.53
N LYS B 590 -22.30 7.82 1.58
CA LYS B 590 -22.34 6.48 1.00
C LYS B 590 -22.43 6.51 -0.52
N LYS B 591 -22.76 7.65 -1.12
CA LYS B 591 -22.88 7.77 -2.56
C LYS B 591 -21.60 8.25 -3.24
N LEU B 592 -20.56 8.58 -2.47
CA LEU B 592 -19.32 9.07 -3.07
C LEU B 592 -18.51 7.97 -3.73
N ALA B 593 -18.79 6.71 -3.42
CA ALA B 593 -18.02 5.61 -3.98
C ALA B 593 -18.21 5.49 -5.48
N ASN B 594 -19.40 5.76 -5.99
CA ASN B 594 -19.69 5.65 -7.41
C ASN B 594 -19.62 6.98 -8.14
N TYR B 595 -18.73 7.87 -7.69
CA TYR B 595 -18.46 9.11 -8.40
C TYR B 595 -16.98 9.44 -8.54
N THR B 596 -16.10 8.83 -7.74
CA THR B 596 -14.67 9.13 -7.79
C THR B 596 -13.90 7.97 -7.18
N GLN B 597 -12.57 8.00 -7.37
CA GLN B 597 -11.68 7.02 -6.81
C GLN B 597 -10.46 7.76 -6.23
N MET B 598 -9.45 7.00 -5.83
CA MET B 598 -8.24 7.59 -5.27
C MET B 598 -7.32 8.12 -6.38
N GLY B 599 -6.17 8.62 -5.97
CA GLY B 599 -5.20 9.19 -6.88
C GLY B 599 -4.22 10.08 -6.12
N GLY B 600 -3.74 11.11 -6.81
CA GLY B 600 -2.86 12.09 -6.21
C GLY B 600 -1.83 12.66 -7.16
N GLY B 601 -1.78 13.98 -7.24
CA GLY B 601 -0.89 14.64 -8.19
C GLY B 601 -1.30 16.08 -8.37
N VAL B 602 -0.77 16.68 -9.43
CA VAL B 602 -1.01 18.09 -9.72
C VAL B 602 -1.35 18.26 -11.19
N VAL B 603 -2.19 19.25 -11.49
CA VAL B 603 -2.57 19.58 -12.86
C VAL B 603 -2.48 21.09 -13.06
N VAL B 604 -2.09 21.51 -14.27
CA VAL B 604 -1.82 22.90 -14.60
C VAL B 604 -2.51 23.24 -15.91
N PHE B 605 -3.43 24.22 -15.84
CA PHE B 605 -4.23 24.73 -16.94
C PHE B 605 -3.69 26.07 -17.44
N SER B 606 -3.94 26.33 -18.73
CA SER B 606 -3.62 27.59 -19.37
C SER B 606 -4.56 27.79 -20.55
N LEU B 607 -4.62 29.02 -21.03
CA LEU B 607 -5.47 29.33 -22.19
C LEU B 607 -4.96 28.60 -23.43
N ASP B 608 -5.88 27.91 -24.12
CA ASP B 608 -5.60 27.12 -25.31
C ASP B 608 -4.57 26.02 -25.07
N GLY B 609 -4.20 25.77 -23.82
CA GLY B 609 -3.24 24.70 -23.52
C GLY B 609 -1.87 24.89 -24.13
N LYS B 610 -1.32 26.09 -24.06
CA LYS B 610 0.01 26.37 -24.57
C LYS B 610 1.02 26.37 -23.42
N GLY B 611 2.23 25.89 -23.70
CA GLY B 611 3.24 25.75 -22.67
C GLY B 611 4.63 25.53 -23.24
N PRO B 612 5.52 24.98 -22.42
CA PRO B 612 6.92 24.84 -22.84
C PRO B 612 7.13 23.90 -24.01
N TYR B 613 6.19 22.98 -24.27
CA TYR B 613 6.37 21.95 -25.29
C TYR B 613 5.64 22.29 -26.59
N ASP B 614 5.43 23.59 -26.85
CA ASP B 614 4.89 23.99 -28.15
C ASP B 614 5.84 23.62 -29.27
N ASP B 615 7.14 23.86 -29.07
CA ASP B 615 8.16 23.37 -29.99
C ASP B 615 8.59 21.98 -29.49
N PRO B 616 8.31 20.91 -30.21
CA PRO B 616 8.50 19.56 -29.67
C PRO B 616 9.94 19.08 -29.63
N ASN B 617 10.92 19.96 -29.84
CA ASN B 617 12.33 19.58 -29.76
C ASN B 617 12.99 20.02 -28.47
N VAL B 618 12.21 20.42 -27.47
CA VAL B 618 12.73 20.84 -26.18
C VAL B 618 12.57 19.70 -25.19
N GLY B 619 13.66 19.32 -24.53
CA GLY B 619 13.68 18.19 -23.64
C GLY B 619 13.92 16.86 -24.30
N GLU B 620 14.29 16.85 -25.57
CA GLU B 620 14.56 15.60 -26.27
C GLU B 620 16.04 15.24 -26.20
N TRP B 621 16.30 13.93 -26.23
CA TRP B 621 17.67 13.43 -26.11
C TRP B 621 18.50 13.86 -27.31
N LYS B 622 19.71 14.34 -27.04
CA LYS B 622 20.64 14.82 -28.05
C LYS B 622 20.01 15.92 -28.90
N GLY C 51 -33.03 -33.55 25.25
CA GLY C 51 -33.07 -32.11 25.39
C GLY C 51 -31.74 -31.43 25.18
N THR C 52 -31.77 -30.15 24.80
CA THR C 52 -30.57 -29.37 24.56
C THR C 52 -30.57 -28.15 25.46
N LEU C 53 -29.44 -27.89 26.12
CA LEU C 53 -29.34 -26.71 26.97
C LEU C 53 -29.41 -25.42 26.16
N ARG C 54 -28.67 -25.36 25.05
CA ARG C 54 -28.69 -24.21 24.14
C ARG C 54 -28.31 -22.93 24.87
N VAL C 55 -27.06 -22.88 25.34
CA VAL C 55 -26.54 -21.75 26.10
C VAL C 55 -25.79 -20.83 25.15
N CYS C 56 -25.71 -19.56 25.54
CA CYS C 56 -25.09 -18.52 24.73
C CYS C 56 -23.65 -18.31 25.16
N ALA C 57 -22.76 -18.14 24.18
CA ALA C 57 -21.34 -17.99 24.45
C ALA C 57 -20.77 -16.86 23.62
N ALA C 58 -19.68 -16.29 24.11
CA ALA C 58 -18.96 -15.23 23.42
C ALA C 58 -17.47 -15.46 23.59
N GLU C 59 -16.69 -14.91 22.67
CA GLU C 59 -15.23 -15.11 22.65
C GLU C 59 -14.60 -14.09 23.60
N GLN C 60 -14.47 -14.47 24.86
CA GLN C 60 -13.83 -13.65 25.88
C GLN C 60 -12.79 -14.48 26.60
N PRO C 61 -11.54 -14.45 26.14
CA PRO C 61 -10.49 -15.21 26.78
C PRO C 61 -10.12 -14.59 28.13
N PRO C 62 -9.80 -15.42 29.13
CA PRO C 62 -9.76 -16.88 29.07
C PRO C 62 -11.07 -17.53 29.46
N LEU C 63 -12.11 -16.72 29.65
CA LEU C 63 -13.38 -17.25 30.14
C LEU C 63 -14.02 -18.20 29.14
N SER C 64 -13.93 -17.90 27.85
CA SER C 64 -14.53 -18.74 26.83
C SER C 64 -13.72 -18.66 25.55
N MET C 65 -13.50 -19.81 24.92
CA MET C 65 -12.80 -19.92 23.64
C MET C 65 -13.62 -20.76 22.68
N LYS C 66 -13.28 -20.66 21.39
CA LYS C 66 -14.02 -21.39 20.36
C LYS C 66 -13.91 -22.90 20.55
N ASP C 67 -12.71 -23.40 20.87
CA ASP C 67 -12.52 -24.84 20.97
C ASP C 67 -13.38 -25.44 22.08
N GLY C 68 -13.42 -24.80 23.24
CA GLY C 68 -14.22 -25.31 24.34
C GLY C 68 -13.44 -25.58 25.61
N SER C 69 -12.31 -24.90 25.78
CA SER C 69 -11.46 -25.06 26.96
C SER C 69 -11.64 -23.93 27.96
N GLY C 70 -12.65 -23.07 27.77
CA GLY C 70 -12.88 -21.99 28.70
C GLY C 70 -13.57 -22.45 29.97
N LEU C 71 -13.32 -21.71 31.06
CA LEU C 71 -13.86 -22.07 32.37
C LEU C 71 -15.38 -22.17 32.34
N GLU C 72 -16.02 -21.19 31.69
CA GLU C 72 -17.47 -21.22 31.57
C GLU C 72 -17.92 -22.46 30.81
N ASN C 73 -17.14 -22.87 29.81
CA ASN C 73 -17.51 -24.07 29.04
C ASN C 73 -17.45 -25.32 29.92
N ARG C 74 -16.40 -25.46 30.74
CA ARG C 74 -16.34 -26.60 31.66
C ARG C 74 -17.50 -26.57 32.65
N ILE C 75 -17.81 -25.40 33.20
CA ILE C 75 -18.91 -25.31 34.15
C ILE C 75 -20.22 -25.72 33.49
N ALA C 76 -20.46 -25.22 32.27
CA ALA C 76 -21.70 -25.54 31.57
C ALA C 76 -21.78 -27.02 31.23
N THR C 77 -20.66 -27.62 30.79
CA THR C 77 -20.68 -29.04 30.44
C THR C 77 -20.95 -29.90 31.67
N THR C 78 -20.31 -29.58 32.80
CA THR C 78 -20.58 -30.33 34.02
C THR C 78 -22.02 -30.16 34.47
N VAL C 79 -22.55 -28.94 34.37
CA VAL C 79 -23.93 -28.71 34.77
C VAL C 79 -24.88 -29.52 33.90
N ALA C 80 -24.64 -29.52 32.58
CA ALA C 80 -25.50 -30.27 31.66
C ALA C 80 -25.38 -31.77 31.91
N GLU C 81 -24.17 -32.26 32.17
CA GLU C 81 -24.00 -33.68 32.46
C GLU C 81 -24.75 -34.07 33.74
N ALA C 82 -24.74 -33.19 34.73
CA ALA C 82 -25.56 -33.41 35.91
C ALA C 82 -27.04 -33.38 35.55
N MET C 83 -27.43 -32.53 34.60
CA MET C 83 -28.84 -32.44 34.21
C MET C 83 -29.32 -33.74 33.58
N GLY C 84 -28.49 -34.34 32.74
CA GLY C 84 -28.89 -35.48 31.94
C GLY C 84 -29.13 -35.19 30.47
N ARG C 85 -28.79 -33.98 30.00
CA ARG C 85 -29.00 -33.60 28.61
C ARG C 85 -27.73 -32.98 28.05
N LYS C 86 -27.55 -33.11 26.73
CA LYS C 86 -26.38 -32.57 26.07
C LYS C 86 -26.45 -31.04 25.98
N ALA C 87 -25.28 -30.42 26.06
CA ALA C 87 -25.17 -28.97 26.02
C ALA C 87 -24.90 -28.48 24.61
N GLN C 88 -25.58 -27.41 24.23
CA GLN C 88 -25.45 -26.80 22.90
C GLN C 88 -25.02 -25.35 23.04
N PHE C 89 -24.17 -24.91 22.11
CA PHE C 89 -23.60 -23.58 22.14
C PHE C 89 -24.15 -22.75 20.99
N VAL C 90 -24.54 -21.51 21.28
CA VAL C 90 -24.88 -20.52 20.26
C VAL C 90 -23.97 -19.32 20.44
N TRP C 91 -23.33 -18.90 19.34
CA TRP C 91 -22.25 -17.94 19.40
C TRP C 91 -22.65 -16.62 18.73
N LEU C 92 -22.35 -15.52 19.40
CA LEU C 92 -22.51 -14.18 18.86
C LEU C 92 -21.14 -13.55 18.67
N GLY C 93 -20.95 -12.86 17.55
CA GLY C 93 -19.68 -12.22 17.29
C GLY C 93 -19.36 -11.05 18.19
N LYS C 94 -20.39 -10.45 18.79
CA LYS C 94 -20.18 -9.31 19.67
C LYS C 94 -19.63 -9.78 21.02
N PRO C 95 -19.02 -8.87 21.77
CA PRO C 95 -18.51 -9.24 23.10
C PRO C 95 -19.62 -9.67 24.04
N ALA C 96 -19.21 -10.13 25.22
CA ALA C 96 -20.16 -10.72 26.17
C ALA C 96 -21.11 -9.69 26.74
N ILE C 97 -20.68 -8.41 26.81
CA ILE C 97 -21.50 -7.38 27.43
C ILE C 97 -22.84 -7.21 26.73
N TYR C 98 -22.94 -7.63 25.47
CA TYR C 98 -24.17 -7.51 24.70
C TYR C 98 -25.07 -8.75 24.82
N LEU C 99 -24.56 -9.85 25.37
CA LEU C 99 -25.27 -11.12 25.27
C LEU C 99 -26.66 -11.06 25.88
N VAL C 100 -26.81 -10.32 26.98
CA VAL C 100 -28.12 -10.21 27.61
C VAL C 100 -29.10 -9.48 26.71
N ARG C 101 -28.66 -8.40 26.06
CA ARG C 101 -29.59 -7.59 25.28
C ARG C 101 -30.01 -8.28 23.99
N ASP C 102 -29.04 -8.86 23.27
CA ASP C 102 -29.32 -9.39 21.94
C ASP C 102 -29.80 -10.84 21.99
N GLY C 103 -29.20 -11.68 22.82
CA GLY C 103 -29.53 -13.09 22.82
C GLY C 103 -30.71 -13.48 23.68
N LEU C 104 -30.64 -13.18 24.97
CA LEU C 104 -31.63 -13.69 25.91
C LEU C 104 -33.01 -13.10 25.67
N GLU C 105 -33.08 -11.81 25.38
CA GLU C 105 -34.37 -11.15 25.22
C GLU C 105 -35.00 -11.39 23.85
N LYS C 106 -34.25 -11.88 22.87
CA LYS C 106 -34.79 -12.19 21.55
C LYS C 106 -35.03 -13.67 21.33
N LYS C 107 -34.99 -14.47 22.41
CA LYS C 107 -35.30 -15.90 22.38
C LYS C 107 -34.37 -16.68 21.45
N THR C 108 -33.18 -16.15 21.17
CA THR C 108 -32.19 -16.91 20.41
C THR C 108 -31.58 -18.02 21.25
N CYS C 109 -31.25 -17.72 22.50
CA CYS C 109 -30.66 -18.67 23.43
C CYS C 109 -31.63 -18.93 24.57
N ASP C 110 -31.16 -19.72 25.55
CA ASP C 110 -32.00 -20.10 26.69
C ASP C 110 -31.53 -19.47 27.99
N VAL C 111 -30.26 -19.65 28.38
CA VAL C 111 -29.73 -19.11 29.62
C VAL C 111 -28.32 -18.60 29.38
N VAL C 112 -27.83 -17.81 30.33
CA VAL C 112 -26.47 -17.33 30.32
C VAL C 112 -25.65 -18.14 31.30
N ILE C 113 -24.33 -17.97 31.28
CA ILE C 113 -23.45 -18.76 32.14
C ILE C 113 -23.20 -18.01 33.44
N GLY C 114 -22.56 -16.86 33.36
CA GLY C 114 -22.19 -16.13 34.57
C GLY C 114 -22.67 -14.70 34.60
N LEU C 115 -23.58 -14.40 35.53
CA LEU C 115 -24.12 -13.07 35.70
C LEU C 115 -24.30 -12.78 37.18
N ASP C 116 -24.14 -11.51 37.55
CA ASP C 116 -24.24 -11.12 38.95
C ASP C 116 -25.65 -11.32 39.47
N ALA C 117 -25.76 -11.71 40.74
CA ALA C 117 -27.06 -11.90 41.36
C ALA C 117 -27.73 -10.55 41.62
N ASP C 118 -28.95 -10.62 42.15
CA ASP C 118 -29.82 -9.47 42.41
C ASP C 118 -29.75 -8.44 41.28
N ASP C 119 -29.75 -8.90 40.03
CA ASP C 119 -29.73 -8.02 38.87
C ASP C 119 -31.15 -7.81 38.37
N PRO C 120 -31.60 -6.56 38.25
CA PRO C 120 -32.99 -6.32 37.82
C PRO C 120 -33.29 -6.76 36.40
N ARG C 121 -32.26 -6.98 35.58
CA ARG C 121 -32.49 -7.28 34.16
C ARG C 121 -33.26 -8.59 33.98
N VAL C 122 -32.77 -9.67 34.59
CA VAL C 122 -33.34 -11.00 34.43
C VAL C 122 -33.35 -11.70 35.79
N LEU C 123 -34.10 -12.80 35.86
CA LEU C 123 -34.13 -13.61 37.06
C LEU C 123 -32.80 -14.33 37.26
N THR C 124 -32.34 -14.39 38.50
CA THR C 124 -31.06 -14.97 38.84
C THR C 124 -31.23 -16.20 39.72
N SER C 125 -30.39 -17.20 39.50
CA SER C 125 -30.42 -18.42 40.28
C SER C 125 -29.64 -18.23 41.58
N LYS C 126 -29.56 -19.30 42.37
CA LYS C 126 -28.77 -19.26 43.60
C LYS C 126 -27.30 -19.12 43.25
N PRO C 127 -26.55 -18.29 43.99
CA PRO C 127 -25.12 -18.12 43.69
C PRO C 127 -24.36 -19.41 43.94
N TYR C 128 -23.27 -19.58 43.18
CA TYR C 128 -22.40 -20.73 43.35
C TYR C 128 -20.97 -20.39 43.69
N TYR C 129 -20.56 -19.12 43.61
CA TYR C 129 -19.27 -18.69 44.14
C TYR C 129 -19.23 -17.17 44.22
N ARG C 130 -18.18 -16.68 44.87
CA ARG C 130 -18.03 -15.26 45.19
C ARG C 130 -16.56 -14.86 44.99
N SER C 131 -16.34 -13.63 44.53
CA SER C 131 -14.98 -13.18 44.28
C SER C 131 -14.95 -11.66 44.28
N GLY C 132 -13.73 -11.12 44.23
CA GLY C 132 -13.54 -9.68 44.24
C GLY C 132 -12.22 -9.30 43.58
N TYR C 133 -11.95 -8.00 43.60
CA TYR C 133 -10.73 -7.46 43.00
C TYR C 133 -9.51 -7.77 43.86
N VAL C 134 -8.35 -7.81 43.21
CA VAL C 134 -7.11 -8.20 43.87
C VAL C 134 -5.96 -7.32 43.36
N PHE C 135 -5.03 -7.02 44.26
CA PHE C 135 -3.78 -6.36 43.89
C PHE C 135 -2.77 -7.39 43.43
N LEU C 136 -1.98 -7.02 42.43
CA LEU C 136 -0.93 -7.86 41.87
C LEU C 136 0.38 -7.10 41.86
N THR C 137 1.43 -7.70 42.43
CA THR C 137 2.75 -7.09 42.50
C THR C 137 3.81 -8.18 42.30
N ARG C 138 5.07 -7.76 42.24
CA ARG C 138 6.18 -8.69 42.14
C ARG C 138 6.70 -9.06 43.53
N ALA C 139 7.06 -10.33 43.69
CA ALA C 139 7.51 -10.81 44.99
C ALA C 139 8.89 -10.29 45.36
N ASP C 140 9.76 -10.08 44.38
CA ASP C 140 11.12 -9.65 44.67
C ASP C 140 11.18 -8.18 45.07
N LYS C 141 10.31 -7.33 44.51
CA LYS C 141 10.40 -5.90 44.73
C LYS C 141 10.06 -5.49 46.15
N ASP C 142 9.40 -6.37 46.92
CA ASP C 142 9.02 -6.09 48.30
C ASP C 142 8.15 -4.83 48.40
N LEU C 143 7.22 -4.67 47.48
CA LEU C 143 6.27 -3.56 47.49
C LEU C 143 4.92 -4.12 47.94
N ASP C 144 4.71 -4.13 49.26
CA ASP C 144 3.51 -4.70 49.85
C ASP C 144 2.44 -3.63 49.98
N ILE C 145 1.26 -3.90 49.41
CA ILE C 145 0.14 -2.98 49.44
C ILE C 145 -1.04 -3.71 50.10
N LYS C 146 -1.63 -3.07 51.11
CA LYS C 146 -2.75 -3.64 51.83
C LYS C 146 -4.09 -3.02 51.49
N SER C 147 -4.12 -1.72 51.18
CA SER C 147 -5.36 -1.04 50.85
C SER C 147 -5.02 0.23 50.07
N TRP C 148 -6.06 0.96 49.69
CA TRP C 148 -5.89 2.20 48.95
C TRP C 148 -5.38 3.34 49.83
N SER C 149 -5.35 3.16 51.15
CA SER C 149 -4.93 4.19 52.08
C SER C 149 -3.41 4.23 52.29
N ASP C 150 -2.68 3.33 51.65
CA ASP C 150 -1.22 3.32 51.77
C ASP C 150 -0.65 4.54 51.04
N PRO C 151 0.09 5.42 51.73
CA PRO C 151 0.67 6.57 51.03
C PRO C 151 1.64 6.19 49.92
N ARG C 152 2.26 5.02 50.01
CA ARG C 152 3.30 4.63 49.06
C ARG C 152 2.76 4.55 47.63
N LEU C 153 1.44 4.43 47.46
CA LEU C 153 0.84 4.39 46.13
C LEU C 153 0.96 5.72 45.40
N LYS C 154 1.28 6.81 46.09
CA LYS C 154 1.49 8.09 45.41
C LYS C 154 2.82 8.14 44.66
N GLU C 155 3.87 7.54 45.23
CA GLU C 155 5.19 7.63 44.63
C GLU C 155 5.40 6.63 43.49
N VAL C 156 4.47 5.69 43.30
CA VAL C 156 4.62 4.71 42.24
C VAL C 156 4.55 5.39 40.88
N SER C 157 5.43 4.97 39.96
CA SER C 157 5.51 5.60 38.65
C SER C 157 4.24 5.37 37.84
N HIS C 158 3.80 4.12 37.73
CA HIS C 158 2.66 3.77 36.89
C HIS C 158 1.83 2.68 37.54
N MET C 159 0.54 2.68 37.23
CA MET C 159 -0.39 1.65 37.67
C MET C 159 -1.30 1.29 36.50
N VAL C 160 -1.87 0.09 36.55
CA VAL C 160 -2.74 -0.41 35.50
C VAL C 160 -4.09 -0.80 36.10
N VAL C 161 -5.16 -0.23 35.55
CA VAL C 161 -6.53 -0.62 35.88
C VAL C 161 -7.34 -0.63 34.59
N GLY C 162 -8.57 -1.14 34.69
CA GLY C 162 -9.45 -1.23 33.55
C GLY C 162 -10.27 0.04 33.34
N PHE C 163 -11.17 -0.03 32.38
CA PHE C 163 -12.06 1.07 32.04
C PHE C 163 -13.44 0.80 32.62
N GLY C 164 -14.00 1.81 33.29
CA GLY C 164 -15.32 1.71 33.88
C GLY C 164 -15.37 0.95 35.18
N THR C 165 -14.24 0.52 35.72
CA THR C 165 -14.15 -0.25 36.95
C THR C 165 -14.08 0.67 38.16
N PRO C 166 -14.34 0.14 39.36
CA PRO C 166 -14.09 0.94 40.57
C PRO C 166 -12.65 1.35 40.75
N GLY C 167 -11.70 0.66 40.10
CA GLY C 167 -10.31 1.08 40.19
C GLY C 167 -10.07 2.46 39.63
N GLU C 168 -10.78 2.81 38.55
CA GLU C 168 -10.65 4.16 38.00
C GLU C 168 -11.22 5.20 38.96
N ALA C 169 -12.31 4.87 39.66
CA ALA C 169 -12.83 5.76 40.67
C ALA C 169 -11.83 5.97 41.80
N MET C 170 -11.18 4.90 42.25
CA MET C 170 -10.14 5.04 43.27
C MET C 170 -8.97 5.87 42.77
N LEU C 171 -8.59 5.70 41.49
CA LEU C 171 -7.55 6.54 40.92
C LEU C 171 -7.94 8.01 40.94
N LYS C 172 -9.19 8.30 40.58
CA LYS C 172 -9.65 9.68 40.60
C LYS C 172 -9.73 10.23 42.02
N ASP C 173 -9.94 9.36 43.01
CA ASP C 173 -10.01 9.82 44.39
C ASP C 173 -8.66 10.17 44.98
N ILE C 174 -7.57 9.61 44.44
CA ILE C 174 -6.23 9.86 44.97
C ILE C 174 -5.43 10.78 44.06
N GLY C 175 -6.04 11.33 43.02
CA GLY C 175 -5.39 12.32 42.18
C GLY C 175 -4.18 11.83 41.41
N ARG C 176 -4.29 10.67 40.77
CA ARG C 176 -3.23 10.14 39.94
C ARG C 176 -3.64 9.90 38.50
N TYR C 177 -4.85 10.31 38.11
CA TYR C 177 -5.35 9.98 36.78
C TYR C 177 -4.56 10.67 35.68
N GLU C 178 -4.10 11.90 35.95
CA GLU C 178 -3.41 12.67 34.93
C GLU C 178 -2.04 12.09 34.59
N GLU C 179 -1.43 11.35 35.52
CA GLU C 179 -0.15 10.72 35.25
C GLU C 179 -0.28 9.37 34.56
N ASP C 180 -1.49 8.83 34.44
CA ASP C 180 -1.68 7.48 33.92
C ASP C 180 -2.63 7.39 32.73
N MET C 181 -3.29 8.49 32.36
CA MET C 181 -4.27 8.43 31.27
C MET C 181 -3.61 8.03 29.95
N ALA C 182 -2.46 8.63 29.64
CA ALA C 182 -1.78 8.33 28.38
C ALA C 182 -1.28 6.89 28.34
N TYR C 183 -0.73 6.41 29.46
CA TYR C 183 -0.26 5.03 29.52
C TYR C 183 -1.41 4.04 29.34
N LEU C 184 -2.54 4.31 29.99
CA LEU C 184 -3.70 3.43 29.84
C LEU C 184 -4.20 3.44 28.41
N TYR C 185 -4.27 4.62 27.78
CA TYR C 185 -4.70 4.69 26.39
C TYR C 185 -3.70 4.07 25.43
N SER C 186 -2.44 3.95 25.84
CA SER C 186 -1.43 3.32 24.99
C SER C 186 -1.34 1.82 25.19
N LEU C 187 -1.84 1.28 26.30
CA LEU C 187 -1.89 -0.18 26.45
C LEU C 187 -2.64 -0.82 25.29
N VAL C 188 -3.92 -0.52 25.16
CA VAL C 188 -4.60 -0.77 23.90
C VAL C 188 -4.11 0.24 22.86
N ASN C 189 -4.28 -0.11 21.59
CA ASN C 189 -3.91 0.83 20.55
C ASN C 189 -4.73 2.11 20.70
N PHE C 190 -4.18 3.21 20.22
CA PHE C 190 -4.77 4.52 20.49
C PHE C 190 -6.09 4.67 19.76
N ARG C 191 -7.11 3.89 20.16
CA ARG C 191 -8.39 3.90 19.47
C ARG C 191 -9.45 3.42 20.45
N ALA C 192 -10.23 4.36 20.99
CA ALA C 192 -11.34 4.07 21.90
C ALA C 192 -12.56 4.87 21.46
N PRO C 193 -13.24 4.43 20.40
CA PRO C 193 -14.39 5.19 19.91
C PRO C 193 -15.54 5.16 20.91
N ARG C 194 -16.38 6.20 20.85
CA ARG C 194 -17.49 6.33 21.78
C ARG C 194 -18.66 5.42 21.44
N ASN C 195 -18.62 4.75 20.28
CA ASN C 195 -19.71 3.86 19.90
C ASN C 195 -19.48 2.44 20.41
N GLN C 196 -18.27 1.92 20.22
CA GLN C 196 -17.97 0.53 20.51
C GLN C 196 -17.39 0.38 21.92
N TYR C 197 -17.27 -0.87 22.35
CA TYR C 197 -16.75 -1.21 23.67
C TYR C 197 -15.32 -1.72 23.52
N THR C 198 -14.39 -1.09 24.24
CA THR C 198 -12.98 -1.48 24.21
C THR C 198 -12.49 -1.72 25.62
N GLN C 199 -11.50 -2.60 25.74
CA GLN C 199 -11.00 -3.00 27.05
C GLN C 199 -9.58 -3.54 26.87
N ILE C 200 -8.83 -3.58 27.97
CA ILE C 200 -7.46 -4.07 27.96
C ILE C 200 -7.46 -5.57 28.20
N ASP C 201 -6.68 -6.29 27.40
CA ASP C 201 -6.57 -7.74 27.54
C ASP C 201 -5.92 -8.08 28.89
N PRO C 202 -6.48 -9.02 29.67
CA PRO C 202 -5.84 -9.39 30.93
C PRO C 202 -4.42 -9.92 30.78
N ALA C 203 -4.16 -10.65 29.69
CA ALA C 203 -2.80 -11.15 29.45
C ALA C 203 -1.82 -10.00 29.30
N ARG C 204 -2.24 -8.93 28.62
CA ARG C 204 -1.39 -7.75 28.49
C ARG C 204 -1.11 -7.13 29.85
N MET C 205 -2.12 -7.08 30.71
CA MET C 205 -1.94 -6.52 32.04
C MET C 205 -0.92 -7.31 32.85
N VAL C 206 -1.05 -8.65 32.83
CA VAL C 206 -0.12 -9.49 33.58
C VAL C 206 1.29 -9.37 33.01
N SER C 207 1.42 -9.36 31.69
CA SER C 207 2.74 -9.21 31.09
C SER C 207 3.37 -7.88 31.45
N GLU C 208 2.57 -6.80 31.43
CA GLU C 208 3.10 -5.48 31.76
C GLU C 208 3.56 -5.41 33.21
N VAL C 209 2.79 -5.97 34.14
CA VAL C 209 3.20 -5.91 35.53
C VAL C 209 4.42 -6.80 35.77
N ALA C 210 4.51 -7.94 35.08
CA ALA C 210 5.63 -8.85 35.31
C ALA C 210 6.93 -8.29 34.74
N THR C 211 6.88 -7.72 33.53
CA THR C 211 8.11 -7.26 32.89
C THR C 211 8.72 -6.08 33.64
N GLY C 212 7.90 -5.12 34.06
CA GLY C 212 8.41 -4.02 34.86
C GLY C 212 7.92 -2.64 34.47
N LYS C 213 7.07 -2.55 33.45
CA LYS C 213 6.54 -1.25 33.05
C LYS C 213 5.68 -0.62 34.13
N ALA C 214 4.84 -1.42 34.80
CA ALA C 214 3.95 -0.94 35.85
C ALA C 214 4.23 -1.71 37.13
N GLU C 215 4.38 -0.98 38.24
CA GLU C 215 4.76 -1.61 39.50
C GLU C 215 3.59 -2.37 40.13
N VAL C 216 2.40 -1.78 40.12
CA VAL C 216 1.25 -2.35 40.82
C VAL C 216 0.09 -2.51 39.84
N GLY C 217 -0.65 -3.61 39.96
CA GLY C 217 -1.83 -3.81 39.16
C GLY C 217 -3.02 -4.15 40.03
N VAL C 218 -4.22 -3.87 39.51
CA VAL C 218 -5.48 -4.24 40.14
C VAL C 218 -6.32 -4.97 39.11
N ALA C 219 -6.83 -6.15 39.48
CA ALA C 219 -7.52 -6.96 38.48
C ALA C 219 -8.55 -7.86 39.16
N PHE C 220 -9.49 -8.34 38.35
CA PHE C 220 -10.51 -9.26 38.83
C PHE C 220 -10.00 -10.69 38.75
N GLY C 221 -10.39 -11.50 39.74
CA GLY C 221 -9.80 -12.79 39.95
C GLY C 221 -9.89 -13.75 38.79
N PRO C 222 -11.10 -14.20 38.46
CA PRO C 222 -11.26 -15.22 37.42
C PRO C 222 -10.73 -14.82 36.05
N ASP C 223 -10.55 -13.52 35.79
CA ASP C 223 -10.05 -13.09 34.49
C ASP C 223 -8.55 -13.35 34.34
N VAL C 224 -7.80 -13.32 35.44
CA VAL C 224 -6.35 -13.41 35.39
C VAL C 224 -5.79 -14.55 36.21
N ALA C 225 -6.64 -15.41 36.80
CA ALA C 225 -6.14 -16.47 37.67
C ALA C 225 -5.25 -17.44 36.90
N ARG C 226 -5.65 -17.81 35.67
CA ARG C 226 -4.89 -18.78 34.90
C ARG C 226 -3.48 -18.28 34.61
N TYR C 227 -3.35 -17.03 34.19
CA TYR C 227 -2.03 -16.47 33.91
C TYR C 227 -1.25 -16.19 35.19
N VAL C 228 -1.93 -15.97 36.31
CA VAL C 228 -1.21 -15.83 37.57
C VAL C 228 -0.59 -17.16 37.98
N ARG C 229 -1.34 -18.27 37.82
CA ARG C 229 -0.81 -19.58 38.20
C ARG C 229 0.37 -19.97 37.32
N ASP C 230 0.26 -19.78 36.00
CA ASP C 230 1.24 -20.27 35.05
C ASP C 230 2.30 -19.23 34.68
N SER C 231 2.63 -18.34 35.61
CA SER C 231 3.60 -17.28 35.35
C SER C 231 4.98 -17.69 35.83
N SER C 232 5.97 -17.57 34.95
CA SER C 232 7.34 -17.89 35.34
C SER C 232 7.84 -16.95 36.41
N THR C 233 7.57 -15.66 36.27
CA THR C 233 7.97 -14.68 37.27
C THR C 233 7.09 -14.82 38.51
N LYS C 234 7.71 -14.64 39.67
CA LYS C 234 7.00 -14.77 40.95
C LYS C 234 6.17 -13.52 41.20
N LEU C 235 4.86 -13.64 41.00
CA LEU C 235 3.92 -12.54 41.22
C LEU C 235 3.00 -12.91 42.37
N ARG C 236 2.79 -11.97 43.29
CA ARG C 236 1.94 -12.19 44.44
C ARG C 236 0.70 -11.30 44.37
N MET C 237 -0.40 -11.83 44.89
CA MET C 237 -1.71 -11.20 44.80
C MET C 237 -2.35 -11.13 46.17
N THR C 238 -3.20 -10.12 46.35
CA THR C 238 -3.80 -9.87 47.66
C THR C 238 -5.20 -9.29 47.52
N PRO C 239 -6.19 -9.83 48.24
CA PRO C 239 -7.55 -9.30 48.14
C PRO C 239 -7.66 -7.87 48.67
N VAL C 240 -8.59 -7.12 48.10
CA VAL C 240 -8.87 -5.75 48.49
C VAL C 240 -9.87 -5.75 49.64
N PRO C 241 -9.71 -4.90 50.66
CA PRO C 241 -10.69 -4.84 51.74
C PRO C 241 -12.08 -4.46 51.23
N ASP C 242 -13.09 -5.04 51.86
CA ASP C 242 -14.46 -4.85 51.39
C ASP C 242 -15.00 -3.46 51.72
N ASP C 243 -14.71 -2.97 52.92
CA ASP C 243 -15.23 -1.69 53.38
C ASP C 243 -14.24 -0.59 53.00
N THR C 244 -14.52 0.08 51.89
CA THR C 244 -13.69 1.18 51.39
C THR C 244 -14.55 2.43 51.24
N GLN C 245 -14.00 3.57 51.65
CA GLN C 245 -14.69 4.85 51.59
C GLN C 245 -13.99 5.77 50.59
N ALA C 246 -14.76 6.40 49.72
CA ALA C 246 -14.22 7.37 48.78
C ALA C 246 -14.10 8.72 49.48
N SER C 247 -13.75 9.76 48.72
CA SER C 247 -13.63 11.09 49.30
C SER C 247 -14.97 11.59 49.82
N ASP C 248 -16.05 11.36 49.08
CA ASP C 248 -17.38 11.78 49.53
C ASP C 248 -17.89 10.90 50.65
N GLY C 249 -17.41 9.67 50.76
CA GLY C 249 -17.87 8.74 51.77
C GLY C 249 -18.90 7.74 51.29
N ARG C 250 -19.18 7.68 50.00
CA ARG C 250 -20.16 6.73 49.48
C ARG C 250 -19.64 5.31 49.59
N LYS C 251 -20.55 4.38 49.91
CA LYS C 251 -20.19 2.97 49.99
C LYS C 251 -20.01 2.40 48.60
N MET C 252 -18.89 1.70 48.39
CA MET C 252 -18.70 0.97 47.15
C MET C 252 -18.00 -0.36 47.44
N PRO C 253 -18.67 -1.49 47.20
CA PRO C 253 -18.13 -2.78 47.62
C PRO C 253 -17.01 -3.25 46.70
N GLN C 254 -16.32 -4.30 47.17
CA GLN C 254 -15.27 -4.93 46.40
C GLN C 254 -15.44 -6.44 46.26
N SER C 255 -16.49 -7.02 46.83
CA SER C 255 -16.74 -8.45 46.75
C SER C 255 -18.16 -8.69 46.25
N PHE C 256 -18.29 -9.56 45.26
CA PHE C 256 -19.57 -9.83 44.61
C PHE C 256 -19.77 -11.33 44.44
N ASP C 257 -21.03 -11.75 44.61
CA ASP C 257 -21.44 -13.10 44.27
C ASP C 257 -21.64 -13.23 42.77
N GLN C 258 -21.70 -14.47 42.30
CA GLN C 258 -22.02 -14.73 40.90
C GLN C 258 -23.00 -15.89 40.81
N ALA C 259 -23.87 -15.82 39.82
CA ALA C 259 -24.96 -16.79 39.69
C ALA C 259 -25.27 -16.98 38.21
N MET C 260 -26.42 -17.58 37.92
CA MET C 260 -26.87 -17.86 36.56
C MET C 260 -28.23 -17.21 36.33
N GLY C 261 -28.43 -16.69 35.12
CA GLY C 261 -29.62 -15.93 34.78
C GLY C 261 -30.53 -16.67 33.82
N VAL C 262 -31.84 -16.45 33.98
CA VAL C 262 -32.86 -17.02 33.10
C VAL C 262 -33.82 -15.90 32.70
N ARG C 263 -34.54 -16.15 31.61
CA ARG C 263 -35.55 -15.20 31.15
C ARG C 263 -36.69 -15.12 32.16
N LYS C 264 -37.35 -13.97 32.19
CA LYS C 264 -38.40 -13.73 33.19
C LYS C 264 -39.56 -14.70 33.03
N ASP C 265 -39.98 -14.96 31.80
CA ASP C 265 -41.15 -15.81 31.58
C ASP C 265 -40.90 -17.23 32.06
N ASP C 266 -39.70 -17.76 31.79
CA ASP C 266 -39.38 -19.15 32.14
C ASP C 266 -39.25 -19.26 33.66
N THR C 267 -40.29 -19.78 34.30
CA THR C 267 -40.28 -19.99 35.74
C THR C 267 -40.07 -21.45 36.13
N ALA C 268 -40.46 -22.39 35.28
CA ALA C 268 -40.24 -23.80 35.59
C ALA C 268 -38.78 -24.18 35.42
N LEU C 269 -38.13 -23.67 34.38
CA LEU C 269 -36.72 -23.96 34.16
C LEU C 269 -35.86 -23.42 35.29
N LYS C 270 -36.21 -22.24 35.80
CA LYS C 270 -35.45 -21.65 36.90
C LYS C 270 -35.48 -22.56 38.12
N ALA C 271 -36.67 -23.02 38.51
CA ALA C 271 -36.77 -23.92 39.66
C ALA C 271 -36.09 -25.24 39.39
N GLU C 272 -36.21 -25.77 38.17
CA GLU C 272 -35.58 -27.04 37.85
C GLU C 272 -34.06 -26.94 37.95
N ILE C 273 -33.48 -25.87 37.40
CA ILE C 273 -32.04 -25.69 37.46
C ILE C 273 -31.59 -25.50 38.91
N ASP C 274 -32.34 -24.73 39.69
CA ASP C 274 -31.97 -24.56 41.10
C ASP C 274 -31.99 -25.89 41.83
N ALA C 275 -33.02 -26.72 41.58
CA ALA C 275 -33.12 -27.98 42.29
C ALA C 275 -32.04 -28.96 41.86
N ALA C 276 -31.71 -29.00 40.57
CA ALA C 276 -30.80 -30.00 40.04
C ALA C 276 -29.35 -29.54 40.02
N LEU C 277 -29.06 -28.28 40.35
CA LEU C 277 -27.68 -27.84 40.51
C LEU C 277 -27.12 -28.23 41.88
N GLU C 278 -28.01 -28.47 42.86
CA GLU C 278 -27.57 -28.85 44.20
C GLU C 278 -26.87 -30.19 44.22
N LYS C 279 -26.97 -30.97 43.14
CA LYS C 279 -26.37 -32.30 43.11
C LYS C 279 -24.87 -32.26 42.87
N ALA C 280 -24.32 -31.12 42.46
CA ALA C 280 -22.96 -31.09 41.91
C ALA C 280 -22.15 -29.94 42.49
N LYS C 281 -22.13 -29.79 43.82
CA LYS C 281 -21.14 -28.89 44.41
C LYS C 281 -19.71 -29.36 44.18
N PRO C 282 -19.33 -30.62 44.46
CA PRO C 282 -17.91 -30.98 44.44
C PRO C 282 -17.25 -30.79 43.09
N LYS C 283 -17.96 -31.05 41.99
CA LYS C 283 -17.35 -30.86 40.68
C LYS C 283 -17.00 -29.40 40.43
N ILE C 284 -17.93 -28.49 40.77
CA ILE C 284 -17.66 -27.07 40.61
C ILE C 284 -16.50 -26.63 41.51
N GLU C 285 -16.49 -27.12 42.75
CA GLU C 285 -15.41 -26.77 43.66
C GLU C 285 -14.07 -27.25 43.12
N ALA C 286 -14.02 -28.47 42.58
CA ALA C 286 -12.79 -29.00 42.02
C ALA C 286 -12.34 -28.19 40.80
N ILE C 287 -13.29 -27.78 39.96
CA ILE C 287 -12.93 -26.97 38.80
C ILE C 287 -12.33 -25.65 39.24
N LEU C 288 -12.95 -25.00 40.23
CA LEU C 288 -12.41 -23.73 40.72
C LEU C 288 -11.03 -23.91 41.32
N LYS C 289 -10.82 -24.99 42.10
CA LYS C 289 -9.51 -25.23 42.68
C LYS C 289 -8.46 -25.50 41.60
N GLU C 290 -8.82 -26.27 40.57
CA GLU C 290 -7.88 -26.55 39.49
C GLU C 290 -7.52 -25.27 38.74
N GLU C 291 -8.50 -24.40 38.49
CA GLU C 291 -8.21 -23.15 37.81
C GLU C 291 -7.39 -22.21 38.68
N GLY C 292 -7.73 -22.13 39.96
CA GLY C 292 -7.01 -21.27 40.88
C GLY C 292 -7.73 -20.00 41.30
N VAL C 293 -9.03 -19.91 41.06
CA VAL C 293 -9.79 -18.70 41.43
C VAL C 293 -9.81 -18.58 42.95
N PRO C 294 -9.50 -17.41 43.50
CA PRO C 294 -9.53 -17.26 44.97
C PRO C 294 -10.94 -17.19 45.51
N VAL C 295 -11.55 -18.36 45.74
CA VAL C 295 -12.91 -18.41 46.24
C VAL C 295 -12.96 -17.82 47.65
N LEU C 296 -13.91 -16.92 47.88
CA LEU C 296 -14.14 -16.34 49.20
C LEU C 296 -15.45 -16.87 49.75
N PRO C 297 -15.44 -17.65 50.83
CA PRO C 297 -16.68 -18.23 51.33
C PRO C 297 -17.68 -17.17 51.75
N VAL C 298 -18.96 -17.43 51.49
CA VAL C 298 -20.02 -16.49 51.81
C VAL C 298 -20.27 -16.51 53.31
N SER C 299 -20.24 -15.33 53.93
CA SER C 299 -20.47 -15.22 55.36
C SER C 299 -21.18 -13.92 55.71
N GLY D 51 47.24 -9.75 23.87
CA GLY D 51 46.83 -9.92 22.48
C GLY D 51 45.34 -10.06 22.31
N THR D 52 44.92 -10.43 21.10
CA THR D 52 43.50 -10.60 20.80
C THR D 52 43.36 -11.54 19.62
N LEU D 53 42.14 -12.06 19.44
CA LEU D 53 41.82 -12.95 18.34
C LEU D 53 40.61 -12.40 17.59
N ARG D 54 40.73 -12.33 16.26
CA ARG D 54 39.65 -11.87 15.41
C ARG D 54 39.12 -13.04 14.60
N VAL D 55 37.81 -13.25 14.66
CA VAL D 55 37.16 -14.40 14.03
C VAL D 55 36.19 -13.89 12.97
N CYS D 56 36.22 -14.54 11.81
CA CYS D 56 35.34 -14.21 10.70
C CYS D 56 33.96 -14.81 10.98
N ALA D 57 32.95 -13.98 11.16
CA ALA D 57 31.65 -14.44 11.61
C ALA D 57 30.53 -13.90 10.73
N ALA D 58 29.48 -14.71 10.59
CA ALA D 58 28.28 -14.32 9.88
C ALA D 58 27.07 -14.89 10.60
N GLU D 59 25.93 -14.23 10.45
CA GLU D 59 24.71 -14.64 11.15
C GLU D 59 24.12 -15.84 10.42
N GLN D 60 24.12 -16.99 11.08
CA GLN D 60 23.63 -18.23 10.49
C GLN D 60 23.20 -19.20 11.58
N PRO D 61 21.91 -19.21 11.93
CA PRO D 61 21.47 -20.10 13.01
C PRO D 61 21.43 -21.54 12.53
N PRO D 62 21.59 -22.51 13.44
CA PRO D 62 21.88 -22.31 14.87
C PRO D 62 23.37 -22.40 15.22
N LEU D 63 24.22 -22.45 14.20
CA LEU D 63 25.66 -22.59 14.45
C LEU D 63 26.25 -21.32 15.05
N SER D 64 25.91 -20.16 14.49
CA SER D 64 26.41 -18.89 14.97
C SER D 64 25.24 -17.92 15.11
N MET D 65 25.13 -17.28 16.28
CA MET D 65 24.07 -16.34 16.55
C MET D 65 24.65 -15.02 17.03
N LYS D 66 23.83 -13.97 16.98
CA LYS D 66 24.25 -12.65 17.42
C LYS D 66 24.57 -12.65 18.91
N ASP D 67 23.76 -13.33 19.72
CA ASP D 67 23.98 -13.37 21.16
C ASP D 67 25.20 -14.20 21.54
N GLY D 68 25.72 -15.01 20.63
CA GLY D 68 26.87 -15.83 20.94
C GLY D 68 26.55 -17.15 21.60
N SER D 69 25.31 -17.63 21.47
CA SER D 69 24.89 -18.88 22.10
C SER D 69 25.03 -20.09 21.19
N GLY D 70 25.59 -19.93 19.99
CA GLY D 70 25.73 -21.03 19.07
C GLY D 70 26.94 -21.90 19.37
N LEU D 71 26.94 -23.07 18.74
CA LEU D 71 28.05 -24.01 18.94
C LEU D 71 29.37 -23.43 18.46
N GLU D 72 29.37 -22.81 17.28
CA GLU D 72 30.61 -22.26 16.73
C GLU D 72 31.14 -21.12 17.60
N ASN D 73 30.24 -20.25 18.07
CA ASN D 73 30.67 -19.15 18.93
C ASN D 73 31.24 -19.67 20.23
N ARG D 74 30.60 -20.69 20.82
CA ARG D 74 31.12 -21.28 22.05
C ARG D 74 32.49 -21.90 21.83
N ILE D 75 32.68 -22.60 20.70
CA ILE D 75 33.98 -23.20 20.42
C ILE D 75 35.05 -22.11 20.28
N ALA D 76 34.72 -21.03 19.56
CA ALA D 76 35.68 -19.95 19.38
C ALA D 76 36.05 -19.30 20.71
N THR D 77 35.05 -19.02 21.54
CA THR D 77 35.33 -18.42 22.85
C THR D 77 36.15 -19.36 23.73
N THR D 78 35.83 -20.66 23.71
CA THR D 78 36.58 -21.62 24.53
C THR D 78 38.03 -21.72 24.08
N VAL D 79 38.28 -21.78 22.77
CA VAL D 79 39.65 -21.89 22.30
C VAL D 79 40.42 -20.60 22.56
N ALA D 80 39.74 -19.44 22.45
CA ALA D 80 40.40 -18.18 22.76
C ALA D 80 40.77 -18.10 24.24
N GLU D 81 39.86 -18.54 25.12
CA GLU D 81 40.15 -18.54 26.55
C GLU D 81 41.29 -19.51 26.88
N ALA D 82 41.29 -20.68 26.24
CA ALA D 82 42.36 -21.65 26.47
C ALA D 82 43.70 -21.09 26.04
N MET D 83 43.75 -20.41 24.89
CA MET D 83 44.99 -19.80 24.45
C MET D 83 45.34 -18.55 25.26
N GLY D 84 44.34 -17.92 25.87
CA GLY D 84 44.58 -16.78 26.72
C GLY D 84 44.41 -15.42 26.07
N ARG D 85 43.84 -15.35 24.87
CA ARG D 85 43.62 -14.10 24.17
C ARG D 85 42.13 -13.86 24.01
N LYS D 86 41.72 -12.61 24.11
CA LYS D 86 40.31 -12.26 23.92
C LYS D 86 39.92 -12.44 22.46
N ALA D 87 38.66 -12.83 22.24
CA ALA D 87 38.14 -13.09 20.92
C ALA D 87 37.18 -11.97 20.53
N GLN D 88 37.46 -11.32 19.40
CA GLN D 88 36.60 -10.27 18.85
C GLN D 88 35.86 -10.83 17.66
N PHE D 89 34.54 -10.66 17.66
CA PHE D 89 33.65 -11.24 16.65
C PHE D 89 33.19 -10.15 15.69
N VAL D 90 33.99 -9.93 14.64
CA VAL D 90 33.58 -9.01 13.58
C VAL D 90 32.44 -9.65 12.79
N TRP D 91 31.46 -8.84 12.42
CA TRP D 91 30.26 -9.33 11.74
C TRP D 91 30.29 -8.93 10.28
N LEU D 92 30.05 -9.91 9.41
CA LEU D 92 29.89 -9.68 7.98
C LEU D 92 28.44 -9.93 7.60
N GLY D 93 27.85 -9.00 6.86
CA GLY D 93 26.42 -9.11 6.55
C GLY D 93 26.08 -10.30 5.69
N LYS D 94 26.99 -10.71 4.81
CA LYS D 94 26.72 -11.79 3.88
C LYS D 94 26.67 -13.13 4.62
N PRO D 95 25.98 -14.13 4.04
CA PRO D 95 25.97 -15.47 4.64
C PRO D 95 27.35 -16.10 4.70
N ALA D 96 27.42 -17.32 5.28
CA ALA D 96 28.70 -17.93 5.61
C ALA D 96 29.53 -18.23 4.36
N ILE D 97 28.89 -18.55 3.25
CA ILE D 97 29.61 -18.94 2.04
C ILE D 97 30.53 -17.84 1.55
N TYR D 98 30.27 -16.60 1.95
CA TYR D 98 31.07 -15.45 1.51
C TYR D 98 32.18 -15.09 2.49
N LEU D 99 32.40 -15.91 3.52
CA LEU D 99 33.38 -15.57 4.55
C LEU D 99 34.79 -15.50 3.97
N VAL D 100 35.17 -16.47 3.15
CA VAL D 100 36.54 -16.54 2.69
C VAL D 100 36.85 -15.43 1.70
N ARG D 101 35.95 -15.19 0.74
CA ARG D 101 36.25 -14.25 -0.33
C ARG D 101 36.37 -12.82 0.16
N ASP D 102 35.49 -12.40 1.07
CA ASP D 102 35.43 -11.01 1.51
C ASP D 102 35.89 -10.82 2.94
N GLY D 103 36.21 -11.89 3.66
CA GLY D 103 36.70 -11.75 5.02
C GLY D 103 38.21 -11.87 5.15
N LEU D 104 38.79 -12.88 4.50
CA LEU D 104 40.22 -13.13 4.61
C LEU D 104 41.00 -12.41 3.53
N GLU D 105 40.51 -12.40 2.30
CA GLU D 105 41.19 -11.70 1.22
C GLU D 105 41.20 -10.19 1.42
N LYS D 106 40.26 -9.66 2.18
CA LYS D 106 40.19 -8.24 2.46
C LYS D 106 40.95 -7.85 3.72
N LYS D 107 41.57 -8.81 4.40
CA LYS D 107 42.38 -8.58 5.59
C LYS D 107 41.58 -7.97 6.74
N THR D 108 40.25 -8.06 6.69
CA THR D 108 39.41 -7.52 7.76
C THR D 108 39.45 -8.42 9.00
N CYS D 109 39.40 -9.72 8.81
CA CYS D 109 39.37 -10.71 9.88
C CYS D 109 40.50 -11.72 9.68
N ASP D 110 40.61 -12.67 10.60
CA ASP D 110 41.75 -13.58 10.62
C ASP D 110 41.38 -15.02 10.35
N VAL D 111 40.47 -15.62 11.13
CA VAL D 111 40.24 -17.05 11.09
C VAL D 111 38.75 -17.34 10.94
N VAL D 112 38.46 -18.55 10.44
CA VAL D 112 37.11 -19.06 10.29
C VAL D 112 36.94 -20.23 11.23
N ILE D 113 35.86 -20.21 12.02
CA ILE D 113 35.71 -21.19 13.10
C ILE D 113 35.51 -22.59 12.54
N GLY D 114 34.77 -22.72 11.44
CA GLY D 114 34.52 -24.03 10.87
C GLY D 114 34.64 -24.06 9.36
N LEU D 115 35.35 -25.06 8.83
CA LEU D 115 35.57 -25.14 7.40
C LEU D 115 35.87 -26.59 7.05
N ASP D 116 35.72 -26.91 5.76
CA ASP D 116 36.06 -28.24 5.28
C ASP D 116 37.57 -28.43 5.23
N ALA D 117 38.00 -29.66 5.49
CA ALA D 117 39.41 -29.99 5.40
C ALA D 117 39.85 -30.02 3.94
N ASP D 118 41.17 -30.14 3.74
CA ASP D 118 41.80 -30.26 2.41
C ASP D 118 41.28 -29.23 1.42
N ASP D 119 40.82 -28.09 1.92
CA ASP D 119 40.35 -27.02 1.04
C ASP D 119 41.55 -26.30 0.44
N PRO D 120 41.70 -26.29 -0.89
CA PRO D 120 42.90 -25.68 -1.48
C PRO D 120 42.94 -24.16 -1.38
N ARG D 121 41.81 -23.50 -1.07
CA ARG D 121 41.80 -22.03 -1.06
C ARG D 121 42.67 -21.48 0.06
N VAL D 122 42.55 -22.03 1.27
CA VAL D 122 43.30 -21.57 2.43
C VAL D 122 43.91 -22.76 3.15
N LEU D 123 44.97 -22.49 3.89
CA LEU D 123 45.59 -23.52 4.72
C LEU D 123 44.71 -23.85 5.91
N THR D 124 44.62 -25.14 6.24
CA THR D 124 43.73 -25.62 7.29
C THR D 124 44.51 -26.35 8.37
N SER D 125 44.02 -26.25 9.60
CA SER D 125 44.67 -26.85 10.75
C SER D 125 44.34 -28.33 10.84
N LYS D 126 44.79 -28.98 11.91
CA LYS D 126 44.52 -30.39 12.09
C LYS D 126 43.05 -30.63 12.37
N PRO D 127 42.50 -31.75 11.88
CA PRO D 127 41.07 -32.01 12.08
C PRO D 127 40.72 -32.19 13.55
N TYR D 128 39.47 -31.84 13.89
CA TYR D 128 39.01 -31.99 15.25
C TYR D 128 37.63 -32.61 15.41
N TYR D 129 36.86 -32.76 14.33
CA TYR D 129 35.61 -33.52 14.42
C TYR D 129 35.10 -33.85 13.02
N ARG D 130 34.48 -35.03 12.92
CA ARG D 130 33.87 -35.51 11.69
C ARG D 130 32.35 -35.55 11.83
N SER D 131 31.67 -35.45 10.68
CA SER D 131 30.22 -35.53 10.69
C SER D 131 29.74 -35.89 9.29
N GLY D 132 28.50 -36.36 9.22
CA GLY D 132 27.92 -36.73 7.94
C GLY D 132 26.45 -36.37 7.80
N TYR D 133 25.81 -36.89 6.75
CA TYR D 133 24.39 -36.68 6.55
C TYR D 133 23.59 -37.76 7.26
N VAL D 134 22.39 -37.38 7.72
CA VAL D 134 21.55 -38.25 8.53
C VAL D 134 20.16 -38.31 7.93
N PHE D 135 19.50 -39.45 8.15
CA PHE D 135 18.10 -39.65 7.80
C PHE D 135 17.25 -39.30 9.02
N LEU D 136 16.23 -38.47 8.80
CA LEU D 136 15.28 -38.08 9.83
C LEU D 136 13.92 -38.68 9.47
N THR D 137 13.35 -39.45 10.40
CA THR D 137 12.06 -40.07 10.18
C THR D 137 11.18 -39.87 11.40
N ARG D 138 9.87 -39.92 11.18
CA ARG D 138 8.89 -39.72 12.24
C ARG D 138 8.52 -41.09 12.81
N ALA D 139 8.65 -41.23 14.12
CA ALA D 139 8.57 -42.54 14.76
C ALA D 139 7.13 -43.03 14.77
N ASP D 140 6.95 -44.19 15.44
CA ASP D 140 5.67 -44.88 15.55
C ASP D 140 4.92 -44.95 14.22
N LYS D 141 5.67 -45.18 13.14
CA LYS D 141 5.08 -45.45 11.84
C LYS D 141 5.63 -46.73 11.21
N ASP D 142 6.31 -47.56 12.01
CA ASP D 142 6.97 -48.79 11.57
C ASP D 142 7.67 -48.60 10.23
N LEU D 143 8.35 -47.47 10.07
CA LEU D 143 8.99 -47.10 8.82
C LEU D 143 10.47 -46.82 9.10
N ASP D 144 11.31 -47.80 8.81
CA ASP D 144 12.75 -47.71 9.06
C ASP D 144 13.50 -47.69 7.73
N ILE D 145 14.35 -46.68 7.56
CA ILE D 145 15.10 -46.48 6.32
C ILE D 145 16.59 -46.56 6.66
N LYS D 146 17.32 -47.38 5.91
CA LYS D 146 18.74 -47.58 6.14
C LYS D 146 19.62 -47.32 4.93
N SER D 147 19.06 -47.23 3.73
CA SER D 147 19.87 -47.05 2.53
C SER D 147 19.03 -46.40 1.44
N TRP D 148 19.71 -45.90 0.42
CA TRP D 148 19.04 -45.32 -0.73
C TRP D 148 18.54 -46.37 -1.71
N SER D 149 18.89 -47.64 -1.52
CA SER D 149 18.46 -48.72 -2.38
C SER D 149 17.14 -49.35 -1.94
N ASP D 150 16.55 -48.86 -0.85
CA ASP D 150 15.29 -49.43 -0.37
C ASP D 150 14.15 -49.02 -1.31
N PRO D 151 13.37 -49.98 -1.82
CA PRO D 151 12.30 -49.62 -2.76
C PRO D 151 11.24 -48.70 -2.18
N ARG D 152 10.96 -48.81 -0.88
CA ARG D 152 9.86 -48.06 -0.27
C ARG D 152 10.08 -46.55 -0.35
N LEU D 153 11.30 -46.10 -0.65
CA LEU D 153 11.56 -44.68 -0.81
C LEU D 153 10.89 -44.11 -2.06
N LYS D 154 10.42 -44.95 -2.97
CA LYS D 154 9.79 -44.44 -4.19
C LYS D 154 8.29 -44.27 -4.07
N GLU D 155 7.68 -44.73 -2.98
CA GLU D 155 6.25 -44.54 -2.75
C GLU D 155 5.94 -43.47 -1.73
N VAL D 156 6.95 -42.76 -1.23
CA VAL D 156 6.71 -41.67 -0.28
C VAL D 156 6.19 -40.47 -1.05
N SER D 157 5.29 -39.71 -0.43
CA SER D 157 4.68 -38.58 -1.11
C SER D 157 5.70 -37.49 -1.39
N HIS D 158 6.55 -37.16 -0.41
CA HIS D 158 7.48 -36.06 -0.57
C HIS D 158 8.73 -36.32 0.27
N MET D 159 9.81 -35.63 -0.10
CA MET D 159 11.06 -35.66 0.64
C MET D 159 11.61 -34.25 0.70
N VAL D 160 12.39 -33.97 1.74
CA VAL D 160 12.98 -32.64 1.95
C VAL D 160 14.50 -32.77 1.93
N VAL D 161 15.13 -32.07 0.98
CA VAL D 161 16.58 -32.10 0.78
C VAL D 161 17.01 -30.72 0.32
N GLY D 162 18.16 -30.25 0.81
CA GLY D 162 18.64 -28.92 0.47
C GLY D 162 19.17 -28.82 -0.95
N PHE D 163 19.40 -27.57 -1.37
CA PHE D 163 19.89 -27.29 -2.71
C PHE D 163 21.41 -27.39 -2.77
N GLY D 164 21.91 -27.82 -3.92
CA GLY D 164 23.35 -28.00 -4.09
C GLY D 164 23.93 -29.04 -3.16
N THR D 165 23.21 -30.14 -2.95
CA THR D 165 23.55 -31.16 -1.98
C THR D 165 23.57 -32.52 -2.67
N PRO D 166 24.42 -33.44 -2.22
CA PRO D 166 24.38 -34.81 -2.77
C PRO D 166 23.02 -35.47 -2.66
N GLY D 167 22.18 -35.06 -1.71
CA GLY D 167 20.83 -35.59 -1.65
C GLY D 167 20.03 -35.30 -2.90
N GLU D 168 20.20 -34.10 -3.47
CA GLU D 168 19.53 -33.79 -4.72
C GLU D 168 20.01 -34.69 -5.85
N ALA D 169 21.31 -34.97 -5.91
CA ALA D 169 21.84 -35.90 -6.90
C ALA D 169 21.25 -37.29 -6.70
N MET D 170 21.08 -37.71 -5.45
CA MET D 170 20.47 -39.01 -5.19
C MET D 170 19.01 -39.04 -5.64
N LEU D 171 18.28 -37.95 -5.40
CA LEU D 171 16.90 -37.88 -5.89
C LEU D 171 16.84 -37.97 -7.40
N LYS D 172 17.76 -37.29 -8.09
CA LYS D 172 17.79 -37.41 -9.55
C LYS D 172 18.17 -38.81 -9.99
N ASP D 173 19.04 -39.49 -9.23
CA ASP D 173 19.46 -40.84 -9.60
C ASP D 173 18.30 -41.81 -9.46
N ILE D 174 17.61 -41.80 -8.31
CA ILE D 174 16.54 -42.76 -8.09
C ILE D 174 15.37 -42.50 -9.03
N GLY D 175 15.16 -41.26 -9.44
CA GLY D 175 14.14 -40.95 -10.42
C GLY D 175 12.87 -40.34 -9.85
N ARG D 176 13.02 -39.38 -8.95
CA ARG D 176 11.86 -38.74 -8.34
C ARG D 176 12.01 -37.23 -8.20
N TYR D 177 12.96 -36.63 -8.93
CA TYR D 177 13.18 -35.19 -8.78
C TYR D 177 12.00 -34.39 -9.35
N GLU D 178 11.41 -34.86 -10.45
CA GLU D 178 10.32 -34.14 -11.08
C GLU D 178 9.04 -34.17 -10.24
N GLU D 179 8.95 -35.05 -9.26
CA GLU D 179 7.79 -35.11 -8.39
C GLU D 179 7.96 -34.30 -7.10
N ASP D 180 9.06 -33.56 -6.96
CA ASP D 180 9.31 -32.80 -5.75
C ASP D 180 9.86 -31.40 -6.00
N MET D 181 9.98 -30.97 -7.26
CA MET D 181 10.56 -29.67 -7.56
C MET D 181 9.69 -28.53 -7.02
N ALA D 182 8.39 -28.59 -7.29
CA ALA D 182 7.49 -27.53 -6.82
C ALA D 182 7.44 -27.49 -5.30
N TYR D 183 7.41 -28.65 -4.64
CA TYR D 183 7.41 -28.68 -3.19
C TYR D 183 8.67 -28.06 -2.61
N LEU D 184 9.84 -28.39 -3.19
CA LEU D 184 11.09 -27.83 -2.69
C LEU D 184 11.13 -26.31 -2.90
N TYR D 185 10.66 -25.83 -4.04
CA TYR D 185 10.59 -24.38 -4.22
C TYR D 185 9.53 -23.74 -3.33
N SER D 186 8.58 -24.52 -2.81
CA SER D 186 7.57 -23.98 -1.90
C SER D 186 8.00 -24.02 -0.45
N LEU D 187 9.02 -24.82 -0.10
CA LEU D 187 9.49 -24.83 1.28
C LEU D 187 9.92 -23.45 1.72
N VAL D 188 10.67 -22.75 0.89
CA VAL D 188 10.90 -21.34 1.03
C VAL D 188 9.96 -20.63 0.06
N ASN D 189 9.84 -19.32 0.19
CA ASN D 189 9.08 -18.55 -0.79
C ASN D 189 9.70 -18.73 -2.17
N PHE D 190 8.88 -18.57 -3.21
CA PHE D 190 9.33 -18.93 -4.54
C PHE D 190 10.33 -17.92 -5.08
N ARG D 191 11.41 -17.70 -4.33
CA ARG D 191 12.47 -16.76 -4.70
C ARG D 191 13.79 -17.52 -4.71
N ALA D 192 14.51 -17.45 -5.82
CA ALA D 192 15.81 -18.10 -5.95
C ALA D 192 16.59 -17.47 -7.09
N PRO D 193 17.13 -16.26 -6.90
CA PRO D 193 17.88 -15.61 -7.99
C PRO D 193 19.16 -16.35 -8.33
N ARG D 194 19.57 -16.23 -9.59
CA ARG D 194 20.75 -16.92 -10.07
C ARG D 194 22.06 -16.26 -9.63
N ASN D 195 22.00 -15.05 -9.06
CA ASN D 195 23.19 -14.36 -8.59
C ASN D 195 23.26 -14.28 -7.08
N GLN D 196 22.34 -14.90 -6.37
CA GLN D 196 22.30 -14.82 -4.91
C GLN D 196 22.04 -16.22 -4.35
N TYR D 197 22.62 -16.48 -3.17
CA TYR D 197 22.60 -17.81 -2.56
C TYR D 197 21.36 -17.96 -1.69
N THR D 198 20.63 -19.06 -1.89
CA THR D 198 19.44 -19.38 -1.11
C THR D 198 19.54 -20.81 -0.60
N GLN D 199 18.92 -21.04 0.56
CA GLN D 199 18.93 -22.37 1.17
C GLN D 199 17.78 -22.46 2.17
N ILE D 200 17.26 -23.68 2.33
CA ILE D 200 16.17 -23.93 3.26
C ILE D 200 16.75 -24.09 4.66
N ASP D 201 16.21 -23.32 5.61
CA ASP D 201 16.71 -23.38 6.97
C ASP D 201 16.27 -24.67 7.65
N PRO D 202 17.03 -25.15 8.64
CA PRO D 202 16.68 -26.43 9.27
C PRO D 202 15.35 -26.42 10.01
N ALA D 203 14.90 -25.24 10.47
CA ALA D 203 13.65 -25.17 11.22
C ALA D 203 12.47 -25.62 10.37
N ARG D 204 12.40 -25.14 9.12
CA ARG D 204 11.32 -25.56 8.23
C ARG D 204 11.38 -27.06 7.98
N MET D 205 12.58 -27.59 7.77
CA MET D 205 12.74 -29.01 7.51
C MET D 205 12.21 -29.85 8.67
N VAL D 206 12.65 -29.55 9.88
CA VAL D 206 12.23 -30.36 11.02
C VAL D 206 10.74 -30.17 11.28
N SER D 207 10.22 -28.95 11.08
CA SER D 207 8.80 -28.71 11.31
C SER D 207 7.94 -29.50 10.34
N GLU D 208 8.31 -29.49 9.05
CA GLU D 208 7.51 -30.23 8.08
C GLU D 208 7.66 -31.74 8.26
N VAL D 209 8.82 -32.21 8.72
CA VAL D 209 8.94 -33.62 9.06
C VAL D 209 8.01 -33.97 10.21
N ALA D 210 7.98 -33.11 11.24
CA ALA D 210 7.17 -33.41 12.42
C ALA D 210 5.68 -33.38 12.11
N THR D 211 5.23 -32.41 11.31
CA THR D 211 3.80 -32.28 11.01
C THR D 211 3.28 -33.39 10.11
N GLY D 212 4.15 -34.23 9.56
CA GLY D 212 3.71 -35.33 8.74
C GLY D 212 3.53 -35.04 7.27
N LYS D 213 3.84 -33.82 6.83
CA LYS D 213 3.74 -33.50 5.40
C LYS D 213 4.76 -34.29 4.59
N ALA D 214 5.97 -34.45 5.10
CA ALA D 214 7.04 -35.18 4.43
C ALA D 214 7.34 -36.45 5.21
N GLU D 215 7.48 -37.57 4.49
CA GLU D 215 7.67 -38.86 5.15
C GLU D 215 9.07 -38.97 5.75
N VAL D 216 10.11 -38.59 5.00
CA VAL D 216 11.48 -38.73 5.45
C VAL D 216 12.29 -37.53 4.96
N GLY D 217 13.34 -37.19 5.71
CA GLY D 217 14.22 -36.11 5.34
C GLY D 217 15.67 -36.53 5.42
N VAL D 218 16.51 -35.80 4.68
CA VAL D 218 17.95 -36.00 4.67
C VAL D 218 18.60 -34.67 5.02
N ALA D 219 19.39 -34.66 6.09
CA ALA D 219 19.91 -33.41 6.62
C ALA D 219 21.37 -33.58 6.99
N PHE D 220 21.99 -32.48 7.43
CA PHE D 220 23.35 -32.48 7.94
C PHE D 220 23.32 -32.62 9.46
N GLY D 221 24.31 -33.32 10.00
CA GLY D 221 24.33 -33.65 11.40
C GLY D 221 24.31 -32.46 12.34
N PRO D 222 25.38 -31.65 12.33
CA PRO D 222 25.45 -30.54 13.29
C PRO D 222 24.36 -29.50 13.13
N ASP D 223 23.70 -29.42 11.98
CA ASP D 223 22.76 -28.33 11.74
C ASP D 223 21.42 -28.53 12.45
N VAL D 224 20.99 -29.77 12.66
CA VAL D 224 19.61 -30.02 13.08
C VAL D 224 19.53 -30.65 14.47
N ALA D 225 20.60 -30.56 15.26
CA ALA D 225 20.63 -31.24 16.56
C ALA D 225 19.64 -30.62 17.55
N ARG D 226 19.69 -29.29 17.69
CA ARG D 226 18.87 -28.62 18.70
C ARG D 226 17.39 -28.85 18.47
N TYR D 227 16.95 -28.74 17.21
CA TYR D 227 15.52 -28.79 16.92
C TYR D 227 14.95 -30.18 17.16
N VAL D 228 15.67 -31.22 16.72
CA VAL D 228 15.20 -32.58 16.97
C VAL D 228 15.27 -32.91 18.45
N ARG D 229 16.30 -32.40 19.15
CA ARG D 229 16.42 -32.66 20.58
C ARG D 229 15.26 -32.04 21.35
N ASP D 230 14.87 -30.82 20.98
CA ASP D 230 13.82 -30.09 21.68
C ASP D 230 12.44 -30.30 21.08
N SER D 231 12.32 -31.15 20.06
CA SER D 231 11.02 -31.37 19.43
C SER D 231 10.07 -32.10 20.37
N SER D 232 8.82 -31.64 20.41
CA SER D 232 7.83 -32.30 21.25
C SER D 232 7.47 -33.68 20.70
N THR D 233 7.26 -33.79 19.40
CA THR D 233 6.97 -35.07 18.78
C THR D 233 8.26 -35.87 18.65
N LYS D 234 8.23 -37.12 19.14
CA LYS D 234 9.41 -37.96 19.10
C LYS D 234 9.78 -38.32 17.67
N LEU D 235 11.07 -38.25 17.36
CA LEU D 235 11.62 -38.43 16.03
C LEU D 235 12.68 -39.53 16.07
N ARG D 236 13.28 -39.81 14.91
CA ARG D 236 14.35 -40.79 14.85
C ARG D 236 15.41 -40.32 13.85
N MET D 237 16.67 -40.33 14.30
CA MET D 237 17.82 -39.96 13.48
C MET D 237 18.68 -41.19 13.25
N THR D 238 19.09 -41.40 12.00
CA THR D 238 19.91 -42.56 11.66
C THR D 238 21.06 -42.16 10.74
N PRO D 239 22.29 -42.56 11.04
CA PRO D 239 23.41 -42.25 10.14
C PRO D 239 23.22 -42.89 8.77
N VAL D 240 23.66 -42.18 7.73
CA VAL D 240 23.61 -42.67 6.36
C VAL D 240 24.91 -43.43 6.09
N PRO D 241 24.84 -44.64 5.51
CA PRO D 241 26.08 -45.37 5.21
C PRO D 241 27.00 -44.57 4.31
N ASP D 242 28.30 -44.58 4.64
CA ASP D 242 29.28 -43.81 3.90
C ASP D 242 29.61 -44.41 2.55
N ASP D 243 29.25 -45.67 2.31
CA ASP D 243 29.51 -46.34 1.04
C ASP D 243 28.27 -46.19 0.17
N THR D 244 28.21 -45.10 -0.59
CA THR D 244 27.10 -44.84 -1.50
C THR D 244 27.57 -45.08 -2.93
N GLN D 245 26.81 -45.88 -3.67
CA GLN D 245 27.14 -46.24 -5.04
C GLN D 245 26.25 -45.46 -6.01
N ALA D 246 26.88 -44.78 -6.95
CA ALA D 246 26.16 -44.07 -8.00
C ALA D 246 25.97 -44.96 -9.21
N SER D 247 24.89 -44.73 -9.95
CA SER D 247 24.61 -45.52 -11.14
C SER D 247 25.70 -45.34 -12.19
N ASP D 248 26.14 -44.09 -12.40
CA ASP D 248 27.20 -43.84 -13.38
C ASP D 248 28.53 -44.41 -12.90
N GLY D 249 28.80 -44.34 -11.60
CA GLY D 249 30.04 -44.84 -11.03
C GLY D 249 30.84 -43.80 -10.28
N ARG D 250 30.37 -42.56 -10.16
CA ARG D 250 31.09 -41.53 -9.42
C ARG D 250 31.12 -41.87 -7.94
N LYS D 251 32.26 -41.62 -7.31
CA LYS D 251 32.46 -41.88 -5.89
C LYS D 251 32.52 -40.56 -5.15
N MET D 252 31.44 -40.23 -4.44
CA MET D 252 31.39 -39.05 -3.60
C MET D 252 30.94 -39.51 -2.20
N PRO D 253 31.71 -39.20 -1.16
CA PRO D 253 31.41 -39.74 0.17
C PRO D 253 30.21 -39.07 0.81
N GLN D 254 29.90 -39.48 2.05
CA GLN D 254 28.82 -38.90 2.82
C GLN D 254 29.28 -38.35 4.17
N SER D 255 30.52 -38.62 4.58
CA SER D 255 31.05 -38.15 5.85
C SER D 255 32.33 -37.38 5.62
N PHE D 256 32.51 -36.28 6.35
CA PHE D 256 33.60 -35.36 6.13
C PHE D 256 34.23 -34.95 7.45
N ASP D 257 35.52 -34.66 7.39
CA ASP D 257 36.24 -34.02 8.48
C ASP D 257 35.97 -32.51 8.46
N GLN D 258 36.23 -31.86 9.60
CA GLN D 258 36.11 -30.42 9.66
C GLN D 258 37.22 -29.85 10.52
N ALA D 259 37.77 -28.71 10.09
CA ALA D 259 38.83 -28.03 10.81
C ALA D 259 38.83 -26.57 10.43
N MET D 260 39.45 -25.75 11.27
CA MET D 260 39.57 -24.32 11.02
C MET D 260 40.88 -24.03 10.30
N GLY D 261 40.90 -22.90 9.59
CA GLY D 261 42.03 -22.57 8.74
C GLY D 261 42.43 -21.12 8.86
N VAL D 262 43.64 -20.85 8.35
CA VAL D 262 44.23 -19.51 8.32
C VAL D 262 44.70 -19.23 6.90
N ARG D 263 45.33 -18.07 6.72
CA ARG D 263 45.78 -17.67 5.40
C ARG D 263 46.99 -18.51 4.96
N LYS D 264 47.33 -18.36 3.67
CA LYS D 264 48.40 -19.17 3.10
C LYS D 264 49.77 -18.77 3.64
N ASP D 265 50.05 -17.47 3.67
CA ASP D 265 51.38 -17.01 4.07
C ASP D 265 51.67 -17.32 5.54
N ASP D 266 50.68 -17.12 6.41
CA ASP D 266 50.90 -17.31 7.84
C ASP D 266 51.13 -18.78 8.16
N THR D 267 52.11 -19.03 9.03
CA THR D 267 52.42 -20.39 9.45
C THR D 267 52.48 -20.51 10.95
N ALA D 268 52.88 -19.44 11.64
CA ALA D 268 52.91 -19.45 13.10
C ALA D 268 51.51 -19.49 13.69
N LEU D 269 50.55 -18.84 13.02
CA LEU D 269 49.18 -18.88 13.49
C LEU D 269 48.64 -20.31 13.50
N LYS D 270 49.01 -21.11 12.50
CA LYS D 270 48.59 -22.50 12.49
C LYS D 270 49.14 -23.27 13.70
N ALA D 271 50.40 -23.03 14.05
CA ALA D 271 50.98 -23.68 15.21
C ALA D 271 50.27 -23.25 16.49
N GLU D 272 50.01 -21.96 16.65
CA GLU D 272 49.27 -21.50 17.82
C GLU D 272 47.90 -22.14 17.88
N ILE D 273 47.19 -22.17 16.75
CA ILE D 273 45.82 -22.68 16.72
C ILE D 273 45.78 -24.15 17.06
N ASP D 274 46.65 -24.96 16.44
CA ASP D 274 46.55 -26.39 16.70
C ASP D 274 47.12 -26.76 18.06
N ALA D 275 48.07 -26.00 18.60
CA ALA D 275 48.46 -26.20 19.99
C ALA D 275 47.30 -25.92 20.93
N ALA D 276 46.57 -24.83 20.69
CA ALA D 276 45.41 -24.53 21.52
C ALA D 276 44.34 -25.61 21.38
N LEU D 277 44.12 -26.11 20.15
CA LEU D 277 43.15 -27.16 19.92
C LEU D 277 43.54 -28.43 20.66
N GLU D 278 44.83 -28.76 20.66
CA GLU D 278 45.30 -29.90 21.45
C GLU D 278 45.04 -29.67 22.93
N LYS D 279 45.23 -28.44 23.40
CA LYS D 279 45.00 -28.15 24.81
C LYS D 279 43.54 -28.31 25.19
N ALA D 280 42.62 -27.88 24.32
CA ALA D 280 41.20 -27.79 24.65
C ALA D 280 40.38 -28.95 24.12
N LYS D 281 40.95 -30.16 24.09
CA LYS D 281 40.19 -31.33 23.65
C LYS D 281 39.00 -31.65 24.54
N PRO D 282 39.14 -31.77 25.87
CA PRO D 282 38.00 -32.31 26.64
C PRO D 282 36.83 -31.35 26.75
N LYS D 283 37.10 -30.05 26.88
CA LYS D 283 36.00 -29.07 26.93
C LYS D 283 35.22 -29.08 25.62
N ILE D 284 35.93 -29.14 24.49
CA ILE D 284 35.26 -29.19 23.20
C ILE D 284 34.41 -30.45 23.07
N GLU D 285 34.97 -31.59 23.47
CA GLU D 285 34.21 -32.84 23.40
C GLU D 285 32.98 -32.80 24.28
N ALA D 286 33.11 -32.24 25.49
CA ALA D 286 31.97 -32.14 26.39
C ALA D 286 30.89 -31.24 25.80
N ILE D 287 31.29 -30.10 25.22
CA ILE D 287 30.29 -29.21 24.61
C ILE D 287 29.59 -29.92 23.46
N LEU D 288 30.36 -30.61 22.62
CA LEU D 288 29.77 -31.30 21.48
C LEU D 288 28.77 -32.36 21.94
N LYS D 289 29.13 -33.12 22.98
CA LYS D 289 28.18 -34.07 23.54
C LYS D 289 26.97 -33.37 24.15
N GLU D 290 27.15 -32.15 24.65
CA GLU D 290 26.02 -31.40 25.19
C GLU D 290 25.02 -31.05 24.10
N GLU D 291 25.50 -30.65 22.92
CA GLU D 291 24.56 -30.41 21.82
C GLU D 291 23.98 -31.71 21.28
N GLY D 292 24.61 -32.85 21.55
CA GLY D 292 24.04 -34.12 21.15
C GLY D 292 24.16 -34.45 19.67
N VAL D 293 25.08 -33.81 18.96
CA VAL D 293 25.26 -34.08 17.54
C VAL D 293 25.86 -35.47 17.36
N PRO D 294 25.57 -36.17 16.27
CA PRO D 294 26.28 -37.42 16.00
C PRO D 294 27.72 -37.16 15.61
N VAL D 295 28.63 -37.94 16.19
CA VAL D 295 30.06 -37.80 15.96
C VAL D 295 30.63 -39.15 15.54
N LEU D 296 31.52 -39.14 14.54
CA LEU D 296 32.19 -40.33 14.07
C LEU D 296 33.67 -40.28 14.42
N PRO D 297 34.29 -41.42 14.70
CA PRO D 297 35.72 -41.42 15.05
C PRO D 297 36.59 -41.02 13.87
N VAL D 298 37.74 -40.42 14.20
CA VAL D 298 38.68 -39.99 13.18
C VAL D 298 39.49 -41.19 12.71
N SER D 299 39.52 -41.41 11.40
CA SER D 299 40.26 -42.51 10.81
C SER D 299 41.73 -42.16 10.65
N1 PQQ E . 6.86 -9.97 -18.20
C2 PQQ E . 7.42 -8.78 -18.58
C2X PQQ E . 6.79 -7.46 -18.36
O2A PQQ E . 5.68 -7.44 -17.78
O2B PQQ E . 7.39 -6.44 -18.78
C3 PQQ E . 8.66 -9.05 -19.17
C3A PQQ E . 8.84 -10.42 -19.16
C1A PQQ E . 7.71 -11.00 -18.54
C4 PQQ E . 9.93 -11.25 -19.63
O4 PQQ E . 10.87 -10.85 -20.29
C5 PQQ E . 9.86 -12.76 -19.28
O5 PQQ E . 10.84 -13.46 -19.48
C6A PQQ E . 8.59 -13.31 -18.70
N6 PQQ E . 8.51 -14.64 -18.56
C7 PQQ E . 7.40 -15.16 -18.06
C7X PQQ E . 7.34 -16.67 -17.91
O7A PQQ E . 6.31 -17.16 -17.42
O7B PQQ E . 8.35 -17.31 -18.30
C8 PQQ E . 6.30 -14.39 -17.68
C9 PQQ E . 6.37 -13.01 -17.82
C9X PQQ E . 5.14 -12.24 -17.38
O9A PQQ E . 5.11 -11.00 -17.43
O9B PQQ E . 4.18 -12.93 -16.95
C9A PQQ E . 7.55 -12.43 -18.34
N1 PQQ F . -8.66 17.02 10.28
C2 PQQ F . -9.63 17.01 9.30
C2X PQQ F . -9.30 16.92 7.85
O2A PQQ F . -10.27 16.94 7.05
O2B PQQ F . -8.11 16.82 7.53
C3 PQQ F . -10.88 17.12 9.91
C3A PQQ F . -10.66 17.18 11.27
C1A PQQ F . -9.27 17.11 11.50
C4 PQQ F . -11.61 17.30 12.38
O4 PQQ F . -12.81 17.35 12.27
C5 PQQ F . -10.99 17.38 13.81
O5 PQQ F . -11.75 17.48 14.78
C6A PQQ F . -9.51 17.31 13.96
N6 PQQ F . -9.02 17.37 15.21
C7 PQQ F . -7.70 17.31 15.39
C7X PQQ F . -7.20 17.38 16.82
O7A PQQ F . -8.05 17.56 17.71
O7B PQQ F . -5.96 17.28 16.99
C8 PQQ F . -6.80 17.18 14.34
C9 PQQ F . -7.28 17.11 13.04
C9X PQQ F . -6.25 16.98 11.95
O9A PQQ F . -5.08 17.34 12.21
O9B PQQ F . -6.57 16.50 10.83
C9A PQQ F . -8.67 17.17 12.82
#